data_6ZTS
#
_entry.id   6ZTS
#
_cell.length_a   1.00
_cell.length_b   1.00
_cell.length_c   1.00
_cell.angle_alpha   90.00
_cell.angle_beta   90.00
_cell.angle_gamma   90.00
#
_symmetry.space_group_name_H-M   'P 1'
#
_entity_poly.entity_id   1
_entity_poly.type   'polypeptide(L)'
_entity_poly.pdbx_seq_one_letter_code
;VSRIVVHTRWASNVDFDRDSSVIMAPPTENNIHLFKQLLNTETLSVRGANPLMFRANVLHMLLEFVLDNLYLNRHTGFSQ
DHTPFTEGANLRSLPGPDAEKWYSIMYPTRMGTPNVSKICNFVASCVRNRVGRFDRAQMMNGAMSEWVDVFETSDALTVS
IRGRWMARLARMNINPTEIEWALTECAQGYVTVTSPYAPSVNRLMPYRISNAERQISQIIRIMNIGNNATVIQPVLQDIS
VLLQRISPLQIDPTIISNTMSTVSESTTQTLSPASSILGKLRPSNSDFSSFRVALAGWLYNGVVTTVIDDSSYPKDGGSV
TSLENLWDFFILALALPMTTDPCAPVKAFMTLANMMVGFETIPMDNQIYTQSRRASAFSTPHTWPRCFMNIQLISPIDAP
ILRQWAEIIHRYWPNPSQIRYGAPNVFGSANLFTPPEVLLLPIDHQPANVTTPTLDFTNELTNWRARVCELMKNLVDNQR
YQPGWTQSLVSSMRGTLDKLKLIKSMTPMYLQQLAPVELAVIAPMLPFPPFQVPYVRLDRDRVPTMVGVTRQSRDAITQP
ALSLSTTNTTVGVPLALDARAITVALLSGKYPPDLVTNVWYADAIYPMYADTEVFSNLQRDMITCEAVQTLVTLVAQISD
TQYPVDRYLDWIPSLRASAATAATFAEWVNTSLKTAFDLSDMLLEPLLSGDPRMTQLAIQYQQYNGRTFDVIPEMPGSVI
ADCVQLTAEVFNHEYNLFGIARGDIIIGRVQSTHLWSPLAPPPDLVFDRDTPGVHIFGRDCRISFGMNGAAPMIRDETGM
MVPFEGNWIFPLALWQMNTRYFNQQFDAWIKTGELRIRIEMGAYPYMLHYYDPRQYANAWNLASAWLEEITPTSIPSVPF
MVPISSDHDISSAPAVQYIISTEYNDRSLFCTNSSSPQTIAGPDKHIPVERYNILTNPDAPPTQIQLPEVIDLYNVVTRY
AYETPPITAVVMGVP
;
_entity_poly.pdbx_strand_id   A,B
#
# COMPACT_ATOMS: atom_id res chain seq x y z
N SER A 2 30.17 -32.46 -18.10
CA SER A 2 31.48 -33.06 -17.97
C SER A 2 31.88 -33.19 -16.50
N ARG A 3 33.17 -33.36 -16.23
CA ARG A 3 33.61 -33.84 -14.92
C ARG A 3 33.01 -33.02 -13.78
N ILE A 4 32.30 -33.69 -12.86
CA ILE A 4 32.04 -35.12 -12.90
C ILE A 4 31.04 -35.42 -13.98
N VAL A 5 31.46 -36.19 -14.99
CA VAL A 5 30.78 -36.17 -16.27
C VAL A 5 29.44 -36.85 -16.13
N VAL A 6 28.40 -36.06 -15.98
CA VAL A 6 27.05 -36.59 -16.02
C VAL A 6 26.37 -35.92 -17.18
N HIS A 7 26.91 -34.76 -17.57
CA HIS A 7 26.35 -33.96 -18.64
C HIS A 7 26.43 -34.67 -19.99
N THR A 8 25.54 -34.30 -20.90
CA THR A 8 25.37 -35.00 -22.16
C THR A 8 26.45 -34.64 -23.16
N ARG A 9 26.18 -34.98 -24.43
CA ARG A 9 27.17 -34.97 -25.49
C ARG A 9 28.39 -35.76 -25.04
N TRP A 10 28.20 -37.08 -24.88
CA TRP A 10 29.30 -37.92 -24.43
C TRP A 10 29.78 -38.87 -25.51
N ALA A 11 28.93 -39.78 -25.98
CA ALA A 11 29.33 -40.69 -27.03
C ALA A 11 28.19 -40.97 -28.00
N SER A 12 27.07 -40.31 -27.79
CA SER A 12 25.85 -40.78 -28.41
C SER A 12 25.67 -40.21 -29.81
N ASN A 13 24.66 -40.73 -30.49
CA ASN A 13 24.23 -40.29 -31.81
C ASN A 13 23.47 -38.98 -31.62
N VAL A 14 24.21 -37.88 -31.56
CA VAL A 14 23.61 -36.56 -31.44
C VAL A 14 22.86 -36.26 -32.73
N ASP A 15 21.71 -35.62 -32.58
CA ASP A 15 20.91 -35.26 -33.74
C ASP A 15 20.61 -33.76 -33.85
N PHE A 16 20.21 -33.08 -32.77
CA PHE A 16 20.02 -31.63 -32.82
C PHE A 16 19.69 -31.12 -31.42
N ASP A 17 20.00 -29.86 -31.14
CA ASP A 17 19.77 -29.29 -29.83
C ASP A 17 18.82 -28.11 -29.89
N ARG A 18 18.15 -27.86 -28.77
CA ARG A 18 17.37 -26.64 -28.57
C ARG A 18 17.92 -25.77 -27.47
N ASP A 19 19.20 -25.92 -27.13
CA ASP A 19 19.81 -25.33 -25.94
C ASP A 19 19.07 -25.75 -24.68
N SER A 20 19.22 -27.00 -24.29
CA SER A 20 18.85 -27.45 -22.95
C SER A 20 20.07 -27.46 -22.04
N SER A 21 20.93 -26.45 -22.13
CA SER A 21 22.28 -26.50 -21.60
C SER A 21 22.27 -26.72 -20.09
N VAL A 22 22.43 -27.97 -19.67
CA VAL A 22 22.64 -28.31 -18.27
C VAL A 22 24.00 -28.97 -18.15
N ILE A 23 24.87 -28.37 -17.35
CA ILE A 23 26.25 -28.81 -17.28
C ILE A 23 26.74 -28.59 -15.87
N MET A 24 28.00 -28.92 -15.67
CA MET A 24 28.70 -28.74 -14.40
C MET A 24 29.67 -27.55 -14.48
N ALA A 25 30.46 -27.38 -13.43
CA ALA A 25 31.47 -26.34 -13.32
C ALA A 25 32.79 -26.98 -12.88
N PRO A 26 33.93 -26.33 -13.09
CA PRO A 26 35.23 -26.99 -12.84
C PRO A 26 35.43 -27.37 -11.39
N PRO A 27 35.73 -28.64 -11.11
CA PRO A 27 35.73 -29.14 -9.72
C PRO A 27 36.98 -28.81 -8.93
N THR A 28 38.15 -28.71 -9.55
CA THR A 28 39.36 -28.36 -8.83
C THR A 28 39.27 -26.98 -8.18
N GLU A 29 38.18 -26.27 -8.41
CA GLU A 29 37.89 -24.98 -7.81
C GLU A 29 36.37 -24.91 -7.63
N ASN A 30 35.85 -23.69 -7.43
CA ASN A 30 34.43 -23.48 -7.17
C ASN A 30 33.55 -24.08 -8.28
N ASN A 31 32.25 -24.20 -7.99
CA ASN A 31 31.33 -25.02 -8.79
C ASN A 31 29.88 -24.58 -8.62
N ILE A 32 29.28 -24.03 -9.66
CA ILE A 32 27.87 -23.61 -9.60
C ILE A 32 27.06 -24.18 -10.76
N HIS A 33 27.75 -24.38 -11.88
CA HIS A 33 27.29 -25.08 -13.09
C HIS A 33 26.24 -24.25 -13.82
N LEU A 34 25.51 -23.36 -13.16
CA LEU A 34 24.58 -22.50 -13.88
C LEU A 34 24.23 -21.17 -13.19
N PHE A 35 24.22 -21.13 -11.86
CA PHE A 35 23.29 -20.22 -11.19
C PHE A 35 23.79 -18.80 -11.08
N LYS A 36 24.92 -18.48 -11.66
CA LYS A 36 25.21 -17.10 -12.02
C LYS A 36 24.59 -16.76 -13.35
N GLN A 37 23.83 -17.70 -13.93
CA GLN A 37 23.11 -17.49 -15.17
C GLN A 37 21.64 -17.92 -15.13
N LEU A 38 21.17 -18.66 -14.11
CA LEU A 38 19.76 -19.07 -14.10
C LEU A 38 18.87 -18.10 -13.34
N LEU A 39 19.09 -17.98 -12.03
CA LEU A 39 18.27 -17.11 -11.20
C LEU A 39 19.14 -16.52 -10.11
N ASN A 40 19.20 -15.19 -10.08
CA ASN A 40 19.95 -14.41 -9.10
C ASN A 40 19.04 -13.31 -8.55
N THR A 41 17.84 -13.71 -8.09
CA THR A 41 16.80 -12.76 -7.69
C THR A 41 17.21 -11.86 -6.53
N GLU A 42 17.89 -12.39 -5.50
CA GLU A 42 18.36 -11.57 -4.38
C GLU A 42 19.87 -11.72 -4.17
N THR A 43 20.56 -12.26 -5.18
CA THR A 43 22.02 -12.38 -5.23
C THR A 43 22.50 -11.91 -6.60
N LEU A 44 23.78 -11.53 -6.71
CA LEU A 44 24.32 -10.98 -7.96
C LEU A 44 25.84 -11.22 -8.06
N SER A 45 26.24 -12.18 -8.90
CA SER A 45 27.66 -12.38 -9.19
C SER A 45 27.84 -13.36 -10.33
N VAL A 46 29.09 -13.53 -10.74
CA VAL A 46 29.52 -14.68 -11.51
C VAL A 46 29.68 -15.83 -10.53
N ARG A 47 29.29 -15.57 -9.27
CA ARG A 47 29.45 -16.53 -8.19
C ARG A 47 28.31 -16.53 -7.16
N GLY A 48 27.04 -16.31 -7.56
CA GLY A 48 25.96 -16.16 -6.59
C GLY A 48 24.61 -16.81 -6.90
N ALA A 49 23.76 -16.87 -5.87
CA ALA A 49 22.39 -17.38 -5.96
C ALA A 49 21.59 -17.02 -4.71
N ASN A 50 20.25 -17.06 -4.81
CA ASN A 50 19.35 -16.62 -3.74
C ASN A 50 18.51 -17.78 -3.22
N PRO A 51 18.41 -17.95 -1.89
CA PRO A 51 17.44 -18.92 -1.36
C PRO A 51 16.02 -18.40 -1.14
N LEU A 52 15.71 -17.17 -1.57
CA LEU A 52 14.32 -16.73 -1.52
C LEU A 52 13.62 -16.97 -2.84
N MET A 53 14.36 -17.38 -3.87
CA MET A 53 13.77 -18.21 -4.90
C MET A 53 14.67 -19.38 -5.17
N PHE A 54 14.48 -20.46 -4.45
CA PHE A 54 15.49 -21.49 -4.45
C PHE A 54 14.81 -22.82 -4.75
N ARG A 55 13.50 -22.76 -4.92
CA ARG A 55 12.80 -23.94 -5.39
C ARG A 55 12.47 -23.87 -6.86
N ALA A 56 12.26 -22.68 -7.41
CA ALA A 56 11.97 -22.56 -8.82
C ALA A 56 13.17 -23.01 -9.62
N ASN A 57 14.23 -22.23 -9.52
CA ASN A 57 15.52 -22.47 -10.13
C ASN A 57 15.91 -23.92 -10.19
N VAL A 58 15.86 -24.61 -9.05
CA VAL A 58 16.31 -25.99 -9.02
C VAL A 58 15.43 -26.84 -9.92
N LEU A 59 14.12 -26.76 -9.72
CA LEU A 59 13.22 -27.51 -10.57
C LEU A 59 13.51 -27.22 -12.01
N HIS A 60 13.36 -25.95 -12.40
CA HIS A 60 13.71 -25.49 -13.73
C HIS A 60 14.97 -26.18 -14.26
N MET A 61 16.03 -26.17 -13.47
CA MET A 61 17.27 -26.83 -13.83
C MET A 61 17.04 -28.31 -14.12
N LEU A 62 16.21 -28.94 -13.30
CA LEU A 62 15.95 -30.36 -13.48
C LEU A 62 15.17 -30.60 -14.75
N LEU A 63 14.18 -29.75 -15.01
CA LEU A 63 13.25 -29.95 -16.10
C LEU A 63 13.95 -29.81 -17.44
N GLU A 64 14.72 -28.74 -17.62
CA GLU A 64 15.53 -28.61 -18.83
C GLU A 64 16.43 -29.80 -19.06
N PHE A 65 17.12 -30.24 -18.01
CA PHE A 65 17.86 -31.49 -18.06
C PHE A 65 17.04 -32.59 -18.68
N VAL A 66 15.85 -32.81 -18.13
CA VAL A 66 14.92 -33.79 -18.69
C VAL A 66 14.76 -33.56 -20.18
N LEU A 67 14.52 -32.31 -20.55
CA LEU A 67 14.24 -31.98 -21.94
C LEU A 67 15.38 -32.41 -22.83
N ASP A 68 16.59 -32.37 -22.31
CA ASP A 68 17.79 -32.46 -23.15
C ASP A 68 17.95 -33.79 -23.86
N ASN A 69 17.01 -34.71 -23.70
CA ASN A 69 17.34 -36.10 -23.89
C ASN A 69 16.34 -36.89 -24.71
N LEU A 70 15.78 -36.33 -25.78
CA LEU A 70 14.80 -37.02 -26.59
C LEU A 70 15.37 -37.47 -27.92
N TYR A 71 16.68 -37.71 -27.97
CA TYR A 71 17.36 -37.79 -29.24
C TYR A 71 17.19 -39.18 -29.86
N LEU A 72 17.49 -39.28 -31.15
CA LEU A 72 17.20 -40.49 -31.89
C LEU A 72 18.35 -41.49 -31.79
N ASN A 73 18.06 -42.64 -31.19
CA ASN A 73 19.01 -43.72 -31.05
C ASN A 73 19.05 -44.55 -32.32
N ARG A 74 20.21 -44.59 -32.95
CA ARG A 74 20.37 -45.36 -34.17
C ARG A 74 21.68 -46.13 -34.07
N HIS A 75 21.58 -47.37 -33.60
CA HIS A 75 22.74 -48.22 -33.43
C HIS A 75 23.09 -48.87 -34.75
N THR A 76 24.40 -49.05 -34.98
CA THR A 76 24.92 -49.28 -36.31
C THR A 76 25.67 -50.60 -36.47
N GLY A 77 26.69 -50.84 -35.66
CA GLY A 77 27.54 -51.98 -35.92
C GLY A 77 28.49 -52.25 -34.78
N PHE A 78 28.85 -53.52 -34.64
CA PHE A 78 29.61 -54.02 -33.50
C PHE A 78 30.64 -55.02 -33.99
N SER A 79 31.50 -55.47 -33.08
CA SER A 79 32.47 -56.48 -33.43
C SER A 79 33.09 -57.07 -32.17
N GLN A 80 33.36 -58.37 -32.19
CA GLN A 80 34.06 -58.99 -31.08
C GLN A 80 35.49 -58.46 -31.02
N ASP A 81 36.09 -58.57 -29.84
CA ASP A 81 37.32 -57.88 -29.51
C ASP A 81 38.47 -58.88 -29.33
N HIS A 82 39.69 -58.33 -29.17
CA HIS A 82 40.87 -59.17 -29.07
C HIS A 82 41.86 -58.63 -28.04
N THR A 83 41.36 -57.94 -27.02
CA THR A 83 42.21 -57.65 -25.90
C THR A 83 42.29 -58.88 -25.01
N PRO A 84 43.36 -59.02 -24.25
CA PRO A 84 43.36 -60.05 -23.21
C PRO A 84 42.33 -59.66 -22.18
N PHE A 85 41.94 -58.40 -22.21
CA PHE A 85 41.00 -57.87 -21.25
C PHE A 85 39.61 -58.46 -21.45
N THR A 86 39.30 -58.88 -22.67
CA THR A 86 37.97 -59.33 -23.01
C THR A 86 38.02 -60.81 -23.33
N GLU A 87 36.84 -61.43 -23.28
CA GLU A 87 36.68 -62.82 -23.71
C GLU A 87 35.48 -62.96 -24.64
N GLY A 88 35.18 -61.91 -25.40
CA GLY A 88 34.15 -61.97 -26.40
C GLY A 88 33.09 -60.88 -26.28
N ALA A 89 33.24 -59.99 -25.31
CA ALA A 89 32.32 -58.88 -25.18
C ALA A 89 32.46 -57.95 -26.38
N ASN A 90 31.33 -57.63 -27.00
CA ASN A 90 31.31 -56.88 -28.25
C ASN A 90 31.69 -55.44 -27.98
N LEU A 91 32.53 -54.88 -28.86
CA LEU A 91 32.72 -53.45 -28.96
C LEU A 91 31.65 -52.89 -29.87
N ARG A 92 31.12 -51.73 -29.51
CA ARG A 92 30.32 -50.97 -30.46
C ARG A 92 31.25 -50.32 -31.47
N SER A 93 31.07 -50.69 -32.73
CA SER A 93 31.91 -50.18 -33.80
C SER A 93 31.37 -48.83 -34.24
N LEU A 94 32.21 -47.80 -34.17
CA LEU A 94 31.85 -46.48 -34.62
C LEU A 94 32.98 -45.91 -35.48
N PRO A 95 32.66 -45.12 -36.51
CA PRO A 95 33.71 -44.50 -37.33
C PRO A 95 34.45 -43.38 -36.64
N GLY A 96 34.09 -43.04 -35.40
CA GLY A 96 34.63 -41.88 -34.73
C GLY A 96 36.13 -41.95 -34.49
N PRO A 97 36.75 -40.78 -34.38
CA PRO A 97 38.19 -40.71 -34.12
C PRO A 97 38.49 -41.17 -32.69
N ASP A 98 39.52 -41.99 -32.56
CA ASP A 98 39.87 -42.62 -31.28
C ASP A 98 38.64 -43.25 -30.66
N ALA A 99 37.87 -43.98 -31.47
CA ALA A 99 36.86 -44.87 -30.92
C ALA A 99 37.45 -45.70 -29.79
N GLU A 100 38.76 -45.93 -29.85
CA GLU A 100 39.43 -46.71 -28.81
C GLU A 100 39.32 -46.02 -27.46
N LYS A 101 39.56 -44.72 -27.42
CA LYS A 101 39.39 -44.04 -26.15
C LYS A 101 37.93 -44.07 -25.73
N TRP A 102 37.02 -44.04 -26.70
CA TRP A 102 35.62 -44.04 -26.35
C TRP A 102 35.18 -45.41 -25.89
N TYR A 103 36.01 -46.42 -26.12
CA TYR A 103 35.72 -47.75 -25.61
C TYR A 103 36.37 -47.94 -24.25
N SER A 104 37.65 -47.65 -24.15
CA SER A 104 38.33 -47.59 -22.86
C SER A 104 37.63 -46.66 -21.91
N ILE A 105 36.79 -45.78 -22.44
CA ILE A 105 35.93 -44.93 -21.64
C ILE A 105 34.58 -45.57 -21.43
N MET A 106 33.90 -45.93 -22.52
CA MET A 106 32.64 -46.63 -22.43
C MET A 106 32.77 -47.93 -21.65
N TYR A 107 33.93 -48.58 -21.73
CA TYR A 107 34.20 -49.76 -20.95
C TYR A 107 35.55 -49.60 -20.28
N PRO A 108 35.76 -50.25 -19.15
CA PRO A 108 37.07 -50.12 -18.49
C PRO A 108 38.13 -50.90 -19.25
N THR A 109 37.76 -51.31 -20.45
CA THR A 109 38.65 -52.03 -21.34
C THR A 109 39.82 -51.16 -21.73
N ARG A 110 40.73 -51.75 -22.50
CA ARG A 110 41.87 -51.04 -23.08
C ARG A 110 42.67 -50.37 -21.99
N MET A 111 42.58 -50.91 -20.78
CA MET A 111 43.30 -50.41 -19.62
C MET A 111 44.34 -51.46 -19.25
N GLY A 112 45.60 -51.15 -19.51
CA GLY A 112 46.65 -52.15 -19.56
C GLY A 112 47.20 -52.62 -18.24
N THR A 113 48.42 -53.15 -18.26
CA THR A 113 49.03 -53.79 -17.10
C THR A 113 50.36 -53.12 -16.77
N PRO A 114 50.35 -51.84 -16.39
CA PRO A 114 51.60 -51.13 -16.16
C PRO A 114 52.38 -51.67 -14.97
N ASN A 115 51.74 -51.61 -13.80
CA ASN A 115 52.29 -52.11 -12.55
C ASN A 115 51.10 -52.36 -11.64
N VAL A 116 51.37 -53.04 -10.52
CA VAL A 116 50.31 -53.45 -9.61
C VAL A 116 49.62 -52.21 -9.07
N SER A 117 48.37 -51.99 -9.49
CA SER A 117 47.59 -50.86 -9.01
C SER A 117 46.25 -51.37 -8.53
N LYS A 118 45.80 -50.80 -7.40
CA LYS A 118 44.46 -51.09 -6.90
C LYS A 118 43.47 -51.15 -8.05
N ILE A 119 43.54 -50.15 -8.92
CA ILE A 119 42.81 -50.18 -10.18
C ILE A 119 43.08 -51.50 -10.88
N CYS A 120 44.34 -51.71 -11.29
CA CYS A 120 44.69 -52.91 -12.05
C CYS A 120 44.28 -54.18 -11.33
N ASN A 121 44.40 -54.17 -10.00
CA ASN A 121 44.02 -55.35 -9.23
C ASN A 121 42.54 -55.65 -9.41
N PHE A 122 41.70 -54.65 -9.20
CA PHE A 122 40.27 -54.85 -9.38
C PHE A 122 39.96 -55.26 -10.81
N VAL A 123 40.71 -54.72 -11.76
CA VAL A 123 40.55 -55.07 -13.17
C VAL A 123 40.72 -56.57 -13.33
N ALA A 124 41.85 -57.09 -12.86
CA ALA A 124 42.15 -58.50 -13.03
C ALA A 124 41.04 -59.38 -12.47
N SER A 125 40.16 -58.84 -11.65
CA SER A 125 39.18 -59.62 -10.91
C SER A 125 37.81 -59.64 -11.58
N CYS A 126 37.52 -58.73 -12.50
CA CYS A 126 36.15 -58.50 -12.90
C CYS A 126 35.62 -59.64 -13.77
N VAL A 127 34.42 -59.44 -14.31
CA VAL A 127 33.81 -60.43 -15.17
C VAL A 127 34.12 -60.14 -16.63
N ARG A 128 34.19 -61.18 -17.43
CA ARG A 128 34.46 -61.05 -18.85
C ARG A 128 33.18 -60.98 -19.66
N ASN A 129 32.04 -61.14 -19.00
CA ASN A 129 30.77 -61.33 -19.70
C ASN A 129 29.79 -60.19 -19.52
N ARG A 130 29.41 -59.85 -18.30
CA ARG A 130 28.44 -58.77 -18.08
C ARG A 130 29.12 -57.45 -18.45
N VAL A 131 29.40 -57.34 -19.75
CA VAL A 131 30.18 -56.28 -20.35
C VAL A 131 29.93 -56.33 -21.84
N GLY A 132 29.81 -55.16 -22.45
CA GLY A 132 29.53 -55.13 -23.87
C GLY A 132 28.14 -55.65 -24.19
N ARG A 133 27.99 -56.11 -25.43
CA ARG A 133 26.68 -56.54 -25.91
C ARG A 133 26.14 -57.69 -25.07
N PHE A 134 24.82 -57.69 -24.85
CA PHE A 134 24.15 -58.85 -24.30
C PHE A 134 23.09 -59.45 -25.21
N ASP A 135 22.14 -58.65 -25.68
CA ASP A 135 20.96 -59.16 -26.35
C ASP A 135 20.44 -58.06 -27.27
N ARG A 136 19.38 -58.35 -28.02
CA ARG A 136 18.80 -57.36 -28.91
C ARG A 136 17.50 -57.91 -29.49
N ALA A 137 16.77 -57.05 -30.19
CA ALA A 137 15.54 -57.45 -30.88
C ALA A 137 15.84 -57.45 -32.36
N GLN A 138 16.45 -58.52 -32.82
CA GLN A 138 16.83 -58.64 -34.21
C GLN A 138 16.03 -59.79 -34.83
N MET A 139 14.97 -59.43 -35.55
CA MET A 139 14.21 -60.41 -36.31
C MET A 139 14.38 -60.21 -37.80
N MET A 140 15.06 -59.16 -38.23
CA MET A 140 15.24 -58.86 -39.63
C MET A 140 16.62 -59.28 -40.07
N ASN A 141 16.96 -58.91 -41.29
CA ASN A 141 18.15 -59.38 -41.98
C ASN A 141 18.78 -58.23 -42.75
N GLY A 142 20.08 -58.03 -42.56
CA GLY A 142 20.78 -56.95 -43.24
C GLY A 142 20.56 -55.58 -42.64
N ALA A 143 19.72 -55.46 -41.63
CA ALA A 143 19.52 -54.20 -40.92
C ALA A 143 19.51 -54.50 -39.42
N MET A 144 19.94 -53.51 -38.63
CA MET A 144 20.20 -53.72 -37.22
C MET A 144 18.92 -54.15 -36.50
N SER A 145 19.12 -54.77 -35.34
CA SER A 145 18.03 -54.96 -34.40
C SER A 145 17.27 -53.67 -34.21
N GLU A 146 15.98 -53.79 -33.93
CA GLU A 146 15.21 -52.59 -33.66
C GLU A 146 15.66 -51.94 -32.37
N TRP A 147 16.33 -52.71 -31.50
CA TRP A 147 17.05 -52.15 -30.38
C TRP A 147 18.07 -53.18 -29.93
N VAL A 148 19.16 -52.68 -29.34
CA VAL A 148 20.26 -53.53 -28.90
C VAL A 148 20.63 -53.16 -27.48
N ASP A 149 20.80 -54.17 -26.63
CA ASP A 149 21.23 -54.00 -25.26
C ASP A 149 22.66 -54.47 -25.06
N VAL A 150 23.34 -53.78 -24.16
CA VAL A 150 24.79 -53.82 -24.04
C VAL A 150 25.09 -53.22 -22.68
N PHE A 151 26.26 -53.50 -22.17
CA PHE A 151 26.65 -52.97 -20.87
C PHE A 151 27.64 -51.84 -21.10
N GLU A 152 27.15 -50.62 -21.03
CA GLU A 152 27.98 -49.44 -21.22
C GLU A 152 27.65 -48.43 -20.14
N THR A 153 28.56 -47.48 -19.96
CA THR A 153 28.44 -46.60 -18.80
C THR A 153 27.57 -45.39 -19.09
N SER A 154 26.53 -45.23 -18.28
CA SER A 154 25.70 -44.04 -18.26
C SER A 154 24.61 -44.18 -17.21
N ASP A 155 23.79 -43.15 -17.07
CA ASP A 155 22.71 -43.10 -16.10
C ASP A 155 21.40 -43.57 -16.72
N ALA A 156 20.85 -44.66 -16.16
CA ALA A 156 19.72 -45.37 -16.74
C ALA A 156 18.42 -44.60 -16.62
N LEU A 157 18.40 -43.55 -15.83
CA LEU A 157 17.28 -42.63 -15.92
C LEU A 157 17.09 -42.25 -17.37
N THR A 158 18.11 -41.61 -17.94
CA THR A 158 18.16 -41.33 -19.37
C THR A 158 17.63 -42.49 -20.18
N VAL A 159 18.03 -43.72 -19.83
CA VAL A 159 17.44 -44.88 -20.45
C VAL A 159 15.94 -44.91 -20.22
N SER A 160 15.53 -45.06 -18.96
CA SER A 160 14.11 -45.08 -18.66
C SER A 160 13.45 -43.79 -19.12
N ILE A 161 14.19 -42.70 -19.09
CA ILE A 161 13.70 -41.44 -19.64
C ILE A 161 13.22 -41.65 -21.06
N ARG A 162 14.11 -42.08 -21.93
CA ARG A 162 13.70 -42.32 -23.31
C ARG A 162 12.75 -43.49 -23.43
N GLY A 163 12.72 -44.38 -22.45
CA GLY A 163 11.77 -45.47 -22.49
C GLY A 163 10.38 -44.89 -22.46
N ARG A 164 10.16 -44.00 -21.50
CA ARG A 164 8.88 -43.33 -21.39
C ARG A 164 8.66 -42.36 -22.54
N TRP A 165 9.74 -41.73 -23.01
CA TRP A 165 9.66 -40.89 -24.21
C TRP A 165 9.08 -41.67 -25.36
N MET A 166 9.75 -42.75 -25.76
CA MET A 166 9.24 -43.67 -26.77
C MET A 166 7.82 -44.10 -26.45
N ALA A 167 7.55 -44.42 -25.20
CA ALA A 167 6.19 -44.82 -24.84
C ALA A 167 5.19 -43.76 -25.27
N ARG A 168 5.51 -42.51 -25.00
CA ARG A 168 4.66 -41.42 -25.46
C ARG A 168 4.63 -41.36 -26.98
N LEU A 169 5.70 -41.76 -27.63
CA LEU A 169 5.76 -41.59 -29.08
C LEU A 169 5.02 -42.70 -29.83
N ALA A 170 5.55 -43.92 -29.74
CA ALA A 170 5.10 -45.02 -30.59
C ALA A 170 3.63 -45.33 -30.40
N ARG A 171 3.07 -44.89 -29.27
CA ARG A 171 1.70 -45.23 -28.93
C ARG A 171 0.73 -44.91 -30.07
N MET A 172 1.12 -44.02 -30.98
CA MET A 172 0.21 -43.57 -32.01
C MET A 172 0.55 -44.10 -33.39
N ASN A 173 1.23 -45.25 -33.49
CA ASN A 173 1.57 -45.81 -34.79
C ASN A 173 0.53 -46.82 -35.25
N ILE A 174 0.48 -47.05 -36.57
CA ILE A 174 -0.39 -48.05 -37.20
C ILE A 174 0.34 -48.64 -38.40
N ASN A 175 -0.33 -49.57 -39.07
CA ASN A 175 0.02 -49.86 -40.44
C ASN A 175 -0.32 -48.64 -41.27
N PRO A 176 0.65 -48.09 -41.97
CA PRO A 176 0.50 -46.74 -42.52
C PRO A 176 -0.68 -46.62 -43.44
N THR A 177 -0.67 -47.41 -44.51
CA THR A 177 -1.66 -47.35 -45.58
C THR A 177 -3.07 -47.32 -45.03
N GLU A 178 -3.24 -47.81 -43.81
CA GLU A 178 -4.51 -47.63 -43.11
C GLU A 178 -4.91 -46.17 -43.11
N ILE A 179 -3.93 -45.26 -43.06
CA ILE A 179 -4.25 -43.84 -43.05
C ILE A 179 -4.62 -43.34 -44.43
N GLU A 180 -4.28 -44.08 -45.48
CA GLU A 180 -4.70 -43.67 -46.80
C GLU A 180 -6.21 -43.57 -46.88
N TRP A 181 -6.91 -44.39 -46.09
CA TRP A 181 -8.33 -44.17 -45.85
C TRP A 181 -8.63 -42.73 -45.47
N ALA A 182 -8.17 -42.31 -44.30
CA ALA A 182 -8.55 -41.00 -43.78
C ALA A 182 -8.08 -39.89 -44.71
N LEU A 183 -6.98 -40.12 -45.40
CA LEU A 183 -6.53 -39.13 -46.37
C LEU A 183 -7.49 -39.05 -47.54
N THR A 184 -7.87 -40.21 -48.06
CA THR A 184 -8.87 -40.27 -49.11
C THR A 184 -10.18 -39.65 -48.63
N GLU A 185 -10.50 -39.83 -47.35
CA GLU A 185 -11.64 -39.16 -46.75
C GLU A 185 -11.44 -37.66 -46.67
N CYS A 186 -10.19 -37.20 -46.60
CA CYS A 186 -9.89 -35.78 -46.71
C CYS A 186 -9.65 -35.41 -48.17
N ALA A 187 -9.12 -36.35 -48.95
CA ALA A 187 -9.10 -36.23 -50.40
C ALA A 187 -10.50 -36.28 -50.98
N GLN A 188 -11.51 -36.43 -50.12
CA GLN A 188 -12.91 -36.58 -50.51
C GLN A 188 -13.06 -37.80 -51.40
N GLY A 189 -12.03 -38.63 -51.45
CA GLY A 189 -12.03 -39.73 -52.39
C GLY A 189 -11.74 -39.24 -53.79
N TYR A 190 -11.57 -37.94 -53.95
CA TYR A 190 -11.42 -37.37 -55.28
C TYR A 190 -10.07 -36.74 -55.52
N VAL A 191 -9.31 -36.46 -54.47
CA VAL A 191 -7.92 -36.06 -54.61
C VAL A 191 -7.10 -37.33 -54.54
N THR A 192 -6.98 -38.02 -55.67
CA THR A 192 -6.33 -39.32 -55.75
C THR A 192 -4.92 -39.26 -55.19
N VAL A 193 -4.48 -40.39 -54.65
CA VAL A 193 -3.36 -40.43 -53.71
C VAL A 193 -2.35 -41.47 -54.15
N THR A 194 -1.07 -41.10 -54.11
CA THR A 194 0.03 -42.03 -54.33
C THR A 194 0.75 -42.33 -53.02
N SER A 195 0.89 -43.61 -52.74
CA SER A 195 1.59 -44.08 -51.55
C SER A 195 1.82 -45.57 -51.71
N PRO A 196 2.85 -46.10 -51.06
CA PRO A 196 3.13 -47.54 -51.19
C PRO A 196 2.06 -48.40 -50.54
N TYR A 197 2.30 -49.71 -50.55
CA TYR A 197 1.42 -50.70 -49.95
C TYR A 197 2.19 -51.51 -48.91
N ALA A 198 1.83 -51.34 -47.63
CA ALA A 198 2.53 -52.06 -46.55
C ALA A 198 1.87 -51.94 -45.18
N PRO A 199 1.98 -52.99 -44.34
CA PRO A 199 1.63 -52.87 -42.92
C PRO A 199 2.71 -52.17 -42.11
N SER A 200 2.61 -52.21 -40.79
CA SER A 200 3.62 -51.61 -39.93
C SER A 200 4.99 -52.25 -40.17
N VAL A 201 5.95 -51.42 -40.60
CA VAL A 201 7.35 -51.80 -40.80
C VAL A 201 8.27 -51.02 -39.87
N ASN A 202 7.78 -50.67 -38.68
CA ASN A 202 8.55 -50.03 -37.63
C ASN A 202 8.96 -48.61 -38.03
N ARG A 203 8.31 -48.07 -39.05
CA ARG A 203 8.33 -46.63 -39.28
C ARG A 203 7.19 -45.98 -38.51
N LEU A 204 7.52 -45.39 -37.37
CA LEU A 204 6.54 -44.89 -36.43
C LEU A 204 5.83 -43.69 -37.05
N MET A 205 4.51 -43.70 -36.96
CA MET A 205 3.70 -42.60 -37.46
C MET A 205 2.79 -42.15 -36.33
N PRO A 206 3.35 -41.49 -35.33
CA PRO A 206 2.65 -41.22 -34.07
C PRO A 206 1.66 -40.07 -34.16
N TYR A 207 0.60 -40.28 -34.94
CA TYR A 207 -0.40 -39.23 -35.14
C TYR A 207 -1.81 -39.76 -34.92
N ARG A 208 -1.94 -40.91 -34.28
CA ARG A 208 -3.22 -41.46 -33.88
C ARG A 208 -3.62 -40.76 -32.58
N ILE A 209 -4.55 -39.82 -32.69
CA ILE A 209 -4.78 -38.84 -31.64
C ILE A 209 -6.23 -38.83 -31.21
N SER A 210 -6.45 -38.57 -29.91
CA SER A 210 -7.76 -38.59 -29.29
C SER A 210 -8.35 -37.20 -29.21
N ASN A 211 -9.61 -37.14 -28.79
CA ASN A 211 -10.31 -35.87 -28.78
C ASN A 211 -9.97 -35.06 -27.53
N ALA A 212 -9.35 -35.68 -26.53
CA ALA A 212 -8.96 -34.92 -25.35
C ALA A 212 -8.07 -33.76 -25.74
N GLU A 213 -6.86 -34.06 -26.22
CA GLU A 213 -5.95 -33.03 -26.68
C GLU A 213 -6.57 -32.20 -27.79
N ARG A 214 -7.38 -32.83 -28.64
CA ARG A 214 -8.14 -32.09 -29.64
C ARG A 214 -8.85 -30.90 -29.02
N GLN A 215 -9.78 -31.17 -28.12
CA GLN A 215 -10.55 -30.12 -27.46
C GLN A 215 -9.65 -29.18 -26.68
N ILE A 216 -8.60 -29.71 -26.05
CA ILE A 216 -7.75 -28.84 -25.24
C ILE A 216 -7.12 -27.78 -26.13
N SER A 217 -6.43 -28.21 -27.18
CA SER A 217 -5.88 -27.30 -28.16
C SER A 217 -6.95 -26.35 -28.68
N GLN A 218 -8.17 -26.85 -28.88
CA GLN A 218 -9.25 -25.96 -29.24
C GLN A 218 -9.32 -24.82 -28.24
N ILE A 219 -9.60 -25.15 -26.98
CA ILE A 219 -9.66 -24.15 -25.91
C ILE A 219 -8.53 -23.15 -26.05
N ILE A 220 -7.32 -23.67 -26.13
CA ILE A 220 -6.16 -22.78 -26.16
C ILE A 220 -6.32 -21.79 -27.29
N ARG A 221 -6.63 -22.29 -28.48
CA ARG A 221 -6.88 -21.41 -29.60
C ARG A 221 -7.98 -20.42 -29.28
N ILE A 222 -8.99 -20.85 -28.52
CA ILE A 222 -10.24 -20.11 -28.40
C ILE A 222 -9.93 -18.84 -27.63
N MET A 223 -8.86 -18.86 -26.86
CA MET A 223 -8.48 -17.63 -26.20
C MET A 223 -7.22 -17.09 -26.85
N ASN A 224 -6.43 -17.97 -27.46
CA ASN A 224 -5.41 -17.50 -28.36
C ASN A 224 -6.03 -16.59 -29.42
N ILE A 225 -7.16 -16.99 -29.96
CA ILE A 225 -7.95 -16.12 -30.82
C ILE A 225 -8.69 -15.07 -30.02
N GLY A 226 -8.75 -15.23 -28.70
CA GLY A 226 -9.47 -14.28 -27.88
C GLY A 226 -9.01 -12.86 -28.12
N ASN A 227 -9.89 -12.08 -28.76
CA ASN A 227 -9.74 -10.64 -28.90
C ASN A 227 -8.61 -10.27 -29.86
N ASN A 228 -8.45 -11.04 -30.93
CA ASN A 228 -7.50 -10.70 -31.99
C ASN A 228 -8.06 -11.20 -33.31
N ALA A 229 -8.66 -10.29 -34.07
CA ALA A 229 -9.36 -10.66 -35.29
C ALA A 229 -8.79 -9.91 -36.47
N THR A 230 -7.95 -8.92 -36.21
CA THR A 230 -7.15 -8.35 -37.28
C THR A 230 -6.38 -9.42 -38.04
N VAL A 231 -5.96 -10.46 -37.33
CA VAL A 231 -5.24 -11.59 -37.93
C VAL A 231 -6.13 -12.47 -38.77
N ILE A 232 -7.43 -12.56 -38.47
CA ILE A 232 -8.30 -13.45 -39.22
C ILE A 232 -8.48 -12.98 -40.65
N GLN A 233 -8.44 -11.69 -40.89
CA GLN A 233 -8.72 -11.18 -42.21
C GLN A 233 -7.70 -11.68 -43.23
N PRO A 234 -6.40 -11.52 -43.01
CA PRO A 234 -5.44 -11.90 -44.04
C PRO A 234 -5.52 -13.35 -44.45
N VAL A 235 -5.58 -14.26 -43.49
CA VAL A 235 -5.63 -15.68 -43.86
C VAL A 235 -6.93 -16.01 -44.55
N LEU A 236 -8.00 -15.28 -44.23
CA LEU A 236 -9.22 -15.45 -44.99
C LEU A 236 -8.98 -15.10 -46.45
N GLN A 237 -8.18 -14.07 -46.69
CA GLN A 237 -7.77 -13.76 -48.05
C GLN A 237 -6.91 -14.87 -48.63
N ASP A 238 -6.08 -15.49 -47.79
CA ASP A 238 -5.29 -16.64 -48.23
C ASP A 238 -6.22 -17.72 -48.78
N ILE A 239 -7.32 -17.95 -48.08
CA ILE A 239 -8.33 -18.89 -48.56
C ILE A 239 -8.95 -18.39 -49.86
N SER A 240 -9.26 -17.11 -49.92
CA SER A 240 -9.84 -16.55 -51.13
C SER A 240 -8.94 -16.82 -52.33
N VAL A 241 -7.63 -16.67 -52.14
CA VAL A 241 -6.69 -16.90 -53.23
C VAL A 241 -6.57 -18.38 -53.52
N LEU A 242 -6.64 -19.20 -52.48
CA LEU A 242 -6.77 -20.64 -52.70
C LEU A 242 -7.88 -20.92 -53.70
N LEU A 243 -9.05 -20.35 -53.44
CA LEU A 243 -10.16 -20.53 -54.35
C LEU A 243 -9.87 -19.92 -55.71
N GLN A 244 -9.23 -18.75 -55.72
CA GLN A 244 -8.82 -18.14 -56.98
C GLN A 244 -8.03 -19.13 -57.81
N ARG A 245 -7.17 -19.89 -57.15
CA ARG A 245 -6.42 -20.94 -57.81
C ARG A 245 -7.32 -22.08 -58.24
N ILE A 246 -8.61 -22.01 -57.90
CA ILE A 246 -9.54 -23.06 -58.26
C ILE A 246 -10.66 -22.57 -59.17
N SER A 247 -11.17 -21.36 -58.93
CA SER A 247 -12.38 -20.93 -59.63
C SER A 247 -12.06 -20.49 -61.05
N PRO A 248 -12.95 -20.79 -62.01
CA PRO A 248 -12.67 -20.45 -63.41
C PRO A 248 -13.30 -19.15 -63.89
N LEU A 249 -13.94 -18.39 -63.01
CA LEU A 249 -14.80 -17.28 -63.43
C LEU A 249 -14.06 -16.22 -64.25
N GLN A 250 -14.77 -15.57 -65.16
CA GLN A 250 -14.32 -14.36 -65.83
C GLN A 250 -15.33 -13.25 -65.53
N ILE A 251 -14.84 -12.08 -65.11
CA ILE A 251 -15.69 -11.10 -64.44
C ILE A 251 -16.10 -9.89 -65.31
N ASP A 252 -15.13 -9.03 -65.68
CA ASP A 252 -15.46 -7.68 -66.14
C ASP A 252 -16.34 -7.66 -67.39
N PRO A 253 -15.85 -8.14 -68.55
CA PRO A 253 -16.67 -8.03 -69.76
C PRO A 253 -17.88 -8.95 -69.69
N THR A 254 -17.81 -9.97 -68.84
CA THR A 254 -18.96 -10.82 -68.60
C THR A 254 -20.16 -9.99 -68.19
N ILE A 255 -20.05 -9.34 -67.04
CA ILE A 255 -21.14 -8.50 -66.55
C ILE A 255 -21.36 -7.32 -67.49
N ILE A 256 -20.30 -6.85 -68.14
CA ILE A 256 -20.44 -5.76 -69.11
C ILE A 256 -21.47 -6.14 -70.17
N SER A 257 -21.24 -7.26 -70.86
CA SER A 257 -22.15 -7.70 -71.90
C SER A 257 -23.52 -8.06 -71.34
N ASN A 258 -23.52 -8.73 -70.18
CA ASN A 258 -24.79 -9.12 -69.58
C ASN A 258 -25.67 -7.91 -69.32
N THR A 259 -25.10 -6.85 -68.77
CA THR A 259 -25.90 -5.68 -68.44
C THR A 259 -26.28 -4.91 -69.69
N MET A 260 -25.36 -4.80 -70.67
CA MET A 260 -25.73 -4.10 -71.90
C MET A 260 -26.79 -4.88 -72.66
N SER A 261 -27.00 -6.14 -72.29
CA SER A 261 -27.99 -6.94 -72.99
C SER A 261 -29.31 -7.06 -72.23
N THR A 262 -29.29 -6.90 -70.90
CA THR A 262 -30.43 -7.31 -70.07
C THR A 262 -31.39 -6.17 -69.71
N VAL A 263 -31.01 -4.91 -69.91
CA VAL A 263 -31.85 -3.79 -69.49
C VAL A 263 -32.75 -3.35 -70.65
N SER A 264 -33.82 -2.62 -70.35
CA SER A 264 -34.75 -2.12 -71.36
C SER A 264 -34.71 -0.59 -71.45
N GLU A 265 -35.19 -0.06 -72.56
CA GLU A 265 -34.89 1.33 -72.93
C GLU A 265 -35.80 2.32 -72.19
N SER A 266 -35.15 3.17 -71.38
CA SER A 266 -35.84 4.29 -70.76
C SER A 266 -34.99 5.56 -70.78
N THR A 267 -34.29 5.81 -71.88
CA THR A 267 -33.43 6.98 -71.98
C THR A 267 -34.22 8.27 -71.82
N THR A 268 -35.21 8.50 -72.68
CA THR A 268 -36.13 9.62 -72.53
C THR A 268 -37.27 9.30 -71.56
N GLN A 269 -37.08 8.33 -70.69
CA GLN A 269 -38.12 7.85 -69.79
C GLN A 269 -37.67 7.90 -68.34
N THR A 270 -37.17 9.06 -67.90
CA THR A 270 -36.95 9.31 -66.48
C THR A 270 -35.94 8.36 -65.85
N LEU A 271 -34.65 8.63 -66.09
CA LEU A 271 -33.54 7.88 -65.50
C LEU A 271 -33.39 6.47 -66.06
N SER A 272 -32.99 6.37 -67.32
CA SER A 272 -32.71 5.09 -67.96
C SER A 272 -31.98 4.15 -67.02
N PRO A 273 -32.39 2.88 -66.96
CA PRO A 273 -31.86 1.99 -65.92
C PRO A 273 -30.41 1.63 -66.13
N ALA A 274 -29.98 1.46 -67.37
CA ALA A 274 -28.58 1.12 -67.63
C ALA A 274 -27.67 2.27 -67.21
N SER A 275 -28.00 3.48 -67.64
CA SER A 275 -27.21 4.65 -67.33
C SER A 275 -27.02 4.80 -65.83
N SER A 276 -28.13 4.80 -65.11
CA SER A 276 -28.11 4.82 -63.65
C SER A 276 -27.23 3.70 -63.13
N ILE A 277 -27.44 2.49 -63.65
CA ILE A 277 -26.74 1.35 -63.09
C ILE A 277 -25.31 1.29 -63.60
N LEU A 278 -25.03 1.79 -64.81
CA LEU A 278 -23.64 1.98 -65.21
C LEU A 278 -22.91 2.86 -64.20
N GLY A 279 -23.44 4.06 -63.97
CA GLY A 279 -22.83 4.96 -63.00
C GLY A 279 -22.77 4.39 -61.60
N LYS A 280 -23.64 3.42 -61.30
CA LYS A 280 -23.62 2.81 -59.99
C LYS A 280 -22.55 1.74 -59.84
N LEU A 281 -22.42 0.81 -60.78
CA LEU A 281 -21.63 -0.37 -60.44
C LEU A 281 -20.14 -0.11 -60.44
N ARG A 282 -19.53 -0.19 -61.61
CA ARG A 282 -18.31 0.45 -62.08
C ARG A 282 -18.01 -0.19 -63.44
N PRO A 283 -17.67 0.57 -64.46
CA PRO A 283 -16.76 0.01 -65.48
C PRO A 283 -15.33 0.22 -65.02
N SER A 284 -14.89 -0.61 -64.07
CA SER A 284 -13.62 -0.38 -63.39
C SER A 284 -12.65 -1.47 -63.77
N ASN A 285 -12.71 -1.87 -65.03
CA ASN A 285 -12.24 -3.17 -65.46
C ASN A 285 -10.81 -3.41 -64.98
N SER A 286 -10.69 -4.35 -64.03
CA SER A 286 -9.41 -4.72 -63.45
C SER A 286 -9.62 -5.94 -62.57
N ASP A 287 -8.57 -6.40 -61.93
CA ASP A 287 -8.68 -7.56 -61.06
C ASP A 287 -9.68 -7.31 -59.93
N PHE A 288 -10.71 -8.16 -59.88
CA PHE A 288 -11.70 -8.11 -58.82
C PHE A 288 -11.98 -9.51 -58.35
N SER A 289 -11.59 -9.80 -57.11
CA SER A 289 -11.69 -11.17 -56.62
C SER A 289 -12.12 -11.22 -55.18
N SER A 290 -12.58 -10.08 -54.65
CA SER A 290 -13.00 -10.02 -53.26
C SER A 290 -14.32 -10.71 -53.00
N PHE A 291 -14.78 -11.55 -53.91
CA PHE A 291 -16.02 -12.28 -53.71
C PHE A 291 -15.86 -13.40 -52.68
N ARG A 292 -14.71 -14.08 -52.68
CA ARG A 292 -14.54 -15.29 -51.89
C ARG A 292 -14.69 -15.03 -50.41
N VAL A 293 -14.87 -13.76 -50.05
CA VAL A 293 -14.83 -13.33 -48.65
C VAL A 293 -15.87 -14.07 -47.82
N ALA A 294 -17.15 -13.90 -48.13
CA ALA A 294 -18.20 -14.52 -47.33
C ALA A 294 -18.11 -16.02 -47.40
N LEU A 295 -17.78 -16.54 -48.58
CA LEU A 295 -17.61 -17.96 -48.74
C LEU A 295 -16.65 -18.50 -47.69
N ALA A 296 -15.45 -17.93 -47.63
CA ALA A 296 -14.46 -18.42 -46.69
C ALA A 296 -14.86 -18.10 -45.26
N GLY A 297 -15.49 -16.95 -45.03
CA GLY A 297 -15.91 -16.61 -43.70
C GLY A 297 -16.94 -17.58 -43.14
N TRP A 298 -17.63 -18.29 -44.04
CA TRP A 298 -18.63 -19.26 -43.61
C TRP A 298 -18.10 -20.21 -42.56
N LEU A 299 -16.78 -20.39 -42.47
CA LEU A 299 -16.20 -21.38 -41.59
C LEU A 299 -16.43 -21.10 -40.12
N TYR A 300 -17.17 -20.03 -39.80
CA TYR A 300 -17.34 -19.60 -38.43
C TYR A 300 -18.69 -18.91 -38.30
N ASN A 301 -19.48 -19.34 -37.32
CA ASN A 301 -20.76 -18.68 -37.15
C ASN A 301 -20.98 -18.24 -35.71
N GLY A 302 -20.64 -19.09 -34.75
CA GLY A 302 -20.75 -18.71 -33.37
C GLY A 302 -19.46 -18.01 -33.03
N VAL A 303 -18.57 -18.06 -34.01
CA VAL A 303 -17.27 -17.44 -33.92
C VAL A 303 -17.30 -16.02 -34.46
N VAL A 304 -17.71 -15.84 -35.70
CA VAL A 304 -17.70 -14.53 -36.35
C VAL A 304 -19.12 -14.23 -36.80
N THR A 305 -19.41 -12.96 -37.09
CA THR A 305 -20.72 -12.54 -37.55
C THR A 305 -20.56 -11.76 -38.85
N THR A 306 -20.92 -12.41 -39.96
CA THR A 306 -20.93 -11.76 -41.26
C THR A 306 -21.95 -10.64 -41.27
N VAL A 307 -21.45 -9.41 -41.21
CA VAL A 307 -22.31 -8.23 -41.26
C VAL A 307 -22.01 -7.52 -42.57
N ILE A 308 -22.94 -6.70 -43.01
CA ILE A 308 -22.82 -6.07 -44.31
C ILE A 308 -22.39 -4.61 -44.12
N ASP A 309 -21.59 -4.11 -45.05
CA ASP A 309 -21.07 -2.76 -44.95
C ASP A 309 -22.19 -1.73 -44.93
N ASP A 310 -21.88 -0.56 -44.35
CA ASP A 310 -22.91 0.45 -44.08
C ASP A 310 -23.47 1.04 -45.36
N SER A 311 -22.59 1.50 -46.26
CA SER A 311 -23.04 2.18 -47.47
C SER A 311 -23.81 1.27 -48.40
N SER A 312 -23.74 -0.04 -48.20
CA SER A 312 -24.55 -0.98 -48.97
C SER A 312 -26.03 -0.64 -48.92
N TYR A 313 -26.47 -0.01 -47.87
CA TYR A 313 -27.82 0.50 -47.77
C TYR A 313 -27.86 1.97 -48.09
N PRO A 314 -28.90 2.43 -48.76
CA PRO A 314 -29.08 3.88 -48.94
C PRO A 314 -29.42 4.54 -47.62
N LYS A 315 -29.42 5.87 -47.57
CA LYS A 315 -29.64 6.60 -46.34
C LYS A 315 -30.79 7.59 -46.45
N ASP A 316 -31.95 7.15 -46.94
CA ASP A 316 -33.09 8.02 -47.20
C ASP A 316 -34.37 7.57 -46.50
N GLY A 317 -34.29 6.63 -45.56
CA GLY A 317 -35.48 6.13 -44.91
C GLY A 317 -36.41 5.33 -45.79
N GLY A 318 -36.10 5.21 -47.07
CA GLY A 318 -36.89 4.43 -47.99
C GLY A 318 -38.16 5.11 -48.47
N SER A 319 -38.49 4.91 -49.74
CA SER A 319 -39.69 5.51 -50.32
C SER A 319 -40.06 4.73 -51.56
N VAL A 320 -41.17 5.13 -52.18
CA VAL A 320 -41.66 4.41 -53.35
C VAL A 320 -41.13 4.97 -54.66
N THR A 321 -41.45 6.21 -55.00
CA THR A 321 -41.15 6.74 -56.34
C THR A 321 -39.66 6.98 -56.46
N SER A 322 -38.94 5.94 -56.88
CA SER A 322 -37.48 5.97 -56.96
C SER A 322 -36.93 4.74 -57.69
N LEU A 323 -35.86 4.92 -58.47
CA LEU A 323 -35.22 3.83 -59.20
C LEU A 323 -34.02 3.25 -58.48
N GLU A 324 -33.20 4.10 -57.87
CA GLU A 324 -32.08 3.58 -57.11
C GLU A 324 -32.57 2.72 -55.96
N ASN A 325 -33.72 3.06 -55.39
CA ASN A 325 -34.40 2.14 -54.48
C ASN A 325 -34.53 0.77 -55.11
N LEU A 326 -34.91 0.70 -56.38
CA LEU A 326 -35.11 -0.59 -57.02
C LEU A 326 -33.80 -1.34 -57.13
N TRP A 327 -32.79 -0.71 -57.72
CA TRP A 327 -31.45 -1.28 -57.74
C TRP A 327 -31.09 -1.88 -56.41
N ASP A 328 -31.04 -1.04 -55.38
CA ASP A 328 -30.46 -1.44 -54.11
C ASP A 328 -31.33 -2.47 -53.41
N PHE A 329 -32.66 -2.36 -53.54
CA PHE A 329 -33.52 -3.35 -52.91
C PHE A 329 -33.33 -4.70 -53.54
N PHE A 330 -33.22 -4.73 -54.87
CA PHE A 330 -32.85 -5.96 -55.55
C PHE A 330 -31.55 -6.52 -55.00
N ILE A 331 -30.53 -5.66 -54.96
CA ILE A 331 -29.20 -6.09 -54.55
C ILE A 331 -29.26 -6.73 -53.16
N LEU A 332 -29.96 -6.08 -52.24
CA LEU A 332 -30.01 -6.56 -50.86
C LEU A 332 -30.83 -7.83 -50.76
N ALA A 333 -31.97 -7.89 -51.47
CA ALA A 333 -32.74 -9.11 -51.48
C ALA A 333 -31.89 -10.28 -51.95
N LEU A 334 -30.90 -9.99 -52.79
CA LEU A 334 -29.99 -11.05 -53.21
C LEU A 334 -28.95 -11.36 -52.14
N ALA A 335 -28.36 -10.34 -51.53
CA ALA A 335 -27.16 -10.55 -50.73
C ALA A 335 -27.46 -10.94 -49.28
N LEU A 336 -28.60 -10.51 -48.76
CA LEU A 336 -28.92 -10.81 -47.37
C LEU A 336 -28.94 -12.32 -47.12
N PRO A 337 -29.55 -13.13 -47.99
CA PRO A 337 -29.49 -14.58 -47.75
C PRO A 337 -28.07 -15.11 -47.75
N MET A 338 -27.08 -14.24 -47.94
CA MET A 338 -25.68 -14.62 -47.76
C MET A 338 -25.18 -14.36 -46.36
N THR A 339 -25.89 -13.57 -45.56
CA THR A 339 -25.38 -13.20 -44.25
C THR A 339 -25.57 -14.34 -43.25
N THR A 340 -24.89 -14.23 -42.12
CA THR A 340 -25.03 -15.18 -41.03
C THR A 340 -25.89 -14.65 -39.91
N ASP A 341 -26.28 -13.39 -39.99
CA ASP A 341 -26.95 -12.77 -38.87
C ASP A 341 -28.40 -13.23 -38.79
N PRO A 342 -28.83 -13.70 -37.63
CA PRO A 342 -30.20 -14.26 -37.52
C PRO A 342 -31.30 -13.23 -37.65
N CYS A 343 -31.00 -11.95 -37.46
CA CYS A 343 -31.99 -10.89 -37.61
C CYS A 343 -32.14 -10.45 -39.06
N ALA A 344 -31.19 -10.86 -39.92
CA ALA A 344 -31.29 -10.54 -41.34
C ALA A 344 -32.68 -10.75 -41.92
N PRO A 345 -33.43 -11.80 -41.58
CA PRO A 345 -34.84 -11.79 -41.97
C PRO A 345 -35.56 -10.55 -41.50
N VAL A 346 -35.53 -10.29 -40.19
CA VAL A 346 -36.13 -9.07 -39.67
C VAL A 346 -35.51 -7.87 -40.34
N LYS A 347 -34.22 -7.96 -40.67
CA LYS A 347 -33.54 -6.81 -41.24
C LYS A 347 -34.13 -6.43 -42.57
N ALA A 348 -34.18 -7.38 -43.52
CA ALA A 348 -34.80 -7.10 -44.81
C ALA A 348 -36.26 -6.72 -44.65
N PHE A 349 -36.94 -7.40 -43.73
CA PHE A 349 -38.30 -7.07 -43.36
C PHE A 349 -38.45 -5.57 -43.13
N MET A 350 -37.70 -5.07 -42.14
CA MET A 350 -37.68 -3.64 -41.87
C MET A 350 -37.20 -2.86 -43.08
N THR A 351 -36.34 -3.46 -43.89
CA THR A 351 -35.80 -2.76 -45.04
C THR A 351 -36.89 -2.48 -46.04
N LEU A 352 -37.67 -3.50 -46.39
CA LEU A 352 -38.79 -3.24 -47.27
C LEU A 352 -39.79 -2.30 -46.60
N ALA A 353 -39.93 -2.40 -45.29
CA ALA A 353 -40.74 -1.41 -44.58
C ALA A 353 -40.21 -0.01 -44.81
N ASN A 354 -38.89 0.13 -44.95
CA ASN A 354 -38.31 1.45 -45.13
C ASN A 354 -38.75 2.06 -46.45
N MET A 355 -38.53 1.36 -47.55
CA MET A 355 -39.07 1.86 -48.81
C MET A 355 -40.59 1.92 -48.79
N MET A 356 -41.20 1.26 -47.81
CA MET A 356 -42.62 1.36 -47.56
C MET A 356 -42.93 2.47 -46.55
N VAL A 357 -42.06 3.47 -46.46
CA VAL A 357 -42.32 4.61 -45.61
C VAL A 357 -43.29 5.55 -46.33
N GLY A 358 -44.46 5.76 -45.72
CA GLY A 358 -45.35 6.82 -46.15
C GLY A 358 -46.51 6.39 -47.04
N PHE A 359 -46.51 5.16 -47.52
CA PHE A 359 -47.56 4.76 -48.45
C PHE A 359 -48.41 3.66 -47.84
N GLU A 360 -47.78 2.55 -47.48
CA GLU A 360 -48.43 1.47 -46.77
C GLU A 360 -47.99 1.51 -45.31
N THR A 361 -48.96 1.65 -44.40
CA THR A 361 -48.67 1.93 -43.00
C THR A 361 -49.63 1.15 -42.12
N ILE A 362 -49.08 0.31 -41.25
CA ILE A 362 -49.85 -0.65 -40.47
C ILE A 362 -49.34 -0.60 -39.04
N PRO A 363 -49.86 -1.49 -38.13
CA PRO A 363 -49.30 -1.58 -36.77
C PRO A 363 -47.80 -1.41 -36.63
N MET A 364 -47.38 -0.43 -35.82
CA MET A 364 -45.99 -0.22 -35.42
C MET A 364 -45.88 -0.36 -33.92
N ASP A 365 -44.81 -1.01 -33.45
CA ASP A 365 -44.72 -1.30 -32.03
C ASP A 365 -44.19 -0.09 -31.25
N ASN A 366 -42.96 0.32 -31.52
CA ASN A 366 -42.33 1.36 -30.71
C ASN A 366 -41.71 2.39 -31.64
N GLN A 367 -41.01 3.34 -31.02
CA GLN A 367 -40.32 4.42 -31.71
C GLN A 367 -39.07 3.95 -32.44
N ILE A 368 -38.76 2.66 -32.37
CA ILE A 368 -37.68 2.10 -33.15
C ILE A 368 -38.18 1.13 -34.20
N TYR A 369 -39.18 0.31 -33.90
CA TYR A 369 -39.78 -0.56 -34.90
C TYR A 369 -40.48 0.20 -36.00
N THR A 370 -40.58 1.53 -35.88
CA THR A 370 -40.97 2.37 -37.00
C THR A 370 -40.17 2.01 -38.25
N GLN A 371 -40.83 2.12 -39.41
CA GLN A 371 -40.18 1.85 -40.69
C GLN A 371 -39.18 2.93 -41.08
N SER A 372 -38.87 3.85 -40.16
CA SER A 372 -37.89 4.88 -40.41
C SER A 372 -36.53 4.56 -39.79
N ARG A 373 -36.38 3.42 -39.13
CA ARG A 373 -35.18 3.10 -38.38
C ARG A 373 -34.29 2.16 -39.18
N ARG A 374 -32.98 2.32 -39.03
CA ARG A 374 -32.02 1.46 -39.72
C ARG A 374 -32.19 0.02 -39.28
N ALA A 375 -32.37 -0.87 -40.26
CA ALA A 375 -32.61 -2.28 -39.95
C ALA A 375 -31.40 -2.91 -39.30
N SER A 376 -30.20 -2.58 -39.79
CA SER A 376 -28.98 -3.19 -39.28
C SER A 376 -28.77 -2.84 -37.82
N ALA A 377 -29.28 -1.69 -37.40
CA ALA A 377 -29.16 -1.26 -36.02
C ALA A 377 -29.84 -2.21 -35.05
N PHE A 378 -30.99 -2.76 -35.44
CA PHE A 378 -31.69 -3.74 -34.63
C PHE A 378 -30.77 -4.94 -34.39
N SER A 379 -30.66 -5.36 -33.13
CA SER A 379 -29.65 -6.35 -32.81
C SER A 379 -30.24 -7.59 -32.12
N THR A 380 -31.15 -7.38 -31.19
CA THR A 380 -31.60 -8.44 -30.31
C THR A 380 -32.90 -9.02 -30.82
N PRO A 381 -33.19 -10.30 -30.57
CA PRO A 381 -34.57 -10.76 -30.72
C PRO A 381 -35.54 -9.72 -30.24
N HIS A 382 -35.30 -9.19 -29.06
CA HIS A 382 -36.16 -8.14 -28.54
C HIS A 382 -36.09 -6.89 -29.40
N THR A 383 -35.00 -6.72 -30.16
CA THR A 383 -34.96 -5.61 -31.11
C THR A 383 -35.65 -5.92 -32.41
N TRP A 384 -36.43 -6.98 -32.48
CA TRP A 384 -37.08 -7.29 -33.74
C TRP A 384 -38.58 -7.00 -33.64
N PRO A 385 -39.15 -6.26 -34.60
CA PRO A 385 -40.59 -6.01 -34.57
C PRO A 385 -41.38 -7.29 -34.42
N ARG A 386 -42.10 -7.39 -33.29
CA ARG A 386 -42.88 -8.56 -32.99
C ARG A 386 -43.73 -8.98 -34.18
N CYS A 387 -44.46 -8.02 -34.74
CA CYS A 387 -45.27 -8.24 -35.93
C CYS A 387 -44.53 -9.02 -37.01
N PHE A 388 -43.23 -8.78 -37.19
CA PHE A 388 -42.48 -9.59 -38.13
C PHE A 388 -42.64 -11.07 -37.83
N MET A 389 -42.38 -11.47 -36.59
CA MET A 389 -42.64 -12.83 -36.16
C MET A 389 -44.09 -13.05 -35.77
N ASN A 390 -44.92 -12.02 -35.87
CA ASN A 390 -46.30 -12.04 -35.39
C ASN A 390 -47.22 -11.61 -36.52
N ILE A 391 -47.11 -12.33 -37.63
CA ILE A 391 -47.66 -12.00 -38.94
C ILE A 391 -49.10 -11.49 -38.91
N GLN A 392 -49.84 -11.78 -37.85
CA GLN A 392 -51.24 -11.36 -37.84
C GLN A 392 -51.41 -9.87 -37.56
N LEU A 393 -50.44 -9.22 -36.91
CA LEU A 393 -50.45 -7.77 -36.86
C LEU A 393 -50.38 -7.15 -38.25
N ILE A 394 -49.85 -7.89 -39.22
CA ILE A 394 -49.88 -7.45 -40.60
C ILE A 394 -51.32 -7.60 -41.10
N SER A 395 -52.01 -6.51 -41.20
CA SER A 395 -53.28 -6.54 -41.88
C SER A 395 -53.04 -6.63 -43.38
N PRO A 396 -53.68 -7.53 -44.08
CA PRO A 396 -53.51 -7.57 -45.54
C PRO A 396 -54.25 -6.42 -46.22
N ILE A 397 -54.83 -5.53 -45.43
CA ILE A 397 -55.60 -4.42 -45.98
C ILE A 397 -54.75 -3.22 -46.36
N ASP A 398 -53.97 -2.66 -45.44
CA ASP A 398 -53.07 -1.56 -45.78
C ASP A 398 -51.77 -2.03 -46.40
N ALA A 399 -51.25 -3.19 -46.01
CA ALA A 399 -50.01 -3.72 -46.55
C ALA A 399 -50.28 -5.05 -47.22
N PRO A 400 -51.07 -5.05 -48.28
CA PRO A 400 -51.38 -6.32 -48.95
C PRO A 400 -50.13 -6.86 -49.60
N ILE A 401 -49.43 -5.99 -50.31
CA ILE A 401 -48.21 -6.38 -51.00
C ILE A 401 -47.15 -6.76 -49.97
N LEU A 402 -47.13 -6.04 -48.85
CA LEU A 402 -46.15 -6.35 -47.82
C LEU A 402 -46.46 -7.67 -47.13
N ARG A 403 -47.72 -7.90 -46.78
CA ARG A 403 -48.10 -9.19 -46.20
C ARG A 403 -47.74 -10.31 -47.16
N GLN A 404 -48.12 -10.14 -48.42
CA GLN A 404 -47.68 -10.99 -49.52
C GLN A 404 -46.21 -11.34 -49.40
N TRP A 405 -45.34 -10.33 -49.44
CA TRP A 405 -43.91 -10.57 -49.53
C TRP A 405 -43.39 -11.23 -48.27
N ALA A 406 -43.89 -10.79 -47.11
CA ALA A 406 -43.48 -11.41 -45.86
C ALA A 406 -43.80 -12.89 -45.86
N GLU A 407 -45.01 -13.25 -46.30
CA GLU A 407 -45.37 -14.66 -46.36
C GLU A 407 -44.50 -15.41 -47.35
N ILE A 408 -44.16 -14.76 -48.47
CA ILE A 408 -43.19 -15.33 -49.38
C ILE A 408 -41.95 -15.75 -48.62
N ILE A 409 -41.33 -14.79 -47.95
CA ILE A 409 -40.11 -15.05 -47.19
C ILE A 409 -40.36 -16.18 -46.19
N HIS A 410 -41.53 -16.17 -45.58
CA HIS A 410 -41.86 -17.19 -44.60
C HIS A 410 -41.72 -18.57 -45.21
N ARG A 411 -42.51 -18.84 -46.25
CA ARG A 411 -42.44 -20.14 -46.90
C ARG A 411 -41.19 -20.25 -47.75
N TYR A 412 -40.69 -19.14 -48.25
CA TYR A 412 -39.53 -19.17 -49.14
C TYR A 412 -38.33 -18.57 -48.42
N TRP A 413 -37.39 -19.42 -48.05
CA TRP A 413 -36.14 -18.95 -47.48
C TRP A 413 -35.14 -20.10 -47.49
N PRO A 414 -33.91 -19.85 -47.89
CA PRO A 414 -32.89 -20.91 -47.92
C PRO A 414 -32.71 -21.54 -46.54
N ASN A 415 -32.09 -22.70 -46.52
CA ASN A 415 -32.02 -23.49 -45.30
C ASN A 415 -30.62 -24.07 -45.11
N PRO A 416 -30.29 -24.56 -43.91
CA PRO A 416 -28.97 -25.16 -43.68
C PRO A 416 -28.91 -26.66 -43.94
N SER A 417 -27.70 -27.20 -44.04
CA SER A 417 -27.45 -28.61 -44.32
C SER A 417 -26.16 -28.99 -43.60
N GLN A 418 -25.54 -30.11 -43.98
CA GLN A 418 -24.21 -30.40 -43.46
C GLN A 418 -23.50 -31.36 -44.42
N ILE A 419 -22.23 -31.59 -44.14
CA ILE A 419 -21.36 -32.44 -44.94
C ILE A 419 -20.32 -33.05 -44.02
N ARG A 420 -19.60 -34.07 -44.50
CA ARG A 420 -18.58 -34.75 -43.72
C ARG A 420 -17.20 -34.54 -44.32
N TYR A 421 -16.17 -34.63 -43.47
CA TYR A 421 -14.81 -34.73 -43.97
C TYR A 421 -14.02 -35.60 -43.00
N GLY A 422 -12.83 -36.01 -43.44
CA GLY A 422 -11.82 -36.57 -42.56
C GLY A 422 -12.22 -37.74 -41.68
N ALA A 423 -11.47 -37.95 -40.58
CA ALA A 423 -11.69 -39.11 -39.71
C ALA A 423 -11.28 -38.88 -38.26
N PRO A 424 -12.23 -38.84 -37.33
CA PRO A 424 -11.87 -38.96 -35.91
C PRO A 424 -11.24 -40.28 -35.59
N ASN A 425 -11.49 -41.30 -36.41
CA ASN A 425 -10.82 -42.58 -36.30
C ASN A 425 -9.36 -42.43 -35.94
N VAL A 426 -8.67 -41.46 -36.53
CA VAL A 426 -7.27 -41.21 -36.24
C VAL A 426 -7.07 -39.86 -35.58
N PHE A 427 -8.04 -38.97 -35.72
CA PHE A 427 -7.76 -37.56 -35.52
C PHE A 427 -8.81 -36.82 -34.71
N GLY A 428 -9.70 -37.54 -34.04
CA GLY A 428 -10.56 -36.86 -33.09
C GLY A 428 -11.58 -35.93 -33.72
N SER A 429 -12.14 -35.09 -32.86
CA SER A 429 -13.29 -34.27 -33.24
C SER A 429 -12.89 -33.21 -34.26
N ALA A 430 -13.90 -32.58 -34.85
CA ALA A 430 -13.69 -31.40 -35.67
C ALA A 430 -14.22 -30.17 -34.95
N ASN A 431 -15.48 -30.15 -34.53
CA ASN A 431 -16.00 -29.13 -33.64
C ASN A 431 -16.65 -29.78 -32.44
N LEU A 432 -16.89 -28.96 -31.41
CA LEU A 432 -17.22 -29.48 -30.09
C LEU A 432 -18.65 -29.18 -29.68
N PHE A 433 -19.33 -28.26 -30.37
CA PHE A 433 -20.75 -28.05 -30.17
C PHE A 433 -21.59 -28.81 -31.18
N THR A 434 -21.04 -29.87 -31.77
CA THR A 434 -21.68 -30.69 -32.78
C THR A 434 -20.99 -32.05 -32.86
N PRO A 435 -21.68 -33.08 -33.34
CA PRO A 435 -21.04 -34.39 -33.56
C PRO A 435 -19.85 -34.29 -34.49
N PRO A 436 -18.94 -35.26 -34.47
CA PRO A 436 -17.69 -35.12 -35.21
C PRO A 436 -17.93 -35.07 -36.71
N GLU A 437 -17.11 -34.27 -37.40
CA GLU A 437 -17.07 -34.11 -38.85
C GLU A 437 -18.39 -33.60 -39.39
N VAL A 438 -19.35 -33.26 -38.53
CA VAL A 438 -20.60 -32.66 -38.98
C VAL A 438 -20.31 -31.21 -39.33
N LEU A 439 -20.45 -30.90 -40.61
CA LEU A 439 -20.09 -29.59 -41.14
C LEU A 439 -21.36 -28.95 -41.63
N LEU A 440 -22.06 -28.24 -40.74
CA LEU A 440 -23.28 -27.59 -41.11
C LEU A 440 -23.01 -26.45 -42.09
N LEU A 441 -24.03 -26.13 -42.88
CA LEU A 441 -23.93 -25.36 -44.09
C LEU A 441 -25.09 -24.37 -44.11
N PRO A 442 -24.84 -23.14 -44.49
CA PRO A 442 -25.93 -22.17 -44.51
C PRO A 442 -26.87 -22.49 -45.64
N ILE A 443 -26.40 -23.34 -46.52
CA ILE A 443 -27.13 -23.73 -47.72
C ILE A 443 -27.52 -25.19 -47.62
N ASP A 444 -28.29 -25.64 -48.61
CA ASP A 444 -28.65 -27.05 -48.76
C ASP A 444 -28.09 -27.56 -50.08
N HIS A 445 -26.91 -28.17 -50.03
CA HIS A 445 -26.23 -28.54 -51.26
C HIS A 445 -27.05 -29.52 -52.08
N GLN A 446 -26.97 -29.37 -53.39
CA GLN A 446 -27.63 -30.31 -54.28
C GLN A 446 -26.60 -31.07 -55.08
N PRO A 447 -26.88 -32.31 -55.41
CA PRO A 447 -25.89 -33.14 -56.11
C PRO A 447 -25.64 -32.68 -57.54
N ALA A 448 -24.39 -32.33 -57.84
CA ALA A 448 -24.00 -32.08 -59.22
C ALA A 448 -23.63 -33.39 -59.91
N ASN A 449 -23.87 -33.44 -61.22
CA ASN A 449 -23.58 -34.66 -61.98
C ASN A 449 -22.59 -34.40 -63.12
N VAL A 450 -22.83 -33.34 -63.89
CA VAL A 450 -22.09 -33.06 -65.10
C VAL A 450 -20.72 -32.49 -64.73
N THR A 451 -19.70 -32.89 -65.48
CA THR A 451 -18.35 -32.38 -65.26
C THR A 451 -18.06 -31.09 -66.01
N THR A 452 -19.08 -30.43 -66.54
CA THR A 452 -18.92 -29.21 -67.31
C THR A 452 -20.12 -28.29 -67.07
N PRO A 453 -19.97 -26.97 -67.12
CA PRO A 453 -21.09 -26.08 -66.77
C PRO A 453 -22.23 -26.16 -67.78
N THR A 454 -23.45 -25.86 -67.31
CA THR A 454 -24.64 -25.82 -68.15
C THR A 454 -25.68 -24.89 -67.54
N LEU A 455 -26.69 -24.56 -68.34
CA LEU A 455 -27.73 -23.61 -67.94
C LEU A 455 -28.91 -24.34 -67.29
N ASP A 456 -29.42 -23.75 -66.21
CA ASP A 456 -30.61 -24.26 -65.54
C ASP A 456 -31.01 -23.27 -64.45
N PHE A 457 -32.29 -23.24 -64.13
CA PHE A 457 -32.82 -22.31 -63.15
C PHE A 457 -33.27 -22.97 -61.86
N THR A 458 -32.83 -24.20 -61.58
CA THR A 458 -33.20 -24.87 -60.35
C THR A 458 -32.22 -24.50 -59.23
N ASN A 459 -32.63 -23.54 -58.41
CA ASN A 459 -31.88 -23.17 -57.22
C ASN A 459 -32.77 -22.36 -56.29
N GLU A 460 -32.68 -22.64 -54.99
CA GLU A 460 -33.44 -21.87 -54.00
C GLU A 460 -33.24 -20.38 -54.19
N LEU A 461 -32.03 -19.96 -54.57
CA LEU A 461 -31.77 -18.55 -54.81
C LEU A 461 -32.27 -18.08 -56.17
N THR A 462 -32.26 -18.95 -57.16
CA THR A 462 -32.97 -18.63 -58.39
C THR A 462 -34.46 -18.45 -58.11
N ASN A 463 -35.04 -19.34 -57.30
CA ASN A 463 -36.42 -19.18 -56.89
C ASN A 463 -36.62 -17.84 -56.18
N TRP A 464 -35.68 -17.48 -55.33
CA TRP A 464 -35.77 -16.21 -54.61
C TRP A 464 -35.75 -15.03 -55.57
N ARG A 465 -34.86 -15.09 -56.55
CA ARG A 465 -34.81 -14.06 -57.57
C ARG A 465 -36.15 -13.98 -58.30
N ALA A 466 -36.75 -15.14 -58.56
CA ALA A 466 -38.07 -15.14 -59.17
C ALA A 466 -39.06 -14.37 -58.30
N ARG A 467 -39.12 -14.73 -57.02
CA ARG A 467 -40.01 -14.06 -56.09
C ARG A 467 -39.82 -12.55 -56.14
N VAL A 468 -38.56 -12.11 -56.14
CA VAL A 468 -38.30 -10.69 -55.95
C VAL A 468 -38.62 -9.92 -57.22
N CYS A 469 -38.31 -10.49 -58.38
CA CYS A 469 -38.72 -9.85 -59.62
C CYS A 469 -40.24 -9.75 -59.68
N GLU A 470 -40.93 -10.80 -59.21
CA GLU A 470 -42.39 -10.77 -59.17
C GLU A 470 -42.90 -9.61 -58.32
N LEU A 471 -42.36 -9.49 -57.11
CA LEU A 471 -42.78 -8.41 -56.23
C LEU A 471 -42.49 -7.05 -56.85
N MET A 472 -41.31 -6.93 -57.47
CA MET A 472 -40.92 -5.68 -58.11
C MET A 472 -41.93 -5.28 -59.18
N LYS A 473 -42.32 -6.23 -60.03
CA LYS A 473 -43.30 -5.91 -61.05
C LYS A 473 -44.65 -5.57 -60.43
N ASN A 474 -45.06 -6.33 -59.41
CA ASN A 474 -46.25 -5.98 -58.65
C ASN A 474 -46.26 -4.52 -58.26
N LEU A 475 -45.10 -3.99 -57.90
CA LEU A 475 -45.08 -2.69 -57.28
C LEU A 475 -44.80 -1.53 -58.23
N VAL A 476 -43.81 -1.65 -59.11
CA VAL A 476 -43.42 -0.52 -59.96
C VAL A 476 -44.59 0.00 -60.78
N ASP A 477 -45.51 -0.89 -61.14
CA ASP A 477 -46.66 -0.52 -61.95
C ASP A 477 -47.67 0.31 -61.17
N ASN A 478 -47.34 0.75 -59.96
CA ASN A 478 -48.30 1.34 -59.04
C ASN A 478 -48.87 2.65 -59.57
N GLN A 479 -50.08 2.96 -59.11
CA GLN A 479 -50.74 4.19 -59.53
C GLN A 479 -50.13 5.40 -58.84
N ARG A 480 -49.32 5.19 -57.80
CA ARG A 480 -48.62 6.30 -57.17
C ARG A 480 -47.26 6.50 -57.82
N TYR A 481 -46.74 5.45 -58.45
CA TYR A 481 -45.56 5.58 -59.30
C TYR A 481 -45.84 6.58 -60.42
N GLN A 482 -46.89 6.32 -61.18
CA GLN A 482 -47.33 7.08 -62.34
C GLN A 482 -47.23 8.58 -62.16
N PRO A 483 -47.83 9.20 -61.11
CA PRO A 483 -47.73 10.65 -60.98
C PRO A 483 -46.30 11.09 -60.73
N GLY A 484 -45.54 10.24 -60.06
CA GLY A 484 -44.14 10.53 -59.86
C GLY A 484 -43.33 10.16 -61.09
N TRP A 485 -43.99 9.68 -62.14
CA TRP A 485 -43.25 9.08 -63.23
C TRP A 485 -43.92 9.20 -64.60
N THR A 486 -43.46 8.40 -65.55
CA THR A 486 -44.06 8.27 -66.87
C THR A 486 -44.45 6.81 -67.06
N GLN A 487 -45.35 6.55 -68.00
CA GLN A 487 -46.01 5.25 -68.07
C GLN A 487 -45.27 4.24 -68.95
N SER A 488 -44.81 4.66 -70.13
CA SER A 488 -43.96 3.79 -70.93
C SER A 488 -42.67 3.45 -70.20
N LEU A 489 -42.27 4.32 -69.27
CA LEU A 489 -41.20 4.00 -68.34
C LEU A 489 -41.42 2.67 -67.63
N VAL A 490 -42.61 2.43 -67.07
CA VAL A 490 -42.84 1.21 -66.31
C VAL A 490 -42.89 0.01 -67.25
N SER A 491 -43.35 0.24 -68.47
CA SER A 491 -43.27 -0.76 -69.53
C SER A 491 -41.83 -1.22 -69.71
N SER A 492 -40.93 -0.26 -69.95
CA SER A 492 -39.53 -0.59 -70.08
C SER A 492 -38.97 -1.16 -68.79
N MET A 493 -39.59 -0.82 -67.65
CA MET A 493 -39.18 -1.40 -66.38
C MET A 493 -39.35 -2.91 -66.40
N ARG A 494 -40.54 -3.37 -66.77
CA ARG A 494 -40.75 -4.80 -66.87
C ARG A 494 -39.91 -5.40 -68.00
N GLY A 495 -39.76 -4.66 -69.09
CA GLY A 495 -38.88 -5.09 -70.16
C GLY A 495 -37.46 -5.34 -69.67
N THR A 496 -37.05 -4.60 -68.65
CA THR A 496 -35.78 -4.86 -68.00
C THR A 496 -35.88 -6.09 -67.11
N LEU A 497 -36.79 -6.05 -66.14
CA LEU A 497 -36.87 -7.10 -65.11
C LEU A 497 -36.96 -8.49 -65.68
N ASP A 498 -37.58 -8.66 -66.85
CA ASP A 498 -37.69 -10.01 -67.40
C ASP A 498 -36.32 -10.54 -67.78
N LYS A 499 -35.56 -9.77 -68.58
CA LYS A 499 -34.21 -10.20 -68.91
C LYS A 499 -33.36 -10.28 -67.66
N LEU A 500 -33.70 -9.49 -66.64
CA LEU A 500 -33.01 -9.61 -65.36
C LEU A 500 -33.19 -10.99 -64.76
N LYS A 501 -34.44 -11.36 -64.46
CA LYS A 501 -34.71 -12.66 -63.88
C LYS A 501 -34.29 -13.80 -64.80
N LEU A 502 -34.03 -13.50 -66.06
CA LEU A 502 -33.62 -14.49 -67.04
C LEU A 502 -32.25 -14.15 -67.62
N ILE A 503 -31.31 -13.77 -66.75
CA ILE A 503 -29.96 -13.45 -67.20
C ILE A 503 -29.06 -14.69 -67.08
N LYS A 504 -27.93 -14.64 -67.79
CA LYS A 504 -27.04 -15.79 -67.92
C LYS A 504 -26.09 -15.87 -66.71
N SER A 505 -26.08 -17.01 -66.04
CA SER A 505 -25.23 -17.15 -64.86
C SER A 505 -24.91 -18.60 -64.49
N MET A 506 -23.67 -19.03 -64.72
CA MET A 506 -23.22 -20.31 -64.20
C MET A 506 -22.93 -20.24 -62.71
N THR A 507 -23.26 -19.14 -62.08
CA THR A 507 -23.02 -19.00 -60.66
C THR A 507 -23.83 -20.03 -59.89
N PRO A 508 -25.16 -19.91 -59.87
CA PRO A 508 -25.91 -20.60 -58.81
C PRO A 508 -25.75 -22.11 -58.84
N MET A 509 -25.55 -22.68 -60.02
CA MET A 509 -25.34 -24.13 -60.11
C MET A 509 -24.05 -24.54 -59.42
N TYR A 510 -22.94 -23.91 -59.79
CA TYR A 510 -21.68 -24.17 -59.13
C TYR A 510 -21.79 -23.93 -57.64
N LEU A 511 -22.53 -22.91 -57.25
CA LEU A 511 -22.71 -22.63 -55.83
C LEU A 511 -23.40 -23.79 -55.14
N GLN A 512 -24.66 -24.00 -55.47
CA GLN A 512 -25.54 -24.99 -54.85
C GLN A 512 -24.94 -26.39 -54.92
N GLN A 513 -24.15 -26.66 -55.95
CA GLN A 513 -23.71 -28.02 -56.17
C GLN A 513 -22.20 -28.15 -56.16
N LEU A 514 -21.50 -27.33 -56.91
CA LEU A 514 -20.08 -27.50 -57.06
C LEU A 514 -19.29 -26.95 -55.90
N ALA A 515 -19.62 -25.75 -55.45
CA ALA A 515 -18.93 -25.11 -54.34
C ALA A 515 -18.78 -26.05 -53.15
N PRO A 516 -19.87 -26.62 -52.61
CA PRO A 516 -19.78 -27.25 -51.28
C PRO A 516 -18.69 -28.31 -51.15
N VAL A 517 -18.56 -29.16 -52.14
CA VAL A 517 -17.53 -30.18 -52.11
C VAL A 517 -16.17 -29.49 -52.15
N GLU A 518 -16.08 -28.43 -52.95
CA GLU A 518 -14.81 -27.75 -53.09
C GLU A 518 -14.44 -27.09 -51.77
N LEU A 519 -15.45 -26.67 -51.02
CA LEU A 519 -15.18 -26.24 -49.67
C LEU A 519 -14.63 -27.38 -48.86
N ALA A 520 -15.30 -28.53 -48.94
CA ALA A 520 -14.84 -29.70 -48.22
C ALA A 520 -13.45 -30.12 -48.67
N VAL A 521 -12.96 -29.55 -49.76
CA VAL A 521 -11.70 -30.02 -50.35
C VAL A 521 -10.54 -29.81 -49.38
N ILE A 522 -10.51 -28.68 -48.68
CA ILE A 522 -9.31 -28.35 -47.91
C ILE A 522 -9.08 -29.49 -46.91
N ALA A 523 -10.04 -29.80 -46.04
CA ALA A 523 -10.77 -28.86 -45.22
C ALA A 523 -10.81 -29.37 -43.79
N PRO A 524 -9.77 -30.08 -43.36
CA PRO A 524 -9.13 -29.79 -42.07
C PRO A 524 -7.81 -29.03 -42.20
N MET A 525 -7.37 -28.76 -43.41
CA MET A 525 -5.98 -28.43 -43.68
C MET A 525 -5.66 -27.00 -43.33
N LEU A 526 -6.45 -26.43 -42.45
CA LEU A 526 -6.78 -25.23 -41.70
C LEU A 526 -5.81 -25.04 -40.56
N PRO A 527 -4.91 -24.06 -40.69
CA PRO A 527 -3.97 -23.80 -39.59
C PRO A 527 -4.70 -23.60 -38.29
N PHE A 528 -5.60 -22.65 -38.22
CA PHE A 528 -6.56 -22.68 -37.15
C PHE A 528 -7.70 -23.58 -37.58
N PRO A 529 -7.97 -24.65 -36.86
CA PRO A 529 -9.20 -25.39 -37.08
C PRO A 529 -10.39 -24.51 -36.74
N PRO A 530 -11.24 -24.22 -37.73
CA PRO A 530 -12.38 -23.33 -37.50
C PRO A 530 -13.38 -23.92 -36.52
N PHE A 531 -14.38 -23.12 -36.18
CA PHE A 531 -15.49 -23.60 -35.37
C PHE A 531 -16.79 -23.01 -35.89
N GLN A 532 -17.89 -23.71 -35.64
CA GLN A 532 -19.21 -23.25 -35.98
C GLN A 532 -20.21 -23.81 -34.99
N VAL A 533 -21.44 -23.29 -35.04
CA VAL A 533 -22.48 -23.62 -34.07
C VAL A 533 -23.74 -23.97 -34.85
N PRO A 534 -24.61 -24.84 -34.32
CA PRO A 534 -25.86 -25.16 -35.01
C PRO A 534 -26.61 -23.92 -35.52
N TYR A 535 -27.34 -24.11 -36.61
CA TYR A 535 -27.95 -23.01 -37.35
C TYR A 535 -29.27 -22.57 -36.70
N VAL A 536 -29.70 -21.37 -37.09
CA VAL A 536 -30.97 -20.78 -36.66
C VAL A 536 -31.61 -20.09 -37.84
N ARG A 537 -32.82 -20.51 -38.21
CA ARG A 537 -33.60 -19.82 -39.22
C ARG A 537 -34.75 -19.03 -38.64
N LEU A 538 -35.27 -19.43 -37.48
CA LEU A 538 -36.43 -18.81 -36.89
C LEU A 538 -36.30 -18.88 -35.38
N ASP A 539 -37.42 -18.64 -34.69
CA ASP A 539 -37.54 -19.03 -33.30
C ASP A 539 -36.43 -18.44 -32.44
N ARG A 540 -36.53 -17.13 -32.21
CA ARG A 540 -35.51 -16.39 -31.46
C ARG A 540 -34.97 -17.16 -30.26
N ASP A 541 -35.81 -17.98 -29.61
CA ASP A 541 -35.40 -18.66 -28.38
C ASP A 541 -34.07 -19.39 -28.51
N ARG A 542 -33.65 -19.71 -29.72
CA ARG A 542 -32.36 -20.35 -29.91
C ARG A 542 -31.23 -19.33 -30.05
N VAL A 543 -31.56 -18.04 -30.09
CA VAL A 543 -30.52 -17.03 -30.27
C VAL A 543 -29.54 -17.18 -29.12
N PRO A 544 -28.29 -17.49 -29.42
CA PRO A 544 -27.33 -17.77 -28.35
C PRO A 544 -27.11 -16.56 -27.46
N THR A 545 -26.43 -16.78 -26.33
CA THR A 545 -26.18 -15.73 -25.37
C THR A 545 -24.71 -15.34 -25.33
N MET A 546 -23.84 -16.28 -24.99
CA MET A 546 -22.40 -16.03 -24.84
C MET A 546 -21.73 -17.36 -24.55
N VAL A 547 -20.50 -17.50 -25.02
CA VAL A 547 -19.66 -18.65 -24.71
C VAL A 547 -18.73 -18.25 -23.58
N GLY A 548 -19.08 -18.66 -22.36
CA GLY A 548 -18.25 -18.39 -21.20
C GLY A 548 -17.24 -19.50 -21.04
N VAL A 549 -15.99 -19.11 -20.88
CA VAL A 549 -14.88 -20.04 -20.70
C VAL A 549 -14.27 -19.83 -19.34
N THR A 550 -14.18 -20.91 -18.57
CA THR A 550 -13.40 -20.90 -17.35
C THR A 550 -12.03 -21.48 -17.63
N ARG A 551 -11.03 -20.86 -17.03
CA ARG A 551 -9.69 -21.39 -17.00
C ARG A 551 -9.18 -21.21 -15.58
N GLN A 552 -10.08 -20.76 -14.71
CA GLN A 552 -9.82 -20.55 -13.30
C GLN A 552 -11.13 -20.59 -12.54
N SER A 553 -11.12 -20.00 -11.35
CA SER A 553 -12.29 -19.90 -10.47
C SER A 553 -12.63 -18.43 -10.16
N ARG A 554 -13.51 -18.24 -9.18
CA ARG A 554 -14.01 -16.94 -8.77
C ARG A 554 -13.08 -16.33 -7.71
N ASP A 555 -13.31 -15.03 -7.41
CA ASP A 555 -12.49 -14.36 -6.40
C ASP A 555 -12.59 -15.05 -5.05
N ALA A 556 -13.79 -15.10 -4.47
CA ALA A 556 -13.99 -15.71 -3.17
C ALA A 556 -14.45 -17.16 -3.26
N ILE A 557 -14.58 -17.71 -4.46
CA ILE A 557 -15.06 -19.07 -4.67
C ILE A 557 -14.04 -19.83 -5.49
N THR A 558 -13.37 -20.80 -4.86
CA THR A 558 -12.41 -21.66 -5.53
C THR A 558 -13.07 -22.68 -6.43
N GLN A 559 -14.40 -22.70 -6.46
CA GLN A 559 -15.12 -23.66 -7.29
C GLN A 559 -15.24 -23.13 -8.71
N PRO A 560 -15.19 -23.98 -9.72
CA PRO A 560 -15.48 -23.53 -11.09
C PRO A 560 -16.95 -23.21 -11.29
N ALA A 561 -17.79 -24.14 -10.81
CA ALA A 561 -19.22 -24.16 -11.14
C ALA A 561 -19.94 -22.90 -10.68
N LEU A 562 -19.34 -22.10 -9.80
CA LEU A 562 -19.90 -20.80 -9.43
C LEU A 562 -19.23 -19.65 -10.16
N SER A 563 -17.91 -19.71 -10.35
CA SER A 563 -17.23 -18.69 -11.13
C SER A 563 -17.64 -18.65 -12.59
N LEU A 564 -18.39 -19.67 -13.04
CA LEU A 564 -18.77 -19.78 -14.44
C LEU A 564 -19.21 -18.44 -15.02
N SER A 565 -20.11 -17.74 -14.32
CA SER A 565 -20.56 -16.44 -14.79
C SER A 565 -19.45 -15.41 -14.80
N THR A 566 -18.42 -15.61 -13.98
CA THR A 566 -17.36 -14.64 -13.82
C THR A 566 -16.24 -14.83 -14.83
N THR A 567 -15.91 -16.06 -15.16
CA THR A 567 -14.82 -16.36 -16.09
C THR A 567 -15.49 -16.64 -17.43
N ASN A 568 -15.55 -15.62 -18.27
CA ASN A 568 -16.36 -15.67 -19.48
C ASN A 568 -15.87 -14.57 -20.41
N THR A 569 -15.90 -14.86 -21.71
CA THR A 569 -15.19 -14.03 -22.68
C THR A 569 -16.09 -13.69 -23.86
N THR A 570 -15.76 -12.57 -24.51
CA THR A 570 -16.48 -12.07 -25.67
C THR A 570 -16.76 -13.16 -26.68
N VAL A 571 -17.86 -13.01 -27.43
CA VAL A 571 -18.27 -13.97 -28.42
C VAL A 571 -18.77 -13.23 -29.65
N GLY A 572 -18.37 -13.72 -30.83
CA GLY A 572 -18.81 -13.13 -32.07
C GLY A 572 -18.12 -11.83 -32.40
N VAL A 573 -17.89 -11.58 -33.69
CA VAL A 573 -17.29 -10.33 -34.14
C VAL A 573 -18.01 -9.86 -35.40
N PRO A 574 -18.15 -8.55 -35.61
CA PRO A 574 -18.79 -8.06 -36.84
C PRO A 574 -17.81 -7.95 -38.00
N LEU A 575 -18.21 -8.37 -39.20
CA LEU A 575 -17.32 -8.31 -40.35
C LEU A 575 -18.11 -7.85 -41.57
N ALA A 576 -17.95 -6.59 -41.94
CA ALA A 576 -18.83 -5.95 -42.90
C ALA A 576 -18.37 -6.20 -44.33
N LEU A 577 -19.33 -6.57 -45.17
CA LEU A 577 -19.10 -6.97 -46.54
C LEU A 577 -20.03 -6.18 -47.46
N ASP A 578 -19.68 -6.15 -48.75
CA ASP A 578 -20.42 -5.39 -49.76
C ASP A 578 -21.07 -6.33 -50.77
N ALA A 579 -22.22 -5.91 -51.29
CA ALA A 579 -23.03 -6.80 -52.13
C ALA A 579 -22.66 -6.69 -53.60
N ARG A 580 -21.82 -5.73 -53.97
CA ARG A 580 -21.58 -5.47 -55.39
C ARG A 580 -21.07 -6.71 -56.09
N ALA A 581 -19.85 -7.14 -55.77
CA ALA A 581 -19.27 -8.31 -56.41
C ALA A 581 -20.16 -9.53 -56.22
N ILE A 582 -20.90 -9.58 -55.12
CA ILE A 582 -21.84 -10.67 -54.88
C ILE A 582 -22.83 -10.79 -56.01
N THR A 583 -23.65 -9.76 -56.20
CA THR A 583 -24.62 -9.79 -57.29
C THR A 583 -23.92 -9.96 -58.63
N VAL A 584 -22.84 -9.18 -58.84
CA VAL A 584 -21.99 -9.33 -60.01
C VAL A 584 -21.78 -10.78 -60.37
N ALA A 585 -21.46 -11.60 -59.38
CA ALA A 585 -21.22 -13.02 -59.65
C ALA A 585 -22.53 -13.77 -59.83
N LEU A 586 -23.45 -13.64 -58.87
CA LEU A 586 -24.67 -14.44 -58.92
C LEU A 586 -25.37 -14.32 -60.26
N LEU A 587 -25.53 -13.10 -60.76
CA LEU A 587 -26.21 -12.87 -62.01
C LEU A 587 -25.37 -13.24 -63.21
N SER A 588 -24.14 -13.71 -62.97
CA SER A 588 -23.26 -14.01 -64.07
C SER A 588 -22.17 -14.98 -63.65
N GLY A 589 -22.36 -16.27 -63.94
CA GLY A 589 -21.32 -17.24 -63.76
C GLY A 589 -20.68 -17.55 -65.10
N LYS A 590 -19.36 -17.49 -65.12
CA LYS A 590 -18.63 -17.63 -66.38
C LYS A 590 -17.55 -18.67 -66.15
N TYR A 591 -17.88 -19.92 -66.44
CA TYR A 591 -16.97 -21.02 -66.17
C TYR A 591 -16.70 -21.78 -67.45
N PRO A 592 -15.46 -21.86 -67.88
CA PRO A 592 -15.12 -22.72 -69.01
C PRO A 592 -15.33 -24.17 -68.61
N PRO A 593 -15.56 -25.04 -69.57
CA PRO A 593 -15.76 -26.47 -69.28
C PRO A 593 -14.43 -27.18 -69.06
N ASP A 594 -13.60 -26.59 -68.19
CA ASP A 594 -12.21 -26.98 -68.07
C ASP A 594 -11.84 -27.62 -66.73
N LEU A 595 -12.62 -27.41 -65.67
CA LEU A 595 -12.29 -28.00 -64.38
C LEU A 595 -12.71 -29.46 -64.33
N VAL A 596 -11.92 -30.34 -64.92
CA VAL A 596 -12.23 -31.77 -64.88
C VAL A 596 -12.03 -32.21 -63.45
N THR A 597 -13.11 -32.28 -62.70
CA THR A 597 -13.08 -32.28 -61.24
C THR A 597 -11.99 -33.18 -60.68
N ASN A 598 -12.13 -34.48 -60.90
CA ASN A 598 -11.10 -35.42 -60.49
C ASN A 598 -9.74 -35.04 -61.05
N VAL A 599 -9.69 -34.64 -62.32
CA VAL A 599 -8.43 -34.25 -62.95
C VAL A 599 -8.06 -32.88 -62.41
N TRP A 600 -8.89 -31.90 -62.73
CA TRP A 600 -8.57 -30.51 -62.49
C TRP A 600 -8.19 -30.21 -61.06
N TYR A 601 -9.07 -30.56 -60.13
CA TYR A 601 -8.93 -30.12 -58.76
C TYR A 601 -7.75 -30.81 -58.09
N ALA A 602 -7.74 -32.14 -58.08
CA ALA A 602 -6.60 -32.87 -57.55
C ALA A 602 -5.33 -32.45 -58.25
N ASP A 603 -5.44 -32.00 -59.49
CA ASP A 603 -4.32 -31.42 -60.21
C ASP A 603 -3.86 -30.13 -59.54
N ALA A 604 -4.81 -29.23 -59.28
CA ALA A 604 -4.53 -27.93 -58.70
C ALA A 604 -3.96 -28.06 -57.30
N ILE A 605 -4.25 -29.18 -56.64
CA ILE A 605 -3.93 -29.35 -55.23
C ILE A 605 -2.49 -29.80 -55.02
N TYR A 606 -2.12 -30.97 -55.53
CA TYR A 606 -0.90 -31.66 -55.12
C TYR A 606 0.32 -30.77 -54.97
N PRO A 607 0.68 -29.95 -55.95
CA PRO A 607 1.89 -29.14 -55.78
C PRO A 607 1.77 -28.27 -54.55
N MET A 608 0.58 -27.76 -54.30
CA MET A 608 0.34 -27.08 -53.03
C MET A 608 0.63 -28.02 -51.88
N TYR A 609 0.26 -29.28 -52.01
CA TYR A 609 0.55 -30.28 -51.00
C TYR A 609 2.03 -30.63 -51.08
N ALA A 610 2.85 -29.92 -50.33
CA ALA A 610 4.26 -30.23 -50.27
C ALA A 610 4.74 -30.29 -48.83
N ASP A 611 4.02 -29.62 -47.93
CA ASP A 611 4.50 -29.54 -46.55
C ASP A 611 3.35 -29.62 -45.56
N THR A 612 2.45 -30.59 -45.74
CA THR A 612 1.16 -30.59 -45.04
C THR A 612 1.30 -30.26 -43.56
N GLU A 613 0.69 -29.14 -43.18
CA GLU A 613 0.87 -28.45 -41.92
C GLU A 613 0.25 -29.23 -40.76
N VAL A 614 -0.77 -30.00 -41.08
CA VAL A 614 -1.51 -30.75 -40.08
C VAL A 614 -0.49 -31.54 -39.27
N PHE A 615 0.54 -32.01 -39.95
CA PHE A 615 1.70 -32.62 -39.31
C PHE A 615 2.20 -31.67 -38.24
N SER A 616 2.56 -30.46 -38.64
CA SER A 616 2.92 -29.43 -37.69
C SER A 616 1.76 -29.11 -36.76
N ASN A 617 0.54 -29.15 -37.29
CA ASN A 617 -0.62 -28.86 -36.45
C ASN A 617 -0.77 -29.92 -35.37
N LEU A 618 -0.72 -31.19 -35.76
CA LEU A 618 -0.94 -32.26 -34.80
C LEU A 618 0.11 -32.25 -33.70
N GLN A 619 1.39 -32.27 -34.08
CA GLN A 619 2.46 -32.18 -33.09
C GLN A 619 2.30 -30.93 -32.24
N ARG A 620 1.97 -29.82 -32.90
CA ARG A 620 1.74 -28.56 -32.22
C ARG A 620 0.78 -28.72 -31.07
N ASP A 621 -0.41 -29.23 -31.37
CA ASP A 621 -1.46 -29.33 -30.37
C ASP A 621 -1.10 -30.35 -29.30
N MET A 622 -0.47 -31.45 -29.71
CA MET A 622 -0.15 -32.49 -28.75
C MET A 622 0.81 -31.96 -27.71
N ILE A 623 1.96 -31.46 -28.16
CA ILE A 623 2.94 -30.93 -27.23
C ILE A 623 2.33 -29.79 -26.43
N THR A 624 1.42 -29.04 -27.06
CA THR A 624 0.71 -27.98 -26.38
C THR A 624 0.03 -28.50 -25.13
N CYS A 625 -0.91 -29.41 -25.32
CA CYS A 625 -1.67 -29.95 -24.20
C CYS A 625 -0.76 -30.61 -23.17
N GLU A 626 0.30 -31.27 -23.64
CA GLU A 626 1.24 -31.87 -22.69
C GLU A 626 1.87 -30.81 -21.79
N ALA A 627 2.34 -29.72 -22.38
CA ALA A 627 2.86 -28.62 -21.59
C ALA A 627 1.83 -28.17 -20.59
N VAL A 628 0.62 -27.88 -21.07
CA VAL A 628 -0.44 -27.34 -20.22
C VAL A 628 -0.66 -28.23 -19.01
N GLN A 629 -0.72 -29.55 -19.24
CA GLN A 629 -0.87 -30.47 -18.13
C GLN A 629 0.28 -30.34 -17.17
N THR A 630 1.51 -30.44 -17.69
CA THR A 630 2.68 -30.34 -16.84
C THR A 630 2.58 -29.10 -15.96
N LEU A 631 1.97 -28.04 -16.49
CA LEU A 631 1.81 -26.82 -15.74
C LEU A 631 0.80 -26.99 -14.62
N VAL A 632 -0.43 -27.34 -14.99
CA VAL A 632 -1.49 -27.49 -14.00
C VAL A 632 -1.09 -28.44 -12.90
N THR A 633 -0.07 -29.26 -13.14
CA THR A 633 0.47 -30.08 -12.07
C THR A 633 1.44 -29.31 -11.19
N LEU A 634 2.44 -28.66 -11.79
CA LEU A 634 3.52 -28.04 -11.03
C LEU A 634 3.02 -26.94 -10.14
N VAL A 635 2.03 -26.17 -10.61
CA VAL A 635 1.39 -25.15 -9.80
C VAL A 635 0.85 -25.74 -8.50
N ALA A 636 0.80 -27.07 -8.40
CA ALA A 636 0.43 -27.75 -7.17
C ALA A 636 1.53 -28.74 -6.79
N GLN A 637 2.48 -28.26 -6.00
CA GLN A 637 3.63 -29.02 -5.55
C GLN A 637 4.29 -28.14 -4.51
N ILE A 638 5.54 -28.40 -4.12
CA ILE A 638 6.39 -27.25 -3.88
C ILE A 638 6.07 -26.38 -5.08
N SER A 639 5.79 -25.09 -4.85
CA SER A 639 4.87 -24.30 -5.66
C SER A 639 3.42 -24.75 -5.48
N ASP A 640 2.90 -24.59 -4.27
CA ASP A 640 1.46 -24.71 -4.03
C ASP A 640 0.69 -23.74 -4.91
N THR A 641 -0.59 -24.02 -5.10
CA THR A 641 -1.52 -23.03 -5.62
C THR A 641 -2.63 -22.67 -4.63
N GLN A 642 -3.49 -23.62 -4.27
CA GLN A 642 -4.40 -23.42 -3.15
C GLN A 642 -4.70 -24.74 -2.43
N TYR A 643 -4.15 -25.85 -2.92
CA TYR A 643 -4.50 -27.14 -2.36
C TYR A 643 -3.25 -27.89 -1.91
N PRO A 644 -3.00 -27.99 -0.60
CA PRO A 644 -1.80 -28.67 -0.13
C PRO A 644 -1.83 -30.15 -0.47
N VAL A 645 -0.95 -30.54 -1.38
CA VAL A 645 -0.68 -31.93 -1.71
C VAL A 645 0.84 -32.06 -1.58
N ASP A 646 1.41 -33.20 -1.96
CA ASP A 646 2.81 -33.44 -1.64
C ASP A 646 3.70 -32.38 -2.23
N ARG A 647 4.17 -31.50 -1.35
CA ARG A 647 5.37 -30.73 -1.57
C ARG A 647 6.52 -31.55 -1.04
N TYR A 648 7.67 -31.50 -1.69
CA TYR A 648 8.76 -32.37 -1.31
C TYR A 648 9.90 -31.63 -0.65
N LEU A 649 10.47 -30.63 -1.32
CA LEU A 649 11.65 -29.96 -0.81
C LEU A 649 11.22 -28.63 -0.22
N ASP A 650 11.03 -28.66 1.09
CA ASP A 650 10.74 -27.47 1.85
C ASP A 650 11.65 -27.53 3.06
N TRP A 651 12.26 -28.69 3.24
CA TRP A 651 13.42 -28.77 4.08
C TRP A 651 14.53 -27.89 3.53
N ILE A 652 14.51 -27.67 2.22
CA ILE A 652 15.15 -26.47 1.68
C ILE A 652 14.29 -25.28 2.09
N PRO A 653 14.87 -24.28 2.75
CA PRO A 653 14.14 -23.03 2.95
C PRO A 653 14.15 -22.18 1.70
N SER A 654 12.99 -22.06 1.08
CA SER A 654 12.79 -21.12 -0.02
C SER A 654 11.47 -20.40 0.22
N LEU A 655 11.43 -19.15 -0.22
CA LEU A 655 10.31 -18.29 0.09
C LEU A 655 9.01 -18.85 -0.49
N ARG A 656 7.89 -18.53 0.16
CA ARG A 656 6.62 -19.16 -0.18
C ARG A 656 6.07 -18.68 -1.52
N ALA A 657 4.93 -19.24 -1.91
CA ALA A 657 4.40 -19.04 -3.24
C ALA A 657 3.93 -17.61 -3.45
N SER A 658 4.16 -17.10 -4.65
CA SER A 658 3.57 -15.86 -5.10
C SER A 658 3.39 -15.98 -6.60
N ALA A 659 2.25 -15.49 -7.07
CA ALA A 659 2.03 -15.45 -8.51
C ALA A 659 3.19 -14.78 -9.22
N ALA A 660 3.72 -13.70 -8.64
CA ALA A 660 4.91 -13.06 -9.20
C ALA A 660 6.03 -14.06 -9.36
N THR A 661 6.38 -14.74 -8.28
CA THR A 661 7.33 -15.84 -8.38
C THR A 661 6.82 -16.90 -9.33
N ALA A 662 5.53 -17.24 -9.25
CA ALA A 662 4.97 -18.24 -10.14
C ALA A 662 5.08 -17.79 -11.58
N ALA A 663 4.75 -16.53 -11.86
CA ALA A 663 4.85 -16.02 -13.22
C ALA A 663 6.29 -16.07 -13.69
N THR A 664 7.22 -15.72 -12.81
CA THR A 664 8.64 -15.80 -13.15
C THR A 664 8.99 -17.20 -13.60
N PHE A 665 8.73 -18.19 -12.75
CA PHE A 665 9.06 -19.56 -13.10
C PHE A 665 8.38 -19.96 -14.39
N ALA A 666 7.11 -19.63 -14.52
CA ALA A 666 6.35 -20.02 -15.70
C ALA A 666 6.94 -19.43 -16.96
N GLU A 667 7.51 -18.23 -16.85
CA GLU A 667 8.24 -17.68 -17.98
C GLU A 667 9.37 -18.60 -18.38
N TRP A 668 10.23 -18.95 -17.42
CA TRP A 668 11.33 -19.88 -17.69
C TRP A 668 10.81 -21.10 -18.41
N VAL A 669 9.71 -21.65 -17.90
CA VAL A 669 9.08 -22.78 -18.54
C VAL A 669 8.81 -22.46 -19.98
N ASN A 670 7.89 -21.54 -20.22
CA ASN A 670 7.40 -21.20 -21.55
C ASN A 670 8.57 -20.99 -22.49
N THR A 671 9.62 -20.35 -21.97
CA THR A 671 10.85 -20.16 -22.71
C THR A 671 11.39 -21.50 -23.19
N SER A 672 11.76 -22.34 -22.22
CA SER A 672 12.29 -23.66 -22.51
C SER A 672 11.38 -24.42 -23.47
N LEU A 673 10.08 -24.33 -23.22
CA LEU A 673 9.11 -25.02 -24.04
C LEU A 673 9.24 -24.58 -25.50
N LYS A 674 9.05 -23.30 -25.75
CA LYS A 674 9.16 -22.77 -27.10
C LYS A 674 10.46 -23.21 -27.74
N THR A 675 11.54 -23.26 -26.95
CA THR A 675 12.79 -23.75 -27.51
C THR A 675 12.67 -25.20 -27.94
N ALA A 676 11.97 -26.01 -27.15
CA ALA A 676 12.00 -27.47 -27.32
C ALA A 676 11.79 -27.90 -28.76
N PHE A 677 11.05 -27.12 -29.55
CA PHE A 677 11.02 -27.27 -30.99
C PHE A 677 11.08 -25.91 -31.68
N ASP A 678 11.71 -24.92 -31.05
CA ASP A 678 11.76 -23.55 -31.56
C ASP A 678 10.34 -23.05 -31.84
N LEU A 679 9.45 -23.42 -30.93
CA LEU A 679 8.07 -22.97 -30.96
C LEU A 679 8.04 -21.46 -30.86
N SER A 680 7.13 -20.86 -31.63
CA SER A 680 7.23 -19.43 -31.87
C SER A 680 5.89 -18.73 -31.78
N ASP A 681 4.84 -19.46 -31.43
CA ASP A 681 3.49 -18.92 -31.48
C ASP A 681 2.98 -18.74 -30.06
N MET A 682 1.73 -18.28 -29.94
CA MET A 682 1.15 -18.05 -28.63
C MET A 682 1.13 -19.34 -27.84
N LEU A 683 1.75 -19.31 -26.67
CA LEU A 683 1.95 -20.54 -25.93
C LEU A 683 1.93 -20.24 -24.45
N LEU A 684 0.79 -20.49 -23.79
CA LEU A 684 0.64 -20.34 -22.35
C LEU A 684 0.80 -18.88 -21.95
N GLU A 685 1.17 -18.10 -22.93
CA GLU A 685 1.11 -16.66 -22.97
C GLU A 685 -0.30 -16.19 -22.63
N PRO A 686 -1.35 -16.82 -23.15
CA PRO A 686 -2.71 -16.46 -22.68
C PRO A 686 -3.00 -16.92 -21.25
N LEU A 687 -2.14 -17.74 -20.66
CA LEU A 687 -2.45 -18.24 -19.31
C LEU A 687 -1.82 -17.39 -18.24
N LEU A 688 -0.53 -17.12 -18.33
CA LEU A 688 0.07 -16.09 -17.51
C LEU A 688 -0.56 -14.73 -17.78
N SER A 689 -1.18 -14.57 -18.94
CA SER A 689 -2.21 -13.56 -19.12
C SER A 689 -3.33 -13.92 -18.16
N GLY A 690 -3.39 -13.21 -17.05
CA GLY A 690 -4.22 -13.66 -15.95
C GLY A 690 -3.45 -14.60 -15.05
N ASP A 691 -4.07 -14.94 -13.95
CA ASP A 691 -3.40 -15.77 -12.97
C ASP A 691 -3.67 -17.23 -13.23
N PRO A 692 -2.66 -17.99 -13.60
CA PRO A 692 -2.83 -19.43 -13.70
C PRO A 692 -2.76 -20.10 -12.34
N ARG A 693 -3.43 -19.54 -11.34
CA ARG A 693 -3.34 -20.09 -10.00
C ARG A 693 -4.60 -20.83 -9.58
N MET A 694 -5.76 -20.48 -10.13
CA MET A 694 -7.00 -21.12 -9.73
C MET A 694 -7.58 -21.95 -10.87
N THR A 695 -6.69 -22.55 -11.66
CA THR A 695 -7.03 -23.07 -12.98
C THR A 695 -8.13 -24.11 -12.94
N GLN A 696 -9.19 -23.83 -13.68
CA GLN A 696 -10.31 -24.75 -13.85
C GLN A 696 -10.87 -24.58 -15.24
N LEU A 697 -10.65 -25.55 -16.11
CA LEU A 697 -10.94 -25.36 -17.53
C LEU A 697 -12.27 -25.99 -17.91
N ALA A 698 -13.06 -25.24 -18.67
CA ALA A 698 -14.29 -25.68 -19.31
C ALA A 698 -14.84 -24.50 -20.10
N ILE A 699 -15.91 -24.75 -20.85
CA ILE A 699 -16.55 -23.70 -21.61
C ILE A 699 -18.03 -24.03 -21.74
N GLN A 700 -18.78 -23.06 -22.24
CA GLN A 700 -20.21 -23.23 -22.37
C GLN A 700 -20.75 -22.15 -23.31
N TYR A 701 -21.89 -22.46 -23.94
CA TYR A 701 -22.68 -21.47 -24.63
C TYR A 701 -24.15 -21.69 -24.30
N GLN A 702 -24.89 -20.58 -24.28
CA GLN A 702 -26.29 -20.62 -23.91
C GLN A 702 -27.08 -19.81 -24.91
N GLN A 703 -28.38 -20.08 -25.00
CA GLN A 703 -29.19 -19.43 -26.01
C GLN A 703 -30.34 -18.67 -25.39
N TYR A 704 -31.12 -18.03 -26.28
CA TYR A 704 -32.24 -17.20 -25.87
C TYR A 704 -33.24 -17.99 -25.04
N ASN A 705 -33.40 -19.28 -25.35
CA ASN A 705 -34.20 -20.14 -24.50
C ASN A 705 -33.47 -20.50 -23.21
N GLY A 706 -32.39 -19.79 -22.88
CA GLY A 706 -31.63 -20.06 -21.68
C GLY A 706 -30.90 -21.37 -21.69
N ARG A 707 -30.81 -22.04 -22.84
CA ARG A 707 -30.32 -23.39 -22.89
C ARG A 707 -28.79 -23.40 -22.86
N THR A 708 -28.24 -23.97 -21.79
CA THR A 708 -26.82 -23.93 -21.50
C THR A 708 -26.17 -25.23 -21.97
N PHE A 709 -24.90 -25.13 -22.37
CA PHE A 709 -24.22 -26.23 -23.03
C PHE A 709 -22.76 -26.31 -22.62
N ASP A 710 -22.45 -27.21 -21.70
CA ASP A 710 -21.10 -27.32 -21.17
C ASP A 710 -20.23 -28.23 -22.02
N VAL A 711 -18.95 -27.90 -22.05
CA VAL A 711 -17.91 -28.78 -22.53
C VAL A 711 -16.75 -28.69 -21.55
N ILE A 712 -16.33 -29.84 -21.05
CA ILE A 712 -15.37 -29.91 -19.95
C ILE A 712 -14.15 -30.68 -20.46
N PRO A 713 -12.99 -30.07 -20.52
CA PRO A 713 -11.81 -30.78 -21.04
C PRO A 713 -11.24 -31.79 -20.05
N GLU A 714 -10.25 -32.56 -20.50
CA GLU A 714 -9.56 -33.54 -19.68
C GLU A 714 -8.22 -33.86 -20.31
N MET A 715 -7.19 -33.95 -19.47
CA MET A 715 -5.83 -34.22 -19.94
C MET A 715 -5.31 -35.52 -19.34
N PRO A 716 -4.63 -36.36 -20.12
CA PRO A 716 -4.11 -37.63 -19.60
C PRO A 716 -2.76 -37.56 -18.91
N GLY A 717 -2.21 -36.38 -18.62
CA GLY A 717 -1.00 -36.30 -17.84
C GLY A 717 0.25 -35.92 -18.62
N SER A 718 1.39 -35.97 -17.93
CA SER A 718 2.67 -35.55 -18.47
C SER A 718 3.74 -36.57 -18.12
N VAL A 719 4.30 -37.19 -19.15
CA VAL A 719 5.35 -38.18 -18.97
C VAL A 719 6.55 -37.49 -18.33
N ILE A 720 6.77 -36.25 -18.75
CA ILE A 720 7.79 -35.41 -18.17
C ILE A 720 7.56 -35.36 -16.67
N ALA A 721 6.43 -34.80 -16.27
CA ALA A 721 6.12 -34.64 -14.86
C ALA A 721 6.41 -35.91 -14.08
N ASP A 722 6.09 -37.06 -14.68
CA ASP A 722 6.45 -38.34 -14.07
C ASP A 722 7.94 -38.40 -13.81
N CYS A 723 8.73 -38.49 -14.88
CA CYS A 723 10.17 -38.65 -14.72
C CYS A 723 10.73 -37.64 -13.75
N VAL A 724 10.28 -36.40 -13.87
CA VAL A 724 10.88 -35.30 -13.12
C VAL A 724 10.59 -35.46 -11.64
N GLN A 725 9.35 -35.84 -11.30
CA GLN A 725 9.09 -36.13 -9.91
C GLN A 725 9.93 -37.27 -9.41
N LEU A 726 10.08 -38.32 -10.21
CA LEU A 726 10.84 -39.48 -9.79
C LEU A 726 12.25 -39.05 -9.41
N THR A 727 12.93 -38.43 -10.37
CA THR A 727 14.26 -37.91 -10.13
C THR A 727 14.30 -36.96 -8.95
N ALA A 728 13.26 -36.15 -8.77
CA ALA A 728 13.24 -35.21 -7.67
C ALA A 728 13.32 -35.93 -6.34
N GLU A 729 12.46 -36.93 -6.15
CA GLU A 729 12.57 -37.75 -4.96
C GLU A 729 13.96 -38.34 -4.82
N VAL A 730 14.47 -38.98 -5.87
CA VAL A 730 15.78 -39.62 -5.76
C VAL A 730 16.82 -38.61 -5.33
N PHE A 731 16.64 -37.35 -5.72
CA PHE A 731 17.66 -36.35 -5.49
C PHE A 731 17.97 -36.19 -4.02
N ASN A 732 16.93 -36.19 -3.17
CA ASN A 732 17.06 -35.75 -1.79
C ASN A 732 18.28 -36.31 -1.10
N HIS A 733 18.77 -37.47 -1.52
CA HIS A 733 19.91 -38.09 -0.90
C HIS A 733 21.21 -37.79 -1.62
N GLU A 734 21.15 -37.21 -2.81
CA GLU A 734 22.34 -36.94 -3.60
C GLU A 734 22.67 -35.46 -3.65
N TYR A 735 21.91 -34.66 -2.89
CA TYR A 735 22.10 -33.21 -2.84
C TYR A 735 23.57 -32.81 -2.87
N ASN A 736 24.42 -33.59 -2.21
CA ASN A 736 25.85 -33.33 -2.18
C ASN A 736 26.40 -33.06 -3.57
N LEU A 737 25.83 -33.73 -4.58
CA LEU A 737 26.36 -33.62 -5.93
C LEU A 737 25.94 -32.33 -6.61
N PHE A 738 25.52 -31.33 -5.85
CA PHE A 738 24.81 -30.19 -6.42
C PHE A 738 25.30 -28.86 -5.90
N GLY A 739 26.43 -28.83 -5.20
CA GLY A 739 26.95 -27.55 -4.73
C GLY A 739 26.06 -26.87 -3.73
N ILE A 740 25.02 -27.56 -3.28
CA ILE A 740 24.11 -27.07 -2.25
C ILE A 740 24.09 -28.10 -1.13
N ALA A 741 24.14 -27.62 0.10
CA ALA A 741 24.29 -28.47 1.27
C ALA A 741 23.12 -28.29 2.23
N ARG A 742 22.78 -29.39 2.89
CA ARG A 742 21.85 -29.41 4.00
C ARG A 742 22.58 -29.01 5.28
N GLY A 743 21.81 -28.50 6.23
CA GLY A 743 22.39 -28.06 7.49
C GLY A 743 22.68 -26.58 7.54
N ASP A 744 23.79 -26.22 8.17
CA ASP A 744 24.29 -24.85 8.29
C ASP A 744 25.81 -24.87 8.26
N ILE A 745 26.41 -23.78 8.72
CA ILE A 745 27.84 -23.70 8.95
C ILE A 745 28.08 -23.15 10.35
N ILE A 746 29.22 -23.54 10.91
CA ILE A 746 29.71 -23.01 12.18
C ILE A 746 30.92 -22.16 11.86
N ILE A 747 31.02 -20.99 12.49
CA ILE A 747 31.93 -19.97 12.05
C ILE A 747 32.68 -19.42 13.25
N GLY A 748 33.99 -19.63 13.27
CA GLY A 748 34.87 -19.00 14.22
C GLY A 748 36.29 -19.41 13.91
N ARG A 749 37.23 -18.48 14.09
CA ARG A 749 38.60 -18.76 13.68
C ARG A 749 39.18 -19.92 14.47
N VAL A 750 39.32 -21.07 13.83
CA VAL A 750 39.95 -22.23 14.45
C VAL A 750 41.26 -22.44 13.74
N GLN A 751 42.19 -23.11 14.41
CA GLN A 751 43.51 -23.36 13.88
C GLN A 751 43.83 -24.83 14.05
N SER A 752 43.92 -25.55 12.94
CA SER A 752 44.21 -26.97 12.93
C SER A 752 45.20 -27.26 11.81
N THR A 753 45.91 -28.37 11.96
CA THR A 753 46.81 -28.87 10.93
C THR A 753 46.39 -30.25 10.44
N HIS A 754 45.58 -30.97 11.22
CA HIS A 754 45.10 -32.28 10.80
C HIS A 754 44.44 -32.18 9.44
N LEU A 755 44.46 -33.28 8.71
CA LEU A 755 43.88 -33.35 7.38
C LEU A 755 42.44 -33.80 7.54
N TRP A 756 41.52 -32.85 7.57
CA TRP A 756 40.13 -33.15 7.82
C TRP A 756 39.29 -32.15 7.04
N SER A 757 38.16 -32.62 6.55
CA SER A 757 37.26 -31.71 5.87
C SER A 757 36.46 -30.94 6.89
N PRO A 758 36.27 -29.64 6.70
CA PRO A 758 35.20 -28.96 7.42
C PRO A 758 33.85 -29.48 6.96
N LEU A 759 33.84 -30.14 5.79
CA LEU A 759 32.68 -30.87 5.31
C LEU A 759 32.41 -32.10 6.15
N ALA A 760 33.31 -32.45 7.05
CA ALA A 760 33.15 -33.53 8.01
C ALA A 760 34.24 -33.38 9.07
N PRO A 761 34.23 -32.31 9.86
CA PRO A 761 35.31 -32.09 10.81
C PRO A 761 35.18 -33.05 11.98
N PRO A 762 36.30 -33.41 12.62
CA PRO A 762 36.24 -34.28 13.80
C PRO A 762 35.25 -33.75 14.82
N PRO A 763 34.70 -34.63 15.65
CA PRO A 763 33.52 -34.27 16.46
C PRO A 763 33.76 -33.08 17.35
N ASP A 764 34.94 -33.02 17.94
CA ASP A 764 35.33 -32.01 18.92
C ASP A 764 34.99 -30.58 18.49
N LEU A 765 34.86 -30.36 17.19
CA LEU A 765 34.92 -29.00 16.68
C LEU A 765 33.56 -28.33 16.57
N VAL A 766 32.47 -29.07 16.73
CA VAL A 766 31.14 -28.52 16.49
C VAL A 766 30.51 -28.15 17.82
N PHE A 767 29.42 -27.38 17.74
CA PHE A 767 28.60 -27.09 18.90
C PHE A 767 27.15 -26.95 18.48
N ASP A 768 26.28 -26.82 19.48
CA ASP A 768 24.84 -26.79 19.26
C ASP A 768 24.19 -26.03 20.42
N ARG A 769 22.86 -25.98 20.40
CA ARG A 769 22.14 -25.47 21.56
C ARG A 769 22.49 -26.27 22.80
N ASP A 770 22.56 -27.58 22.66
CA ASP A 770 22.92 -28.46 23.75
C ASP A 770 24.29 -28.13 24.30
N THR A 771 25.19 -27.65 23.46
CA THR A 771 26.46 -27.17 23.93
C THR A 771 26.23 -26.05 24.94
N PRO A 772 26.97 -26.00 26.01
CA PRO A 772 26.95 -24.79 26.84
C PRO A 772 27.62 -23.63 26.14
N GLY A 773 27.76 -22.50 26.83
CA GLY A 773 28.26 -21.30 26.19
C GLY A 773 27.32 -20.72 25.17
N VAL A 774 26.17 -21.36 24.95
CA VAL A 774 25.19 -20.87 24.01
C VAL A 774 24.71 -19.49 24.42
N HIS A 775 24.95 -18.51 23.57
CA HIS A 775 24.24 -17.26 23.62
C HIS A 775 23.17 -17.35 22.57
N ILE A 776 21.94 -17.49 22.99
CA ILE A 776 20.85 -17.80 22.09
C ILE A 776 20.26 -16.51 21.57
N PHE A 777 20.19 -16.38 20.25
CA PHE A 777 19.65 -15.19 19.63
C PHE A 777 18.64 -15.62 18.57
N GLY A 778 17.44 -15.07 18.68
CA GLY A 778 16.45 -15.22 17.64
C GLY A 778 16.41 -13.98 16.79
N ARG A 779 15.44 -13.10 17.07
CA ARG A 779 15.27 -11.87 16.30
C ARG A 779 15.22 -10.63 17.20
N ASP A 780 16.05 -10.55 18.24
CA ASP A 780 16.21 -9.31 19.00
C ASP A 780 17.70 -9.11 19.27
N CYS A 781 18.36 -8.32 18.43
CA CYS A 781 19.78 -8.06 18.58
C CYS A 781 20.10 -6.70 18.00
N ARG A 782 20.19 -5.70 18.86
CA ARG A 782 20.77 -4.43 18.46
C ARG A 782 22.18 -4.42 19.02
N ILE A 783 22.95 -3.42 18.64
CA ILE A 783 24.34 -3.35 19.05
C ILE A 783 24.68 -1.93 19.44
N SER A 784 25.16 -1.77 20.67
CA SER A 784 25.80 -0.54 21.10
C SER A 784 27.19 -0.54 20.51
N PHE A 785 27.65 0.63 20.08
CA PHE A 785 29.07 0.81 19.91
C PHE A 785 29.76 0.75 21.27
N GLY A 786 31.05 1.01 21.29
CA GLY A 786 31.79 1.02 22.54
C GLY A 786 31.11 1.80 23.65
N MET A 787 31.35 1.38 24.89
CA MET A 787 30.90 2.14 26.05
C MET A 787 32.12 2.71 26.75
N ASN A 788 31.88 3.32 27.91
CA ASN A 788 32.94 3.95 28.70
C ASN A 788 34.15 3.03 28.83
N GLY A 789 33.92 1.82 29.33
CA GLY A 789 34.95 0.80 29.33
C GLY A 789 34.63 -0.41 28.48
N ALA A 790 33.35 -0.66 28.25
CA ALA A 790 32.94 -1.81 27.46
C ALA A 790 33.02 -1.48 25.97
N ALA A 791 33.40 -2.46 25.21
CA ALA A 791 33.45 -2.38 23.75
C ALA A 791 32.04 -2.25 23.20
N PRO A 792 31.88 -2.18 21.87
CA PRO A 792 30.54 -2.40 21.33
C PRO A 792 29.92 -3.65 21.91
N MET A 793 28.71 -3.53 22.46
CA MET A 793 28.01 -4.69 23.00
C MET A 793 26.65 -4.80 22.32
N ILE A 794 26.28 -6.02 22.05
CA ILE A 794 25.02 -6.31 21.36
C ILE A 794 23.90 -6.20 22.36
N ARG A 795 22.84 -5.51 21.96
CA ARG A 795 21.57 -5.61 22.68
C ARG A 795 21.02 -7.01 22.47
N ASP A 796 20.61 -7.64 23.56
CA ASP A 796 20.30 -9.05 23.51
C ASP A 796 18.82 -9.27 23.19
N GLU A 797 18.44 -10.54 23.13
CA GLU A 797 17.06 -10.90 22.82
C GLU A 797 16.12 -10.47 23.93
N THR A 798 16.67 -10.26 25.13
CA THR A 798 15.90 -9.62 26.19
C THR A 798 16.10 -8.11 26.16
N GLY A 799 17.29 -7.66 25.82
CA GLY A 799 17.57 -6.24 25.79
C GLY A 799 18.84 -5.83 26.50
N MET A 800 19.68 -6.81 26.86
CA MET A 800 20.88 -6.50 27.60
C MET A 800 22.07 -6.35 26.65
N MET A 801 23.19 -5.89 27.20
CA MET A 801 24.37 -5.59 26.40
C MET A 801 25.44 -6.62 26.73
N VAL A 802 25.83 -7.41 25.73
CA VAL A 802 26.93 -8.33 25.98
C VAL A 802 28.02 -8.16 24.94
N PRO A 803 29.28 -8.37 25.29
CA PRO A 803 30.38 -8.20 24.34
C PRO A 803 30.38 -9.33 23.32
N PHE A 804 31.38 -9.30 22.45
CA PHE A 804 31.33 -10.14 21.25
C PHE A 804 32.34 -11.29 21.27
N GLU A 805 31.89 -12.43 21.79
CA GLU A 805 32.66 -13.66 21.82
C GLU A 805 31.80 -14.77 22.42
N GLY A 806 32.16 -16.01 22.21
CA GLY A 806 31.46 -17.12 22.81
C GLY A 806 30.77 -18.00 21.80
N ASN A 807 29.73 -18.68 22.26
CA ASN A 807 28.96 -19.62 21.44
C ASN A 807 27.57 -19.04 21.26
N TRP A 808 27.25 -18.62 20.06
CA TRP A 808 26.03 -17.90 19.81
C TRP A 808 25.27 -18.55 18.67
N ILE A 809 23.97 -18.26 18.60
CA ILE A 809 23.08 -18.90 17.64
C ILE A 809 22.30 -17.81 16.94
N PHE A 810 22.14 -17.94 15.63
CA PHE A 810 21.45 -16.90 14.87
C PHE A 810 20.65 -17.48 13.72
N PRO A 811 19.33 -17.35 13.72
CA PRO A 811 18.56 -17.68 12.53
C PRO A 811 18.70 -16.57 11.50
N LEU A 812 18.89 -16.98 10.25
CA LEU A 812 19.37 -16.12 9.18
C LEU A 812 18.59 -14.81 8.99
N ALA A 813 17.27 -14.83 9.17
CA ALA A 813 16.47 -13.67 8.77
C ALA A 813 16.90 -12.41 9.50
N LEU A 814 17.10 -12.51 10.82
CA LEU A 814 17.68 -11.42 11.58
C LEU A 814 18.91 -10.89 10.88
N TRP A 815 19.78 -11.78 10.41
CA TRP A 815 20.98 -11.31 9.73
C TRP A 815 20.61 -10.50 8.51
N GLN A 816 19.91 -11.13 7.57
CA GLN A 816 19.57 -10.44 6.32
C GLN A 816 18.92 -9.10 6.60
N MET A 817 18.35 -8.94 7.79
CA MET A 817 17.89 -7.62 8.18
C MET A 817 19.02 -6.59 8.23
N ASN A 818 19.96 -6.69 9.16
CA ASN A 818 20.94 -5.62 9.29
C ASN A 818 22.36 -6.12 9.08
N THR A 819 22.49 -6.95 8.05
CA THR A 819 23.76 -7.44 7.56
C THR A 819 24.89 -6.42 7.65
N ARG A 820 24.68 -5.20 7.14
CA ARG A 820 25.75 -4.22 7.04
C ARG A 820 26.34 -3.91 8.42
N TYR A 821 25.46 -3.51 9.34
CA TYR A 821 25.77 -3.39 10.76
C TYR A 821 26.60 -4.58 11.22
N PHE A 822 26.01 -5.76 11.06
CA PHE A 822 26.62 -6.99 11.57
C PHE A 822 28.05 -7.13 11.08
N ASN A 823 28.25 -6.90 9.79
CA ASN A 823 29.52 -7.19 9.16
C ASN A 823 30.55 -6.16 9.56
N GLN A 824 30.21 -4.88 9.46
CA GLN A 824 31.13 -3.83 9.87
C GLN A 824 31.59 -4.06 11.28
N GLN A 825 30.80 -4.79 12.06
CA GLN A 825 31.24 -5.03 13.43
C GLN A 825 32.13 -6.26 13.58
N PHE A 826 31.70 -7.44 13.09
CA PHE A 826 32.23 -8.69 13.61
C PHE A 826 33.68 -8.97 13.27
N ASP A 827 34.30 -8.09 12.47
CA ASP A 827 35.58 -8.38 11.83
C ASP A 827 36.59 -9.08 12.74
N ALA A 828 37.08 -8.37 13.74
CA ALA A 828 38.10 -8.94 14.60
C ALA A 828 37.52 -10.02 15.49
N TRP A 829 36.44 -9.71 16.21
CA TRP A 829 36.05 -10.56 17.32
C TRP A 829 35.49 -11.90 16.90
N ILE A 830 35.24 -12.11 15.60
CA ILE A 830 35.22 -13.49 15.12
C ILE A 830 36.56 -13.86 14.52
N LYS A 831 37.12 -12.99 13.70
CA LYS A 831 38.44 -13.27 13.12
C LYS A 831 39.46 -13.48 14.23
N THR A 832 39.69 -12.44 15.02
CA THR A 832 40.61 -12.52 16.13
C THR A 832 39.95 -13.03 17.41
N GLY A 833 38.73 -12.59 17.71
CA GLY A 833 38.09 -12.96 18.96
C GLY A 833 37.48 -14.34 18.89
N GLU A 834 36.83 -14.71 20.00
CA GLU A 834 36.27 -16.06 20.13
C GLU A 834 34.77 -15.97 19.99
N LEU A 835 34.33 -15.15 19.04
CA LEU A 835 32.92 -15.13 18.71
C LEU A 835 32.66 -16.19 17.66
N ARG A 836 31.87 -17.19 18.03
CA ARG A 836 31.52 -18.27 17.13
C ARG A 836 30.01 -18.41 17.15
N ILE A 837 29.39 -18.31 15.99
CA ILE A 837 27.94 -18.41 15.88
C ILE A 837 27.61 -19.54 14.91
N ARG A 838 26.56 -20.27 15.24
CA ARG A 838 25.85 -21.07 14.26
C ARG A 838 24.84 -20.14 13.61
N ILE A 839 25.23 -19.56 12.49
CA ILE A 839 24.30 -18.90 11.59
C ILE A 839 23.58 -19.99 10.83
N GLU A 840 22.26 -19.91 10.81
CA GLU A 840 21.45 -21.08 10.55
C GLU A 840 20.63 -20.86 9.28
N MET A 841 21.01 -21.57 8.22
CA MET A 841 20.53 -21.36 6.86
C MET A 841 19.60 -22.46 6.38
N GLY A 842 19.90 -23.72 6.68
CA GLY A 842 19.12 -24.82 6.15
C GLY A 842 19.68 -25.48 4.91
N ALA A 843 19.70 -24.81 3.76
CA ALA A 843 20.22 -25.45 2.57
C ALA A 843 20.75 -24.39 1.63
N TYR A 844 21.96 -24.62 1.13
CA TYR A 844 22.72 -23.47 0.68
C TYR A 844 23.85 -23.80 -0.29
N PRO A 845 24.11 -22.93 -1.25
CA PRO A 845 25.25 -23.13 -2.14
C PRO A 845 26.57 -22.93 -1.42
N TYR A 846 27.57 -23.62 -1.95
CA TYR A 846 28.94 -23.53 -1.49
C TYR A 846 29.84 -23.78 -2.68
N MET A 847 31.12 -23.50 -2.50
CA MET A 847 32.09 -23.63 -3.57
C MET A 847 33.48 -23.82 -2.96
N LEU A 848 34.51 -24.00 -3.78
CA LEU A 848 35.75 -24.56 -3.27
C LEU A 848 36.98 -24.13 -4.04
N HIS A 849 38.14 -24.43 -3.44
CA HIS A 849 39.43 -24.48 -4.11
C HIS A 849 40.30 -25.45 -3.32
N TYR A 850 41.08 -26.25 -4.01
CA TYR A 850 42.04 -27.09 -3.30
C TYR A 850 43.10 -26.22 -2.67
N TYR A 851 44.10 -26.88 -2.08
CA TYR A 851 45.40 -26.24 -1.90
C TYR A 851 46.43 -27.26 -1.43
N ASP A 852 47.69 -26.94 -1.73
CA ASP A 852 48.82 -27.68 -1.21
C ASP A 852 48.91 -27.47 0.30
N PRO A 853 48.79 -28.54 1.09
CA PRO A 853 48.88 -28.40 2.55
C PRO A 853 50.27 -28.03 3.06
N ARG A 854 51.31 -28.18 2.26
CA ARG A 854 52.69 -28.00 2.73
C ARG A 854 52.94 -26.61 3.29
N GLN A 855 52.12 -25.63 2.94
CA GLN A 855 52.31 -24.29 3.45
C GLN A 855 51.18 -23.97 4.42
N TYR A 856 51.33 -22.87 5.13
CA TYR A 856 50.31 -22.44 6.06
C TYR A 856 49.01 -22.13 5.31
N ALA A 857 47.89 -22.29 6.01
CA ALA A 857 46.59 -22.05 5.40
C ALA A 857 45.76 -21.14 6.30
N ASN A 858 45.20 -20.10 5.72
CA ASN A 858 44.23 -19.24 6.40
C ASN A 858 42.91 -19.33 5.66
N ALA A 859 41.84 -19.66 6.38
CA ALA A 859 40.51 -19.59 5.79
C ALA A 859 39.81 -18.28 6.10
N TRP A 860 40.57 -17.25 6.44
CA TRP A 860 40.00 -15.89 6.42
C TRP A 860 40.08 -15.35 4.99
N ASN A 861 41.30 -15.08 4.52
CA ASN A 861 41.56 -14.55 3.18
C ASN A 861 40.47 -13.57 2.76
N LEU A 862 40.00 -12.79 3.72
CA LEU A 862 38.87 -11.88 3.54
C LEU A 862 37.65 -12.62 3.00
N ALA A 863 37.41 -13.81 3.56
CA ALA A 863 36.11 -14.44 3.34
C ALA A 863 35.01 -13.52 3.84
N SER A 864 35.32 -12.69 4.83
CA SER A 864 34.48 -11.56 5.14
C SER A 864 34.16 -10.77 3.88
N ALA A 865 35.21 -10.26 3.22
CA ALA A 865 35.00 -9.54 1.98
C ALA A 865 34.07 -10.33 1.07
N TRP A 866 34.34 -11.61 0.90
CA TRP A 866 33.42 -12.45 0.15
C TRP A 866 31.99 -12.30 0.67
N LEU A 867 31.83 -12.25 1.99
CA LEU A 867 30.50 -12.16 2.56
C LEU A 867 29.83 -10.85 2.19
N GLU A 868 30.38 -9.75 2.67
CA GLU A 868 29.79 -8.42 2.50
C GLU A 868 29.44 -8.11 1.06
N GLU A 869 30.07 -8.81 0.11
CA GLU A 869 29.71 -8.67 -1.29
C GLU A 869 28.23 -9.00 -1.50
N ILE A 870 27.60 -9.59 -0.51
CA ILE A 870 26.22 -10.06 -0.68
C ILE A 870 25.23 -8.99 -0.26
N THR A 871 23.97 -9.21 -0.66
CA THR A 871 22.87 -8.31 -0.38
C THR A 871 22.31 -8.55 1.02
N PRO A 872 21.52 -7.59 1.54
CA PRO A 872 20.74 -7.87 2.74
C PRO A 872 19.52 -8.68 2.38
N THR A 873 19.51 -9.19 1.15
CA THR A 873 18.38 -9.93 0.61
C THR A 873 18.73 -11.40 0.35
N SER A 874 20.01 -11.74 0.27
CA SER A 874 20.38 -13.14 0.14
C SER A 874 21.82 -13.32 0.58
N ILE A 875 22.39 -14.47 0.20
CA ILE A 875 23.60 -15.04 0.81
C ILE A 875 24.56 -15.46 -0.30
N PRO A 876 25.87 -15.32 -0.11
CA PRO A 876 26.81 -15.76 -1.13
C PRO A 876 27.20 -17.23 -0.94
N SER A 877 27.35 -17.91 -2.07
CA SER A 877 27.80 -19.29 -2.04
C SER A 877 29.12 -19.40 -1.33
N VAL A 878 29.30 -20.50 -0.63
CA VAL A 878 30.43 -20.64 0.29
C VAL A 878 31.65 -21.15 -0.45
N PRO A 879 32.69 -20.35 -0.63
CA PRO A 879 33.94 -20.89 -1.17
C PRO A 879 34.73 -21.63 -0.11
N PHE A 880 35.49 -22.65 -0.52
CA PHE A 880 36.27 -23.45 0.40
C PHE A 880 37.68 -23.69 -0.12
N MET A 881 38.63 -23.67 0.78
CA MET A 881 39.99 -24.07 0.49
C MET A 881 40.18 -25.45 1.09
N VAL A 882 40.60 -26.40 0.27
CA VAL A 882 40.75 -27.77 0.73
C VAL A 882 42.18 -28.25 0.52
N PRO A 883 42.80 -28.80 1.55
CA PRO A 883 44.16 -29.31 1.38
C PRO A 883 44.17 -30.47 0.41
N ILE A 884 45.36 -30.80 -0.06
CA ILE A 884 45.60 -32.02 -0.81
C ILE A 884 46.13 -33.07 0.18
N SER A 885 45.21 -33.78 0.83
CA SER A 885 45.57 -34.79 1.81
C SER A 885 46.31 -35.96 1.15
N SER A 886 47.26 -36.52 1.88
CA SER A 886 48.03 -37.65 1.37
C SER A 886 47.47 -38.93 1.93
N ASP A 887 47.68 -40.01 1.18
CA ASP A 887 47.39 -41.35 1.67
C ASP A 887 48.38 -41.78 2.75
N HIS A 888 49.45 -41.02 2.93
CA HIS A 888 50.50 -41.36 3.87
C HIS A 888 51.37 -40.12 4.04
N ASP A 889 52.58 -40.34 4.57
CA ASP A 889 53.38 -39.28 5.18
C ASP A 889 53.42 -38.00 4.35
N ILE A 890 53.29 -36.88 5.06
CA ILE A 890 53.53 -35.53 4.55
C ILE A 890 53.80 -34.63 5.74
N SER A 891 54.56 -33.57 5.51
CA SER A 891 55.06 -32.75 6.61
C SER A 891 54.01 -31.79 7.15
N SER A 892 54.27 -31.20 8.32
CA SER A 892 53.31 -30.40 9.06
C SER A 892 53.35 -28.95 8.62
N ALA A 893 52.17 -28.35 8.50
CA ALA A 893 51.98 -26.94 8.18
C ALA A 893 50.64 -26.47 8.71
N PRO A 894 50.55 -25.23 9.19
CA PRO A 894 49.36 -24.79 9.91
C PRO A 894 48.19 -24.52 8.96
N ALA A 895 47.00 -24.44 9.55
CA ALA A 895 45.79 -24.18 8.75
C ALA A 895 44.78 -23.46 9.63
N VAL A 896 44.51 -22.20 9.34
CA VAL A 896 43.56 -21.43 10.12
C VAL A 896 42.25 -21.38 9.37
N GLN A 897 41.32 -22.24 9.76
CA GLN A 897 39.99 -22.25 9.16
C GLN A 897 39.10 -21.24 9.85
N TYR A 898 38.01 -20.91 9.16
CA TYR A 898 37.06 -19.93 9.70
C TYR A 898 35.62 -20.44 9.64
N ILE A 899 35.29 -21.21 8.61
CA ILE A 899 33.93 -21.71 8.42
C ILE A 899 33.99 -23.22 8.24
N ILE A 900 33.03 -23.93 8.84
CA ILE A 900 32.94 -25.38 8.73
C ILE A 900 31.50 -25.76 8.46
N SER A 901 31.31 -26.90 7.83
CA SER A 901 29.99 -27.47 7.72
C SER A 901 29.52 -27.92 9.09
N THR A 902 28.25 -27.66 9.37
CA THR A 902 27.63 -28.18 10.57
C THR A 902 27.45 -29.68 10.52
N GLU A 903 27.79 -30.33 9.40
CA GLU A 903 27.56 -31.75 9.24
C GLU A 903 28.68 -32.36 8.41
N TYR A 904 28.61 -33.68 8.25
CA TYR A 904 29.32 -34.31 7.16
C TYR A 904 28.43 -34.36 5.92
N ASN A 905 28.90 -33.76 4.85
CA ASN A 905 28.24 -33.95 3.58
C ASN A 905 29.23 -34.11 2.43
N ASP A 906 30.51 -34.33 2.73
CA ASP A 906 31.54 -34.39 1.70
C ASP A 906 31.32 -35.61 0.82
N ARG A 907 30.62 -35.42 -0.29
CA ARG A 907 30.55 -36.44 -1.32
C ARG A 907 30.44 -35.77 -2.68
N SER A 908 31.58 -35.48 -3.30
CA SER A 908 31.62 -35.00 -4.67
C SER A 908 33.06 -35.01 -5.15
N LEU A 909 33.33 -35.68 -6.27
CA LEU A 909 34.68 -35.74 -6.77
C LEU A 909 34.76 -36.31 -8.18
N PHE A 910 35.45 -35.60 -9.08
CA PHE A 910 35.93 -36.26 -10.28
C PHE A 910 37.26 -36.94 -9.99
N CYS A 911 37.58 -37.97 -10.77
CA CYS A 911 38.71 -38.83 -10.44
C CYS A 911 40.02 -38.05 -10.44
N THR A 912 40.92 -38.45 -9.54
CA THR A 912 42.27 -37.91 -9.43
C THR A 912 43.20 -39.02 -8.96
N ASN A 913 44.29 -39.21 -9.70
CA ASN A 913 45.29 -40.24 -9.43
C ASN A 913 44.71 -41.64 -9.54
N SER A 914 44.30 -42.05 -10.74
CA SER A 914 43.56 -43.30 -10.91
C SER A 914 44.43 -44.41 -11.48
N SER A 915 45.70 -44.46 -11.09
CA SER A 915 46.63 -45.40 -11.71
C SER A 915 47.53 -46.09 -10.70
N SER A 916 47.42 -45.71 -9.42
CA SER A 916 48.39 -46.16 -8.46
C SER A 916 47.71 -46.80 -7.26
N PRO A 917 48.33 -47.81 -6.67
CA PRO A 917 47.88 -48.29 -5.36
C PRO A 917 48.21 -47.32 -4.24
N GLN A 918 49.07 -46.34 -4.50
CA GLN A 918 49.41 -45.33 -3.53
C GLN A 918 50.18 -44.23 -4.24
N THR A 919 50.06 -43.02 -3.74
CA THR A 919 50.74 -41.84 -4.27
C THR A 919 51.17 -40.97 -3.11
N ILE A 920 52.20 -40.14 -3.34
CA ILE A 920 52.85 -39.41 -2.24
C ILE A 920 51.84 -38.59 -1.44
N ALA A 921 51.20 -37.63 -2.08
CA ALA A 921 50.33 -36.71 -1.36
C ALA A 921 49.06 -36.39 -2.14
N GLY A 922 48.94 -36.94 -3.35
CA GLY A 922 47.88 -36.59 -4.26
C GLY A 922 46.50 -36.88 -3.69
N PRO A 923 45.48 -36.38 -4.39
CA PRO A 923 44.10 -36.62 -3.96
C PRO A 923 43.81 -38.08 -3.65
N ASP A 924 43.60 -38.37 -2.37
CA ASP A 924 43.31 -39.72 -1.90
C ASP A 924 42.00 -40.17 -2.53
N LYS A 925 42.11 -41.03 -3.53
CA LYS A 925 40.92 -41.45 -4.26
C LYS A 925 40.98 -42.93 -4.55
N HIS A 926 39.86 -43.62 -4.37
CA HIS A 926 39.77 -45.01 -4.77
C HIS A 926 38.63 -45.13 -5.75
N ILE A 927 38.75 -46.12 -6.63
CA ILE A 927 37.78 -46.34 -7.69
C ILE A 927 36.39 -46.30 -7.08
N PRO A 928 35.49 -45.49 -7.60
CA PRO A 928 34.18 -45.41 -6.96
C PRO A 928 33.44 -46.70 -7.20
N VAL A 929 33.51 -47.58 -6.20
CA VAL A 929 32.93 -48.90 -6.30
C VAL A 929 31.52 -48.81 -5.71
N GLU A 930 30.60 -48.26 -6.49
CA GLU A 930 29.22 -48.15 -6.07
C GLU A 930 28.29 -48.34 -7.25
N ARG A 931 28.87 -48.58 -8.42
CA ARG A 931 28.12 -48.65 -9.65
C ARG A 931 28.45 -49.87 -10.48
N TYR A 932 29.50 -50.60 -10.12
CA TYR A 932 30.09 -51.62 -10.96
C TYR A 932 30.31 -52.88 -10.15
N ASN A 933 29.70 -52.92 -8.96
CA ASN A 933 29.69 -54.12 -8.14
C ASN A 933 29.22 -55.32 -8.96
N ILE A 934 28.34 -55.05 -9.93
CA ILE A 934 27.97 -56.03 -10.95
C ILE A 934 29.21 -56.69 -11.54
N LEU A 935 30.25 -55.90 -11.79
CA LEU A 935 31.41 -56.42 -12.50
C LEU A 935 32.17 -57.44 -11.66
N THR A 936 31.77 -57.62 -10.40
CA THR A 936 32.26 -58.70 -9.57
C THR A 936 31.20 -59.77 -9.33
N ASN A 937 29.93 -59.46 -9.55
CA ASN A 937 28.90 -60.46 -9.37
C ASN A 937 27.66 -60.10 -10.16
N PRO A 938 27.16 -61.02 -10.98
CA PRO A 938 26.06 -60.70 -11.89
C PRO A 938 24.71 -60.71 -11.21
N ASP A 939 24.16 -59.53 -10.97
CA ASP A 939 22.97 -59.38 -10.14
C ASP A 939 22.18 -58.17 -10.61
N ALA A 940 21.39 -57.61 -9.68
CA ALA A 940 20.79 -56.29 -9.84
C ALA A 940 19.98 -56.17 -11.11
N PRO A 941 18.75 -56.71 -11.12
CA PRO A 941 17.94 -56.71 -12.34
C PRO A 941 18.01 -55.39 -13.06
N PRO A 942 18.64 -55.37 -14.23
CA PRO A 942 19.05 -54.11 -14.86
C PRO A 942 17.89 -53.18 -15.18
N THR A 943 16.75 -53.73 -15.59
CA THR A 943 15.65 -52.89 -16.01
C THR A 943 14.58 -52.78 -14.92
N GLN A 944 14.65 -53.65 -13.92
CA GLN A 944 13.73 -53.52 -12.80
C GLN A 944 14.03 -52.25 -12.02
N ILE A 945 12.97 -51.61 -11.55
CA ILE A 945 13.10 -50.33 -10.86
C ILE A 945 13.79 -50.55 -9.51
N GLN A 946 15.09 -50.18 -9.45
CA GLN A 946 15.85 -50.38 -8.21
C GLN A 946 16.49 -49.10 -7.69
N LEU A 947 16.05 -47.92 -8.11
CA LEU A 947 16.60 -46.69 -7.57
C LEU A 947 15.66 -46.08 -6.55
N PRO A 948 16.19 -45.31 -5.59
CA PRO A 948 17.62 -45.05 -5.40
C PRO A 948 18.26 -46.23 -4.69
N GLU A 949 17.43 -47.24 -4.46
CA GLU A 949 17.84 -48.45 -3.77
C GLU A 949 19.09 -49.05 -4.37
N VAL A 950 19.23 -48.97 -5.70
CA VAL A 950 20.42 -49.44 -6.40
C VAL A 950 20.65 -48.44 -7.53
N ILE A 951 21.75 -47.69 -7.44
CA ILE A 951 22.09 -46.70 -8.46
C ILE A 951 23.50 -47.01 -8.98
N ASP A 952 23.61 -47.24 -10.29
CA ASP A 952 24.89 -47.49 -10.95
C ASP A 952 25.07 -46.52 -12.11
N LEU A 953 26.17 -46.70 -12.86
CA LEU A 953 26.41 -45.92 -14.06
C LEU A 953 26.96 -46.76 -15.21
N TYR A 954 26.68 -48.06 -15.22
CA TYR A 954 27.14 -48.94 -16.29
C TYR A 954 26.15 -50.09 -16.32
N ASN A 955 25.25 -50.08 -17.29
CA ASN A 955 23.95 -50.71 -17.06
C ASN A 955 23.43 -51.36 -18.33
N VAL A 956 22.15 -51.72 -18.29
CA VAL A 956 21.39 -52.12 -19.47
C VAL A 956 21.35 -50.96 -20.45
N VAL A 957 21.76 -51.22 -21.69
CA VAL A 957 21.94 -50.17 -22.68
C VAL A 957 21.28 -50.59 -23.98
N THR A 958 20.25 -49.87 -24.38
CA THR A 958 19.49 -50.22 -25.57
C THR A 958 19.57 -49.09 -26.58
N ARG A 959 20.63 -49.09 -27.36
CA ARG A 959 20.72 -48.19 -28.50
C ARG A 959 19.73 -48.70 -29.53
N TYR A 960 18.95 -47.81 -30.10
CA TYR A 960 17.91 -48.23 -31.01
C TYR A 960 18.37 -48.11 -32.45
N ALA A 961 17.54 -48.60 -33.37
CA ALA A 961 17.77 -48.48 -34.80
C ALA A 961 16.49 -48.82 -35.54
N TYR A 962 16.04 -47.90 -36.39
CA TYR A 962 14.75 -48.07 -37.04
C TYR A 962 14.72 -47.42 -38.42
N GLU A 963 13.51 -47.22 -38.93
CA GLU A 963 13.28 -46.59 -40.21
C GLU A 963 12.45 -45.35 -39.98
N THR A 964 13.06 -44.18 -40.19
CA THR A 964 12.52 -42.91 -39.70
C THR A 964 12.25 -41.95 -40.84
N PRO A 965 11.16 -42.16 -41.57
CA PRO A 965 10.87 -41.30 -42.70
C PRO A 965 10.05 -40.09 -42.28
N PRO A 966 10.32 -38.92 -42.85
CA PRO A 966 9.42 -37.77 -42.65
C PRO A 966 8.09 -38.02 -43.34
N ILE A 967 7.00 -37.69 -42.65
CA ILE A 967 5.67 -38.00 -43.16
C ILE A 967 5.27 -37.01 -44.24
N THR A 968 5.81 -35.80 -44.19
CA THR A 968 5.65 -34.90 -45.34
C THR A 968 6.12 -35.55 -46.62
N ALA A 969 7.15 -36.39 -46.56
CA ALA A 969 7.69 -37.04 -47.74
C ALA A 969 6.77 -38.10 -48.30
N VAL A 970 6.17 -38.94 -47.44
CA VAL A 970 5.27 -39.98 -47.91
C VAL A 970 3.99 -39.38 -48.49
N VAL A 971 3.84 -38.07 -48.45
CA VAL A 971 2.74 -37.41 -49.10
C VAL A 971 3.08 -37.35 -50.58
N MET A 972 2.70 -38.40 -51.29
CA MET A 972 2.73 -38.38 -52.75
C MET A 972 1.31 -38.25 -53.27
N GLY A 973 1.08 -37.19 -54.02
CA GLY A 973 -0.24 -36.92 -54.55
C GLY A 973 -0.47 -37.56 -55.90
N VAL A 974 -1.73 -37.57 -56.32
CA VAL A 974 -2.08 -37.79 -57.72
C VAL A 974 -2.95 -36.62 -58.16
N PRO A 975 -2.53 -35.88 -59.19
CA PRO A 975 -3.23 -34.70 -59.70
C PRO A 975 -4.59 -35.01 -60.30
N VAL B 1 16.86 55.19 57.43
CA VAL B 1 16.53 53.78 57.54
C VAL B 1 15.78 53.33 56.29
N SER B 2 16.09 52.14 55.82
CA SER B 2 15.39 51.53 54.71
C SER B 2 14.79 50.22 55.17
N ARG B 3 14.30 49.44 54.22
CA ARG B 3 13.73 48.14 54.53
C ARG B 3 14.31 47.12 53.57
N ILE B 4 13.77 45.90 53.60
CA ILE B 4 14.39 44.73 53.00
C ILE B 4 14.00 44.66 51.54
N VAL B 5 14.98 44.37 50.68
CA VAL B 5 14.73 44.12 49.27
C VAL B 5 14.43 42.64 49.12
N VAL B 6 13.19 42.27 49.41
CA VAL B 6 12.72 40.92 49.18
C VAL B 6 12.47 40.77 47.69
N HIS B 7 13.41 40.17 46.99
CA HIS B 7 13.36 40.20 45.54
C HIS B 7 13.97 38.93 44.99
N THR B 8 13.85 38.78 43.67
CA THR B 8 14.72 37.93 42.89
C THR B 8 14.68 38.49 41.48
N ARG B 9 15.40 37.84 40.57
CA ARG B 9 15.56 38.39 39.24
C ARG B 9 16.15 39.78 39.34
N TRP B 10 17.31 39.89 40.00
CA TRP B 10 18.05 41.14 39.93
C TRP B 10 19.53 40.89 39.63
N ALA B 11 19.95 39.63 39.50
CA ALA B 11 21.34 39.29 39.20
C ALA B 11 21.40 38.19 38.15
N SER B 12 20.71 38.39 37.03
CA SER B 12 20.54 37.35 36.02
C SER B 12 21.86 36.74 35.61
N ASN B 13 21.98 35.43 35.85
CA ASN B 13 23.10 34.65 35.35
C ASN B 13 22.87 34.15 33.93
N VAL B 14 21.76 34.52 33.29
CA VAL B 14 21.38 34.01 31.98
C VAL B 14 20.65 35.10 31.21
N ASP B 15 20.36 34.81 29.95
CA ASP B 15 19.52 35.66 29.13
C ASP B 15 18.11 35.11 28.97
N PHE B 16 17.81 33.97 29.59
CA PHE B 16 16.48 33.40 29.49
C PHE B 16 15.47 34.37 30.11
N ASP B 17 14.23 34.30 29.66
CA ASP B 17 13.22 35.22 30.15
C ASP B 17 11.93 34.49 30.53
N ARG B 18 11.32 34.96 31.61
CA ARG B 18 9.96 34.56 31.98
C ARG B 18 8.95 35.68 31.90
N ASP B 19 9.35 36.93 32.16
CA ASP B 19 8.42 38.06 32.30
C ASP B 19 7.45 37.85 33.46
N SER B 20 8.00 37.36 34.56
CA SER B 20 7.22 37.13 35.78
C SER B 20 7.65 38.15 36.83
N SER B 21 6.74 39.04 37.19
CA SER B 21 7.06 40.24 37.98
C SER B 21 7.35 39.83 39.43
N VAL B 22 8.64 39.61 39.73
CA VAL B 22 9.06 39.32 41.09
C VAL B 22 9.39 40.57 41.87
N ILE B 23 8.96 41.73 41.38
CA ILE B 23 9.13 42.95 42.15
C ILE B 23 8.31 42.85 43.42
N MET B 24 8.86 43.41 44.49
CA MET B 24 8.10 43.70 45.70
C MET B 24 7.92 45.20 45.77
N ALA B 25 6.75 45.64 46.17
CA ALA B 25 6.50 47.06 46.00
C ALA B 25 6.93 47.84 47.23
N PRO B 26 7.71 48.90 47.05
CA PRO B 26 8.43 49.48 48.18
C PRO B 26 7.50 50.31 49.05
N PRO B 27 7.93 50.65 50.26
CA PRO B 27 7.15 51.55 51.11
C PRO B 27 7.47 53.03 50.96
N THR B 28 8.71 53.43 50.65
CA THR B 28 8.95 54.80 50.23
C THR B 28 8.40 55.04 48.83
N GLU B 29 8.29 53.99 48.02
CA GLU B 29 7.44 53.95 46.85
C GLU B 29 6.08 53.37 47.24
N ASN B 30 5.26 53.07 46.24
CA ASN B 30 3.92 52.54 46.50
C ASN B 30 3.95 51.02 46.65
N ASN B 31 2.79 50.46 46.99
CA ASN B 31 2.68 49.03 47.27
C ASN B 31 1.56 48.31 46.51
N ILE B 32 0.40 48.97 46.27
CA ILE B 32 -0.81 48.26 45.88
C ILE B 32 -0.83 47.96 44.38
N HIS B 33 0.22 48.35 43.66
CA HIS B 33 0.25 47.96 42.26
C HIS B 33 0.32 46.45 42.14
N LEU B 34 1.19 45.82 42.91
CA LEU B 34 1.17 44.37 43.03
C LEU B 34 -0.21 43.86 43.42
N PHE B 35 -0.99 44.65 44.14
CA PHE B 35 -2.39 44.34 44.36
C PHE B 35 -3.30 45.00 43.33
N LYS B 36 -2.75 45.65 42.31
CA LYS B 36 -3.62 46.04 41.21
C LYS B 36 -3.07 45.52 39.88
N GLN B 37 -2.44 44.36 39.88
CA GLN B 37 -2.07 43.66 38.65
C GLN B 37 -2.70 42.26 38.56
N LEU B 38 -3.69 41.97 39.40
CA LEU B 38 -4.34 40.66 39.48
C LEU B 38 -5.57 40.56 38.57
N LEU B 39 -6.42 39.56 38.83
CA LEU B 39 -7.68 39.38 38.11
C LEU B 39 -8.57 40.60 38.14
N ASN B 40 -8.25 41.61 38.96
CA ASN B 40 -9.09 42.80 39.04
C ASN B 40 -9.14 43.53 37.71
N THR B 41 -10.34 43.95 37.32
CA THR B 41 -10.53 44.69 36.08
C THR B 41 -11.23 46.02 36.31
N GLU B 42 -11.72 46.27 37.52
CA GLU B 42 -12.49 47.47 37.82
C GLU B 42 -11.64 48.56 38.49
N THR B 43 -10.31 48.47 38.40
CA THR B 43 -9.40 49.44 39.00
C THR B 43 -9.02 50.51 37.97
N LEU B 44 -8.71 51.72 38.45
CA LEU B 44 -8.52 52.86 37.55
C LEU B 44 -7.37 53.80 37.94
N SER B 45 -6.69 53.58 39.07
CA SER B 45 -5.75 54.60 39.54
C SER B 45 -4.51 53.97 40.14
N VAL B 46 -3.63 54.87 40.62
CA VAL B 46 -2.48 54.46 41.41
C VAL B 46 -2.92 53.61 42.58
N ARG B 47 -4.12 53.89 43.10
CA ARG B 47 -4.48 53.46 44.44
C ARG B 47 -5.88 52.82 44.44
N GLY B 48 -6.08 51.80 45.26
CA GLY B 48 -7.39 51.21 45.46
C GLY B 48 -7.40 49.70 45.22
N ALA B 49 -8.42 49.04 45.79
CA ALA B 49 -8.56 47.58 45.68
C ALA B 49 -9.94 47.04 46.05
N ASN B 50 -10.49 46.14 45.21
CA ASN B 50 -11.77 45.46 45.39
C ASN B 50 -11.75 44.49 46.56
N PRO B 51 -12.68 44.62 47.49
CA PRO B 51 -12.79 43.65 48.58
C PRO B 51 -13.18 42.26 48.14
N LEU B 52 -14.13 42.12 47.23
CA LEU B 52 -14.80 40.85 46.98
C LEU B 52 -13.89 39.86 46.29
N MET B 53 -12.83 40.34 45.68
CA MET B 53 -11.97 39.48 44.90
C MET B 53 -10.66 39.27 45.63
N PHE B 54 -10.52 39.95 46.78
CA PHE B 54 -9.27 39.93 47.54
C PHE B 54 -8.68 38.54 47.59
N ARG B 55 -9.33 37.63 48.31
CA ARG B 55 -8.89 36.26 48.36
C ARG B 55 -8.72 35.70 46.95
N ALA B 56 -9.71 35.96 46.09
CA ALA B 56 -9.79 35.37 44.77
C ALA B 56 -8.62 35.74 43.89
N ASN B 57 -7.85 36.76 44.24
CA ASN B 57 -6.81 37.20 43.34
C ASN B 57 -5.43 36.76 43.84
N VAL B 58 -5.29 36.65 45.15
CA VAL B 58 -4.02 36.30 45.77
C VAL B 58 -3.39 35.12 45.05
N LEU B 59 -4.23 34.16 44.69
CA LEU B 59 -3.75 32.96 44.02
C LEU B 59 -2.85 33.34 42.86
N HIS B 60 -3.43 33.94 41.83
CA HIS B 60 -2.66 34.36 40.68
C HIS B 60 -1.45 35.17 41.11
N MET B 61 -1.65 36.04 42.10
CA MET B 61 -0.60 36.93 42.54
C MET B 61 0.65 36.16 42.93
N LEU B 62 0.54 35.35 43.97
CA LEU B 62 1.65 34.53 44.39
C LEU B 62 2.10 33.60 43.27
N LEU B 63 1.19 33.21 42.38
CA LEU B 63 1.55 32.28 41.33
C LEU B 63 2.61 32.86 40.41
N GLU B 64 2.40 34.10 39.98
CA GLU B 64 3.27 34.69 38.96
C GLU B 64 4.73 34.68 39.39
N PHE B 65 5.01 35.07 40.63
CA PHE B 65 6.40 35.06 41.11
C PHE B 65 7.06 33.72 40.86
N VAL B 66 6.38 32.64 41.19
CA VAL B 66 6.89 31.30 40.92
C VAL B 66 7.30 31.17 39.46
N LEU B 67 6.54 31.79 38.58
CA LEU B 67 6.72 31.59 37.15
C LEU B 67 7.98 32.29 36.67
N ASP B 68 8.79 32.76 37.60
CA ASP B 68 9.95 33.54 37.25
C ASP B 68 11.26 32.80 37.37
N ASN B 69 11.27 31.58 37.92
CA ASN B 69 12.45 31.10 38.62
C ASN B 69 13.01 29.81 38.06
N LEU B 70 12.38 29.25 37.03
CA LEU B 70 12.85 27.99 36.47
C LEU B 70 14.02 28.16 35.52
N TYR B 71 14.72 29.27 35.61
CA TYR B 71 15.87 29.50 34.75
C TYR B 71 16.95 28.46 35.02
N LEU B 72 18.00 28.51 34.22
CA LEU B 72 18.99 27.45 34.20
C LEU B 72 20.33 27.95 34.70
N ASN B 73 20.99 27.12 35.50
CA ASN B 73 22.21 27.51 36.18
C ASN B 73 23.44 27.00 35.42
N ARG B 74 24.58 27.60 35.73
CA ARG B 74 25.79 27.40 34.93
C ARG B 74 27.01 27.40 35.83
N HIS B 75 28.17 27.20 35.20
CA HIS B 75 29.46 27.18 35.89
C HIS B 75 29.82 28.54 36.46
N THR B 76 30.72 28.54 37.45
CA THR B 76 31.41 29.73 37.90
C THR B 76 32.86 29.36 38.21
N GLY B 77 33.77 30.29 37.99
CA GLY B 77 35.17 30.01 38.17
C GLY B 77 35.58 29.85 39.63
N PHE B 78 36.88 30.03 39.85
CA PHE B 78 37.50 29.85 41.16
C PHE B 78 38.25 31.09 41.60
N SER B 79 37.78 31.71 42.68
CA SER B 79 38.50 32.82 43.29
C SER B 79 39.13 32.40 44.60
N GLN B 80 40.31 32.96 44.86
CA GLN B 80 41.26 32.40 45.81
C GLN B 80 41.80 33.45 46.77
N ASP B 81 41.30 34.68 46.70
CA ASP B 81 41.85 35.78 47.49
C ASP B 81 41.55 35.64 48.97
N HIS B 82 42.39 36.26 49.80
CA HIS B 82 42.18 36.36 51.23
C HIS B 82 42.63 37.72 51.74
N THR B 83 41.78 38.34 52.54
CA THR B 83 42.08 39.53 53.32
C THR B 83 41.85 39.17 54.76
N PRO B 84 42.29 40.01 55.72
CA PRO B 84 42.17 39.67 57.14
C PRO B 84 40.85 39.02 57.52
N PHE B 85 39.76 39.61 57.04
CA PHE B 85 38.45 39.03 57.31
C PHE B 85 38.09 37.93 56.32
N THR B 86 38.92 37.70 55.31
CA THR B 86 38.64 36.70 54.29
C THR B 86 39.77 35.69 54.19
N GLU B 87 40.45 35.46 55.31
CA GLU B 87 41.61 34.58 55.30
C GLU B 87 41.21 33.14 55.04
N GLY B 88 41.74 32.57 53.95
CA GLY B 88 41.54 31.17 53.65
C GLY B 88 40.11 30.81 53.27
N ALA B 89 39.67 31.26 52.10
CA ALA B 89 38.34 30.95 51.61
C ALA B 89 38.37 30.79 50.10
N ASN B 90 37.61 29.83 49.58
CA ASN B 90 37.53 29.57 48.14
C ASN B 90 36.29 30.26 47.63
N LEU B 91 36.35 31.58 47.51
CA LEU B 91 35.22 32.32 47.00
C LEU B 91 34.93 31.89 45.57
N ARG B 92 33.67 31.94 45.20
CA ARG B 92 33.24 31.60 43.85
C ARG B 92 33.62 32.75 42.92
N SER B 93 34.58 32.53 42.04
CA SER B 93 34.98 33.60 41.15
C SER B 93 33.89 33.81 40.12
N LEU B 94 33.64 35.06 39.82
CA LEU B 94 32.62 35.45 38.89
C LEU B 94 33.24 36.25 37.76
N PRO B 95 32.93 35.89 36.51
CA PRO B 95 33.41 36.73 35.40
C PRO B 95 32.83 38.13 35.44
N GLY B 96 31.77 38.35 36.21
CA GLY B 96 31.17 39.66 36.32
C GLY B 96 32.02 40.62 37.11
N PRO B 97 31.89 41.90 36.78
CA PRO B 97 32.64 42.94 37.48
C PRO B 97 31.94 43.42 38.74
N ASP B 98 32.75 43.98 39.64
CA ASP B 98 32.32 44.36 40.99
C ASP B 98 31.69 43.18 41.71
N ALA B 99 31.97 41.99 41.19
CA ALA B 99 31.50 40.77 41.82
C ALA B 99 31.92 40.72 43.29
N GLU B 100 32.97 41.44 43.65
CA GLU B 100 33.33 41.59 45.05
C GLU B 100 32.33 42.46 45.81
N LYS B 101 31.81 43.52 45.21
CA LYS B 101 30.71 44.22 45.84
C LYS B 101 29.54 43.27 46.03
N TRP B 102 29.20 42.55 44.97
CA TRP B 102 28.21 41.50 45.06
C TRP B 102 28.62 40.44 46.06
N TYR B 103 29.90 40.35 46.38
CA TYR B 103 30.35 39.40 47.39
C TYR B 103 29.94 39.85 48.77
N SER B 104 30.37 41.05 49.15
CA SER B 104 29.84 41.67 50.36
C SER B 104 28.34 41.46 50.45
N ILE B 105 27.67 41.55 49.32
CA ILE B 105 26.25 41.19 49.25
C ILE B 105 26.04 39.72 49.60
N MET B 106 26.90 38.83 49.13
CA MET B 106 26.69 37.41 49.41
C MET B 106 27.62 36.91 50.51
N TYR B 107 28.78 37.54 50.66
CA TYR B 107 29.73 37.19 51.71
C TYR B 107 29.53 38.18 52.83
N PRO B 108 29.02 37.78 53.98
CA PRO B 108 28.89 38.73 55.10
C PRO B 108 30.24 39.15 55.63
N THR B 109 31.05 38.18 56.02
CA THR B 109 32.37 38.47 56.56
C THR B 109 33.26 39.15 55.54
N ARG B 110 32.80 39.28 54.29
CA ARG B 110 33.51 40.09 53.31
C ARG B 110 33.89 41.44 53.91
N MET B 111 32.90 42.17 54.42
CA MET B 111 33.19 43.40 55.13
C MET B 111 33.77 43.08 56.50
N GLY B 112 34.51 44.05 57.06
CA GLY B 112 35.14 43.86 58.35
C GLY B 112 34.39 44.53 59.49
N THR B 113 35.00 44.51 60.66
CA THR B 113 34.42 45.09 61.88
C THR B 113 35.48 45.88 62.64
N PRO B 114 35.79 47.12 62.23
CA PRO B 114 36.83 47.87 62.92
C PRO B 114 36.31 48.78 64.01
N ASN B 115 34.99 48.91 64.12
CA ASN B 115 34.38 49.87 65.02
C ASN B 115 33.04 49.38 65.54
N VAL B 116 32.25 50.33 65.99
CA VAL B 116 30.91 50.06 66.48
C VAL B 116 29.92 50.14 65.34
N SER B 117 29.15 49.06 65.17
CA SER B 117 27.93 49.07 64.39
C SER B 117 27.28 47.72 64.59
N LYS B 118 25.95 47.73 64.65
CA LYS B 118 25.21 46.48 64.71
C LYS B 118 25.76 45.49 63.69
N ILE B 119 26.10 45.98 62.50
CA ILE B 119 26.94 45.20 61.61
C ILE B 119 28.26 44.90 62.28
N CYS B 120 29.09 45.92 62.52
CA CYS B 120 30.42 45.69 63.04
C CYS B 120 30.37 44.81 64.27
N ASN B 121 29.42 45.06 65.15
CA ASN B 121 29.37 44.35 66.41
C ASN B 121 29.02 42.89 66.21
N PHE B 122 28.01 42.61 65.39
CA PHE B 122 27.57 41.23 65.26
C PHE B 122 28.46 40.44 64.30
N VAL B 123 28.86 41.07 63.21
CA VAL B 123 29.82 40.44 62.32
C VAL B 123 31.11 40.14 63.08
N ALA B 124 31.43 40.98 64.07
CA ALA B 124 32.51 40.63 64.97
C ALA B 124 32.25 39.30 65.64
N SER B 125 30.99 38.88 65.73
CA SER B 125 30.67 37.57 66.27
C SER B 125 30.65 36.50 65.19
N CYS B 126 30.72 36.87 63.92
CA CYS B 126 30.66 35.90 62.85
C CYS B 126 32.04 35.32 62.53
N VAL B 127 32.04 34.03 62.22
CA VAL B 127 33.25 33.25 61.94
C VAL B 127 33.66 33.40 60.49
N ARG B 128 34.88 32.97 60.18
CA ARG B 128 35.33 32.89 58.81
C ARG B 128 35.24 31.46 58.28
N ASN B 129 34.71 30.55 59.07
CA ASN B 129 34.75 29.14 58.74
C ASN B 129 33.44 28.63 58.17
N ARG B 130 32.34 29.33 58.38
CA ARG B 130 31.07 28.96 57.77
C ARG B 130 30.79 29.91 56.62
N VAL B 131 31.84 30.29 55.90
CA VAL B 131 31.74 31.32 54.87
C VAL B 131 32.40 30.81 53.61
N GLY B 132 31.82 31.15 52.46
CA GLY B 132 32.46 30.88 51.18
C GLY B 132 32.10 29.54 50.57
N ARG B 133 33.11 28.85 50.06
CA ARG B 133 32.89 27.55 49.45
C ARG B 133 32.71 26.49 50.52
N PHE B 134 31.64 25.70 50.40
CA PHE B 134 31.40 24.64 51.37
C PHE B 134 31.82 23.27 50.87
N ASP B 135 31.17 22.76 49.83
CA ASP B 135 31.49 21.45 49.31
C ASP B 135 31.02 21.39 47.87
N ARG B 136 31.52 20.39 47.15
CA ARG B 136 31.52 20.42 45.70
C ARG B 136 31.01 19.10 45.15
N ALA B 137 30.74 19.08 43.85
CA ALA B 137 30.48 17.85 43.13
C ALA B 137 31.72 17.44 42.35
N GLN B 138 32.10 16.17 42.51
CA GLN B 138 33.10 15.59 41.64
C GLN B 138 32.69 15.69 40.18
N MET B 139 31.39 15.78 39.91
CA MET B 139 30.89 16.15 38.60
C MET B 139 30.96 17.66 38.44
N MET B 140 31.66 18.09 37.40
CA MET B 140 32.17 19.44 37.33
C MET B 140 32.68 19.72 35.93
N ASN B 141 32.44 20.94 35.45
CA ASN B 141 32.88 21.38 34.13
C ASN B 141 33.59 22.72 34.25
N GLY B 142 34.82 22.79 33.77
CA GLY B 142 35.58 24.03 33.90
C GLY B 142 36.05 24.21 35.34
N ALA B 143 35.63 25.32 35.95
CA ALA B 143 35.96 25.58 37.34
C ALA B 143 34.75 25.57 38.27
N MET B 144 33.72 24.77 37.99
CA MET B 144 32.56 24.67 38.87
C MET B 144 31.85 23.32 38.73
N SER B 145 31.32 22.83 39.84
CA SER B 145 30.66 21.53 39.88
C SER B 145 29.32 21.55 39.17
N GLU B 146 28.84 20.37 38.85
CA GLU B 146 27.49 20.23 38.37
C GLU B 146 26.48 20.33 39.50
N TRP B 147 26.97 20.42 40.74
CA TRP B 147 26.22 20.90 41.89
C TRP B 147 27.19 21.20 43.02
N VAL B 148 27.24 22.45 43.48
CA VAL B 148 28.23 22.85 44.47
C VAL B 148 27.64 23.83 45.48
N ASP B 149 27.43 23.34 46.70
CA ASP B 149 26.90 24.13 47.80
C ASP B 149 28.02 24.98 48.39
N VAL B 150 27.76 26.28 48.53
CA VAL B 150 28.75 27.21 49.05
C VAL B 150 28.05 28.25 49.90
N PHE B 151 28.64 28.53 51.06
CA PHE B 151 28.09 29.48 52.01
C PHE B 151 27.80 30.80 51.30
N GLU B 152 26.54 31.22 51.33
CA GLU B 152 26.15 32.41 50.59
C GLU B 152 24.77 32.86 51.02
N THR B 153 24.49 34.13 50.79
CA THR B 153 23.18 34.72 51.09
C THR B 153 22.17 34.16 50.10
N SER B 154 21.04 33.66 50.59
CA SER B 154 20.12 32.96 49.70
C SER B 154 18.79 32.69 50.38
N ASP B 155 17.77 32.49 49.54
CA ASP B 155 16.44 32.13 49.97
C ASP B 155 16.20 30.65 49.68
N ALA B 156 15.81 29.92 50.71
CA ALA B 156 15.45 28.53 50.52
C ALA B 156 14.26 28.40 49.59
N LEU B 157 13.52 29.48 49.40
CA LEU B 157 12.40 29.49 48.50
C LEU B 157 12.84 29.06 47.10
N THR B 158 13.69 29.89 46.49
CA THR B 158 14.24 29.57 45.18
C THR B 158 14.81 28.16 45.16
N VAL B 159 15.44 27.79 46.27
CA VAL B 159 16.04 26.47 46.38
C VAL B 159 15.00 25.40 46.14
N SER B 160 13.94 25.40 46.95
CA SER B 160 12.89 24.40 46.82
C SER B 160 12.30 24.42 45.43
N ILE B 161 12.06 25.61 44.89
CA ILE B 161 11.47 25.74 43.57
C ILE B 161 12.30 24.97 42.55
N ARG B 162 13.53 25.44 42.34
CA ARG B 162 14.38 24.80 41.35
C ARG B 162 14.70 23.36 41.72
N GLY B 163 14.57 22.99 43.00
CA GLY B 163 14.86 21.61 43.36
C GLY B 163 13.81 20.66 42.82
N ARG B 164 12.55 20.92 43.12
CA ARG B 164 11.49 20.13 42.52
C ARG B 164 11.52 20.25 41.00
N TRP B 165 11.86 21.44 40.52
CA TRP B 165 11.99 21.66 39.09
C TRP B 165 12.97 20.67 38.48
N MET B 166 14.25 20.80 38.84
CA MET B 166 15.32 19.86 38.55
C MET B 166 14.87 18.42 38.65
N ALA B 167 14.16 18.09 39.73
CA ALA B 167 13.68 16.73 39.91
C ALA B 167 12.92 16.29 38.67
N ARG B 168 11.93 17.10 38.30
CA ARG B 168 11.17 16.77 37.10
C ARG B 168 12.08 16.66 35.90
N LEU B 169 12.91 17.69 35.71
CA LEU B 169 13.73 17.77 34.52
C LEU B 169 14.57 16.51 34.35
N ALA B 170 15.45 16.24 35.31
CA ALA B 170 16.31 15.08 35.25
C ALA B 170 15.51 13.79 35.20
N ARG B 171 14.27 13.82 35.69
CA ARG B 171 13.44 12.63 35.59
C ARG B 171 13.15 12.25 34.16
N MET B 172 13.66 13.02 33.20
CA MET B 172 13.28 12.85 31.81
C MET B 172 14.47 12.60 30.88
N ASN B 173 15.69 12.76 31.37
CA ASN B 173 16.83 12.74 30.46
C ASN B 173 16.95 11.40 29.76
N ILE B 174 17.56 11.43 28.57
CA ILE B 174 17.55 10.30 27.66
C ILE B 174 18.96 10.06 27.14
N ASN B 175 19.30 8.78 26.92
CA ASN B 175 20.61 8.34 26.48
C ASN B 175 20.75 8.52 24.98
N PRO B 176 21.77 9.25 24.53
CA PRO B 176 22.04 9.36 23.08
C PRO B 176 22.03 8.04 22.37
N THR B 177 22.39 6.98 23.08
CA THR B 177 22.37 5.65 22.48
C THR B 177 20.95 5.26 22.06
N GLU B 178 20.08 5.10 23.04
CA GLU B 178 18.68 4.84 22.75
C GLU B 178 18.11 5.94 21.88
N ILE B 179 18.70 7.14 21.95
CA ILE B 179 18.29 8.22 21.06
C ILE B 179 18.44 7.79 19.62
N GLU B 180 19.67 7.46 19.23
CA GLU B 180 19.90 7.08 17.85
C GLU B 180 19.11 5.84 17.48
N TRP B 181 18.93 4.93 18.45
CA TRP B 181 18.04 3.81 18.22
C TRP B 181 16.65 4.28 17.81
N ALA B 182 16.12 5.25 18.55
CA ALA B 182 14.86 5.86 18.15
C ALA B 182 14.97 6.36 16.73
N LEU B 183 15.83 7.35 16.52
CA LEU B 183 15.96 7.97 15.19
C LEU B 183 15.97 6.93 14.10
N THR B 184 16.64 5.81 14.37
CA THR B 184 16.57 4.66 13.49
C THR B 184 15.13 4.24 13.25
N GLU B 185 14.43 3.89 14.33
CA GLU B 185 13.04 3.48 14.17
C GLU B 185 12.22 4.59 13.51
N CYS B 186 12.39 5.82 13.98
CA CYS B 186 11.79 6.97 13.32
C CYS B 186 12.11 6.97 11.85
N ALA B 187 13.37 6.80 11.50
CA ALA B 187 13.73 6.65 10.11
C ALA B 187 13.39 5.27 9.57
N GLN B 188 12.71 4.45 10.36
CA GLN B 188 12.38 3.07 9.99
C GLN B 188 13.59 2.32 9.48
N GLY B 189 14.77 2.64 10.01
CA GLY B 189 15.98 2.09 9.48
C GLY B 189 16.50 2.80 8.26
N TYR B 190 16.22 4.10 8.12
CA TYR B 190 16.73 4.87 7.01
C TYR B 190 17.33 6.17 7.48
N VAL B 191 18.01 6.11 8.62
CA VAL B 191 18.91 7.15 9.10
C VAL B 191 20.26 6.48 9.34
N THR B 192 21.31 7.30 9.39
CA THR B 192 22.65 6.82 9.65
C THR B 192 23.34 7.80 10.59
N VAL B 193 23.27 7.53 11.89
CA VAL B 193 23.91 8.38 12.89
C VAL B 193 24.73 7.47 13.80
N THR B 194 25.99 7.81 13.99
CA THR B 194 26.85 7.16 14.96
C THR B 194 27.32 8.19 15.98
N SER B 195 28.11 7.72 16.94
CA SER B 195 28.65 8.62 17.97
C SER B 195 29.83 7.96 18.67
N PRO B 196 30.96 7.85 18.00
CA PRO B 196 32.21 7.58 18.73
C PRO B 196 32.88 8.88 19.15
N TYR B 197 32.94 9.16 20.45
CA TYR B 197 33.32 10.49 20.90
C TYR B 197 34.06 10.42 22.22
N ALA B 198 34.31 11.59 22.79
CA ALA B 198 34.70 11.74 24.18
C ALA B 198 33.47 12.09 25.00
N PRO B 199 33.08 11.28 25.97
CA PRO B 199 31.79 11.49 26.66
C PRO B 199 31.77 12.79 27.44
N SER B 200 30.56 13.33 27.60
CA SER B 200 30.33 14.51 28.41
C SER B 200 29.08 14.31 29.24
N VAL B 201 29.25 14.35 30.56
CA VAL B 201 28.15 14.02 31.47
C VAL B 201 27.23 15.21 31.72
N ASN B 202 27.64 16.41 31.34
CA ASN B 202 26.78 17.57 31.46
C ASN B 202 25.60 17.48 30.51
N ARG B 203 25.71 16.69 29.44
CA ARG B 203 24.77 16.69 28.34
C ARG B 203 23.42 16.16 28.81
N LEU B 204 22.34 16.80 28.34
CA LEU B 204 21.02 16.60 28.92
C LEU B 204 19.98 16.42 27.83
N MET B 205 19.18 15.37 27.92
CA MET B 205 18.17 15.06 26.91
C MET B 205 16.86 14.69 27.59
N PRO B 206 16.27 15.62 28.31
CA PRO B 206 15.13 15.27 29.17
C PRO B 206 13.79 15.29 28.46
N TYR B 207 13.42 14.21 27.76
CA TYR B 207 12.18 14.27 27.00
C TYR B 207 11.32 13.02 27.08
N ARG B 208 11.52 12.11 28.04
CA ARG B 208 10.78 10.85 28.09
C ARG B 208 9.48 11.05 28.86
N ILE B 209 8.35 10.61 28.27
CA ILE B 209 7.04 10.80 28.85
C ILE B 209 6.12 9.65 28.47
N SER B 210 4.89 9.70 29.02
CA SER B 210 3.87 8.70 28.71
C SER B 210 3.01 9.17 27.54
N ASN B 211 1.82 8.57 27.43
CA ASN B 211 0.96 8.82 26.28
C ASN B 211 -0.19 9.76 26.61
N ALA B 212 -0.74 9.63 27.83
CA ALA B 212 -1.93 10.37 28.24
C ALA B 212 -1.81 11.86 27.91
N GLU B 213 -0.60 12.37 27.98
CA GLU B 213 -0.37 13.79 27.74
C GLU B 213 -0.71 14.17 26.31
N ARG B 214 -0.05 13.52 25.35
CA ARG B 214 -0.33 13.78 23.95
C ARG B 214 -1.78 13.47 23.62
N GLN B 215 -2.35 12.43 24.22
CA GLN B 215 -3.74 12.13 23.93
C GLN B 215 -4.65 13.26 24.37
N ILE B 216 -4.45 13.76 25.60
CA ILE B 216 -5.14 14.95 26.05
C ILE B 216 -4.95 16.08 25.06
N SER B 217 -3.70 16.26 24.64
CA SER B 217 -3.37 17.37 23.76
C SER B 217 -4.16 17.28 22.46
N GLN B 218 -4.20 16.10 21.87
CA GLN B 218 -4.96 15.89 20.66
C GLN B 218 -6.42 16.18 20.87
N ILE B 219 -6.99 15.68 21.97
CA ILE B 219 -8.36 16.03 22.32
C ILE B 219 -8.56 17.53 22.22
N ILE B 220 -7.80 18.27 23.02
CA ILE B 220 -8.06 19.69 23.14
C ILE B 220 -7.85 20.37 21.82
N ARG B 221 -6.88 19.89 21.03
CA ARG B 221 -6.69 20.42 19.70
C ARG B 221 -7.96 20.33 18.90
N ILE B 222 -8.54 19.14 18.84
CA ILE B 222 -9.80 18.98 18.14
C ILE B 222 -10.84 19.94 18.68
N MET B 223 -10.92 20.04 20.01
CA MET B 223 -11.92 20.90 20.62
C MET B 223 -11.78 22.33 20.13
N ASN B 224 -10.55 22.85 20.16
CA ASN B 224 -10.30 24.19 19.64
C ASN B 224 -10.67 24.28 18.17
N ILE B 225 -10.36 23.24 17.41
CA ILE B 225 -10.81 23.19 16.02
C ILE B 225 -12.30 23.41 15.95
N GLY B 226 -13.04 22.74 16.85
CA GLY B 226 -14.48 22.88 16.90
C GLY B 226 -15.10 22.70 15.55
N ASN B 227 -14.50 21.82 14.74
CA ASN B 227 -14.89 21.61 13.35
C ASN B 227 -14.73 22.90 12.54
N ASN B 228 -13.48 23.33 12.41
CA ASN B 228 -13.12 24.43 11.51
C ASN B 228 -12.15 23.92 10.44
N ALA B 229 -12.56 24.05 9.18
CA ALA B 229 -11.74 23.56 8.07
C ALA B 229 -10.46 24.38 7.92
N THR B 230 -10.58 25.70 8.00
CA THR B 230 -9.44 26.58 7.80
C THR B 230 -8.29 26.22 8.73
N VAL B 231 -8.60 25.54 9.83
CA VAL B 231 -7.54 25.05 10.70
C VAL B 231 -6.63 24.09 9.94
N ILE B 232 -7.19 23.08 9.28
CA ILE B 232 -6.40 21.94 8.87
C ILE B 232 -6.18 21.91 7.37
N GLN B 233 -6.95 22.68 6.61
CA GLN B 233 -6.65 22.81 5.20
C GLN B 233 -5.17 23.13 4.98
N PRO B 234 -4.60 24.14 5.66
CA PRO B 234 -3.19 24.46 5.42
C PRO B 234 -2.26 23.35 5.85
N VAL B 235 -2.72 22.51 6.78
CA VAL B 235 -2.00 21.29 7.08
C VAL B 235 -1.84 20.47 5.81
N LEU B 236 -2.99 20.12 5.20
CA LEU B 236 -2.98 19.42 3.93
C LEU B 236 -2.10 20.15 2.93
N GLN B 237 -2.03 21.47 3.05
CA GLN B 237 -1.25 22.27 2.13
C GLN B 237 0.23 21.95 2.28
N ASP B 238 0.77 22.12 3.49
CA ASP B 238 2.15 21.75 3.77
C ASP B 238 2.42 20.33 3.33
N ILE B 239 1.45 19.46 3.58
CA ILE B 239 1.60 18.06 3.23
C ILE B 239 1.85 17.90 1.75
N SER B 240 0.84 18.25 0.93
CA SER B 240 0.98 18.22 -0.51
C SER B 240 2.26 18.87 -0.96
N VAL B 241 2.64 19.98 -0.31
CA VAL B 241 3.86 20.67 -0.67
C VAL B 241 5.05 19.74 -0.58
N LEU B 242 5.26 19.18 0.60
CA LEU B 242 6.42 18.32 0.79
C LEU B 242 6.32 17.09 -0.09
N LEU B 243 5.10 16.63 -0.33
CA LEU B 243 4.90 15.44 -1.14
C LEU B 243 5.35 15.66 -2.57
N GLN B 244 4.68 16.57 -3.28
CA GLN B 244 5.14 16.94 -4.61
C GLN B 244 6.62 17.29 -4.58
N ARG B 245 7.08 17.81 -3.45
CA ARG B 245 8.47 18.14 -3.25
C ARG B 245 9.36 16.90 -3.17
N ILE B 246 8.79 15.74 -2.90
CA ILE B 246 9.63 14.60 -2.60
C ILE B 246 9.50 13.44 -3.58
N SER B 247 8.41 13.38 -4.33
CA SER B 247 8.14 12.21 -5.15
C SER B 247 8.94 12.29 -6.46
N PRO B 248 9.72 11.26 -6.80
CA PRO B 248 10.47 11.30 -8.06
C PRO B 248 9.62 10.98 -9.28
N LEU B 249 8.61 10.13 -9.11
CA LEU B 249 7.69 9.79 -10.19
C LEU B 249 7.23 11.02 -10.95
N GLN B 250 7.05 10.85 -12.26
CA GLN B 250 6.60 11.93 -13.14
C GLN B 250 5.27 11.57 -13.79
N ILE B 251 4.49 12.60 -14.09
CA ILE B 251 3.16 12.46 -14.68
C ILE B 251 3.20 13.12 -16.05
N ASP B 252 2.62 12.47 -17.05
CA ASP B 252 2.55 13.13 -18.34
C ASP B 252 1.37 12.65 -19.15
N PRO B 253 0.26 13.37 -19.13
CA PRO B 253 -0.89 12.99 -19.94
C PRO B 253 -0.58 13.00 -21.42
N THR B 254 0.33 13.88 -21.84
CA THR B 254 0.70 13.95 -23.24
C THR B 254 1.16 12.61 -23.76
N ILE B 255 1.72 11.77 -22.89
CA ILE B 255 2.05 10.40 -23.26
C ILE B 255 0.87 9.76 -23.96
N ILE B 256 -0.27 9.71 -23.27
CA ILE B 256 -1.49 9.13 -23.84
C ILE B 256 -1.77 9.72 -25.21
N SER B 257 -1.59 11.05 -25.33
CA SER B 257 -1.79 11.70 -26.61
C SER B 257 -1.06 10.95 -27.71
N ASN B 258 0.25 10.77 -27.53
CA ASN B 258 1.00 9.98 -28.49
C ASN B 258 0.47 8.57 -28.55
N THR B 259 0.21 7.98 -27.39
CA THR B 259 -0.45 6.69 -27.33
C THR B 259 -1.73 6.69 -28.13
N MET B 260 -2.44 7.82 -28.11
CA MET B 260 -3.60 7.97 -28.96
C MET B 260 -3.23 8.56 -30.31
N SER B 261 -2.09 9.26 -30.38
CA SER B 261 -1.55 9.80 -31.63
C SER B 261 -2.39 10.93 -32.22
N THR B 262 -2.57 12.03 -31.47
CA THR B 262 -3.33 13.21 -31.96
C THR B 262 -2.82 13.78 -33.28
N LEU B 271 -17.90 12.91 -30.22
CA LEU B 271 -16.60 13.09 -30.85
C LEU B 271 -15.90 11.78 -31.09
N SER B 272 -14.84 11.85 -31.89
CA SER B 272 -13.83 10.82 -31.79
C SER B 272 -13.37 10.78 -30.34
N PRO B 273 -13.10 9.58 -29.82
CA PRO B 273 -12.68 9.48 -28.41
C PRO B 273 -11.57 10.43 -28.05
N ALA B 274 -10.56 10.53 -28.92
CA ALA B 274 -9.39 11.35 -28.63
C ALA B 274 -9.76 12.81 -28.55
N SER B 275 -10.55 13.29 -29.51
CA SER B 275 -11.00 14.68 -29.46
C SER B 275 -11.78 14.94 -28.18
N SER B 276 -12.67 14.02 -27.82
CA SER B 276 -13.44 14.15 -26.60
C SER B 276 -12.52 14.34 -25.40
N ILE B 277 -11.58 13.42 -25.22
CA ILE B 277 -10.74 13.49 -24.04
C ILE B 277 -9.82 14.69 -24.11
N LEU B 278 -9.35 15.04 -25.31
CA LEU B 278 -8.44 16.17 -25.47
C LEU B 278 -9.11 17.45 -25.02
N GLY B 279 -10.38 17.63 -25.37
CA GLY B 279 -11.16 18.71 -24.78
C GLY B 279 -11.36 18.52 -23.30
N LYS B 280 -11.46 17.26 -22.86
CA LYS B 280 -11.71 16.96 -21.46
C LYS B 280 -10.53 17.36 -20.57
N LEU B 281 -9.35 17.55 -21.16
CA LEU B 281 -8.14 17.58 -20.34
C LEU B 281 -7.42 18.93 -20.32
N ARG B 282 -7.67 19.80 -21.31
CA ARG B 282 -7.00 21.11 -21.32
C ARG B 282 -5.48 20.97 -21.35
N PRO B 283 -4.87 20.61 -22.49
CA PRO B 283 -3.45 20.23 -22.49
C PRO B 283 -2.53 21.40 -22.17
N SER B 284 -2.82 22.08 -21.07
CA SER B 284 -2.09 23.25 -20.64
C SER B 284 -1.85 23.28 -19.15
N ASN B 285 -2.47 22.40 -18.40
CA ASN B 285 -2.46 22.46 -16.95
C ASN B 285 -1.04 22.25 -16.43
N SER B 286 -0.72 22.90 -15.31
CA SER B 286 0.67 22.95 -14.87
C SER B 286 0.80 22.74 -13.36
N ASP B 287 -0.29 22.45 -12.69
CA ASP B 287 -0.32 22.41 -11.24
C ASP B 287 -0.87 21.06 -10.78
N PHE B 288 -0.36 20.58 -9.65
CA PHE B 288 -0.41 19.15 -9.34
C PHE B 288 -0.78 18.87 -7.89
N SER B 289 -1.60 19.71 -7.25
CA SER B 289 -1.68 19.73 -5.79
C SER B 289 -2.82 18.89 -5.25
N SER B 290 -4.04 19.23 -5.63
CA SER B 290 -5.23 18.70 -4.96
C SER B 290 -5.26 17.18 -5.02
N PHE B 291 -4.62 16.60 -6.03
CA PHE B 291 -4.46 15.15 -6.06
C PHE B 291 -3.67 14.68 -4.85
N ARG B 292 -2.48 15.25 -4.64
CA ARG B 292 -1.69 14.94 -3.47
C ARG B 292 -2.53 15.07 -2.22
N VAL B 293 -3.40 16.08 -2.19
CA VAL B 293 -4.26 16.25 -1.03
C VAL B 293 -5.23 15.09 -0.92
N ALA B 294 -5.73 14.61 -2.06
CA ALA B 294 -6.59 13.44 -2.06
C ALA B 294 -5.88 12.26 -1.41
N LEU B 295 -4.57 12.17 -1.63
CA LEU B 295 -3.78 11.15 -0.97
C LEU B 295 -3.73 11.41 0.52
N ALA B 296 -3.39 12.63 0.89
CA ALA B 296 -3.22 12.99 2.29
C ALA B 296 -4.51 12.83 3.07
N GLY B 297 -5.63 12.69 2.36
CA GLY B 297 -6.86 12.34 3.04
C GLY B 297 -6.74 11.06 3.83
N TRP B 298 -6.00 10.09 3.30
CA TRP B 298 -5.87 8.79 3.96
C TRP B 298 -5.17 8.88 5.30
N LEU B 299 -4.68 10.06 5.65
CA LEU B 299 -3.86 10.20 6.85
C LEU B 299 -4.68 10.67 8.03
N TYR B 300 -5.84 11.26 7.78
CA TYR B 300 -6.75 11.68 8.82
C TYR B 300 -8.15 11.31 8.38
N ASN B 301 -8.87 10.62 9.25
CA ASN B 301 -10.19 10.18 8.85
C ASN B 301 -11.22 10.59 9.89
N GLY B 302 -10.83 10.55 11.16
CA GLY B 302 -11.79 10.73 12.22
C GLY B 302 -12.56 12.02 12.19
N VAL B 303 -12.22 12.92 11.29
CA VAL B 303 -12.90 14.20 11.20
C VAL B 303 -13.33 14.55 9.79
N VAL B 304 -12.81 13.91 8.76
CA VAL B 304 -12.95 14.40 7.41
C VAL B 304 -13.49 13.29 6.53
N THR B 305 -14.11 13.65 5.42
CA THR B 305 -14.57 12.70 4.43
C THR B 305 -14.19 13.19 3.04
N THR B 306 -13.42 12.39 2.33
CA THR B 306 -13.23 12.60 0.90
C THR B 306 -14.54 12.36 0.18
N VAL B 307 -14.97 13.36 -0.57
CA VAL B 307 -16.16 13.28 -1.40
C VAL B 307 -15.79 13.80 -2.78
N ILE B 308 -16.78 13.93 -3.64
CA ILE B 308 -16.55 14.35 -5.01
C ILE B 308 -17.64 15.32 -5.42
N ASP B 309 -17.30 16.23 -6.33
CA ASP B 309 -18.32 17.04 -6.97
C ASP B 309 -19.24 16.14 -7.78
N ASP B 310 -20.38 16.71 -8.14
CA ASP B 310 -21.30 16.07 -9.06
C ASP B 310 -21.38 16.81 -10.39
N SER B 311 -20.69 17.94 -10.51
CA SER B 311 -20.31 18.49 -11.79
C SER B 311 -19.52 17.48 -12.59
N SER B 312 -18.79 16.60 -11.92
CA SER B 312 -18.22 15.42 -12.53
C SER B 312 -19.28 14.38 -12.82
N TYR B 313 -20.34 14.32 -12.02
CA TYR B 313 -21.43 13.40 -12.30
C TYR B 313 -22.20 13.91 -13.51
N PRO B 314 -22.84 13.01 -14.27
CA PRO B 314 -23.71 13.41 -15.38
C PRO B 314 -25.00 14.05 -14.88
N LYS B 315 -24.87 15.20 -14.23
CA LYS B 315 -25.95 15.88 -13.52
C LYS B 315 -26.42 15.02 -12.37
N ASP B 316 -25.57 14.10 -11.89
CA ASP B 316 -25.95 13.03 -10.98
C ASP B 316 -27.08 12.22 -11.59
N GLY B 317 -27.22 12.34 -12.92
CA GLY B 317 -28.17 11.55 -13.68
C GLY B 317 -27.48 10.64 -14.67
N GLY B 318 -27.45 11.03 -15.93
CA GLY B 318 -26.82 10.22 -16.94
C GLY B 318 -27.81 9.35 -17.69
N SER B 319 -27.31 8.76 -18.77
CA SER B 319 -28.13 7.97 -19.65
C SER B 319 -27.33 6.77 -20.13
N VAL B 320 -27.82 6.13 -21.19
CA VAL B 320 -27.13 5.02 -21.81
C VAL B 320 -26.74 5.32 -23.25
N THR B 321 -26.73 6.59 -23.65
CA THR B 321 -26.42 6.93 -25.03
C THR B 321 -25.56 8.17 -25.20
N SER B 322 -25.22 8.87 -24.12
CA SER B 322 -24.40 10.07 -24.21
C SER B 322 -22.92 9.70 -24.07
N LEU B 323 -22.18 9.85 -25.17
CA LEU B 323 -20.76 9.52 -25.17
C LEU B 323 -20.03 10.27 -24.08
N GLU B 324 -20.44 11.52 -23.83
CA GLU B 324 -19.85 12.26 -22.73
C GLU B 324 -20.08 11.55 -21.41
N ASN B 325 -21.31 11.09 -21.19
CA ASN B 325 -21.61 10.33 -19.99
C ASN B 325 -20.70 9.12 -19.89
N LEU B 326 -20.41 8.48 -21.03
CA LEU B 326 -19.45 7.39 -21.03
C LEU B 326 -18.13 7.84 -20.47
N TRP B 327 -17.54 8.88 -21.07
CA TRP B 327 -16.31 9.45 -20.55
C TRP B 327 -16.38 9.62 -19.05
N ASP B 328 -17.46 10.23 -18.58
CA ASP B 328 -17.48 10.72 -17.21
C ASP B 328 -17.62 9.58 -16.22
N PHE B 329 -18.58 8.68 -16.46
CA PHE B 329 -18.71 7.54 -15.55
C PHE B 329 -17.44 6.72 -15.58
N PHE B 330 -16.83 6.60 -16.75
CA PHE B 330 -15.56 5.94 -16.89
C PHE B 330 -14.55 6.55 -15.92
N ILE B 331 -14.36 7.85 -16.08
CA ILE B 331 -13.43 8.67 -15.32
C ILE B 331 -13.63 8.40 -13.84
N LEU B 332 -14.85 8.68 -13.37
CA LEU B 332 -15.16 8.60 -11.97
C LEU B 332 -14.91 7.18 -11.50
N ALA B 333 -15.65 6.22 -12.05
CA ALA B 333 -15.56 4.82 -11.70
C ALA B 333 -14.11 4.42 -11.43
N LEU B 334 -13.20 4.94 -12.24
CA LEU B 334 -11.80 4.72 -11.90
C LEU B 334 -11.38 5.49 -10.65
N ALA B 335 -11.60 6.80 -10.61
CA ALA B 335 -11.07 7.63 -9.53
C ALA B 335 -11.68 7.36 -8.17
N LEU B 336 -12.75 6.56 -8.12
CA LEU B 336 -13.48 6.42 -6.86
C LEU B 336 -12.76 5.60 -5.80
N PRO B 337 -12.52 4.30 -6.00
CA PRO B 337 -12.37 3.39 -4.85
C PRO B 337 -11.36 3.85 -3.81
N MET B 338 -10.50 4.76 -4.20
CA MET B 338 -9.49 5.31 -3.32
C MET B 338 -10.07 6.29 -2.32
N THR B 339 -11.32 6.65 -2.47
CA THR B 339 -11.92 7.61 -1.57
C THR B 339 -12.09 7.02 -0.18
N THR B 340 -12.70 7.81 0.69
CA THR B 340 -13.01 7.40 2.05
C THR B 340 -14.50 7.44 2.34
N ASP B 341 -15.27 8.17 1.55
CA ASP B 341 -16.71 8.18 1.74
C ASP B 341 -17.23 6.76 1.69
N PRO B 342 -17.76 6.22 2.79
CA PRO B 342 -18.13 4.81 2.83
C PRO B 342 -19.26 4.40 1.90
N CYS B 343 -20.15 5.32 1.52
CA CYS B 343 -21.27 4.98 0.66
C CYS B 343 -20.84 4.86 -0.80
N ALA B 344 -19.56 5.06 -1.08
CA ALA B 344 -18.99 5.06 -2.42
C ALA B 344 -19.43 3.88 -3.28
N PRO B 345 -19.23 2.63 -2.85
CA PRO B 345 -19.47 1.52 -3.79
C PRO B 345 -20.91 1.46 -4.25
N VAL B 346 -21.84 1.44 -3.31
CA VAL B 346 -23.25 1.41 -3.68
C VAL B 346 -23.61 2.70 -4.41
N LYS B 347 -22.88 3.79 -4.14
CA LYS B 347 -23.19 5.03 -4.84
C LYS B 347 -22.87 4.92 -6.32
N ALA B 348 -21.68 4.44 -6.66
CA ALA B 348 -21.35 4.25 -8.05
C ALA B 348 -22.26 3.21 -8.69
N PHE B 349 -22.53 2.15 -7.96
CA PHE B 349 -23.55 1.17 -8.31
C PHE B 349 -24.83 1.87 -8.76
N MET B 350 -25.39 2.70 -7.89
CA MET B 350 -26.69 3.30 -8.10
C MET B 350 -26.64 4.37 -9.18
N THR B 351 -25.53 5.08 -9.31
CA THR B 351 -25.39 6.04 -10.40
C THR B 351 -25.46 5.34 -11.74
N LEU B 352 -24.61 4.34 -11.89
CA LEU B 352 -24.69 3.43 -13.03
C LEU B 352 -26.13 3.01 -13.27
N ALA B 353 -26.85 2.64 -12.21
CA ALA B 353 -28.25 2.29 -12.35
C ALA B 353 -29.06 3.45 -12.92
N ASN B 354 -28.89 4.65 -12.36
CA ASN B 354 -29.68 5.80 -12.77
C ASN B 354 -29.54 6.04 -14.27
N MET B 355 -28.29 6.12 -14.74
CA MET B 355 -28.08 6.30 -16.17
C MET B 355 -28.72 5.17 -16.97
N MET B 356 -28.81 3.99 -16.39
CA MET B 356 -29.32 2.80 -17.04
C MET B 356 -30.82 2.63 -16.86
N VAL B 357 -31.44 3.42 -15.99
CA VAL B 357 -32.84 3.22 -15.64
C VAL B 357 -33.67 3.22 -16.91
N GLY B 358 -34.32 2.09 -17.19
CA GLY B 358 -35.16 1.93 -18.36
C GLY B 358 -34.86 0.72 -19.21
N PHE B 359 -33.66 0.16 -19.18
CA PHE B 359 -33.38 -1.04 -19.95
C PHE B 359 -33.44 -2.28 -19.06
N GLU B 360 -32.73 -2.22 -17.93
CA GLU B 360 -32.71 -3.32 -16.99
C GLU B 360 -33.53 -2.92 -15.78
N THR B 361 -34.28 -3.89 -15.24
CA THR B 361 -35.26 -3.60 -14.20
C THR B 361 -34.94 -4.40 -12.95
N ILE B 362 -34.88 -3.72 -11.81
CA ILE B 362 -34.52 -4.36 -10.54
C ILE B 362 -35.53 -3.95 -9.47
N PRO B 363 -35.87 -4.83 -8.53
CA PRO B 363 -36.71 -4.42 -7.41
C PRO B 363 -36.05 -3.36 -6.55
N MET B 364 -36.87 -2.63 -5.82
CA MET B 364 -36.42 -1.61 -4.89
C MET B 364 -36.87 -1.97 -3.48
N ASP B 365 -36.61 -1.07 -2.53
CA ASP B 365 -37.07 -1.24 -1.15
C ASP B 365 -37.56 0.05 -0.51
N ASN B 366 -37.69 1.14 -1.28
CA ASN B 366 -38.28 2.36 -0.73
C ASN B 366 -38.81 3.28 -1.81
N GLN B 367 -40.04 3.73 -1.63
CA GLN B 367 -40.67 4.61 -2.62
C GLN B 367 -39.96 5.96 -2.71
N ILE B 368 -39.55 6.51 -1.58
CA ILE B 368 -38.79 7.76 -1.62
C ILE B 368 -37.48 7.54 -2.35
N TYR B 369 -36.84 6.40 -2.11
CA TYR B 369 -35.73 6.00 -2.97
C TYR B 369 -36.20 5.88 -4.40
N THR B 370 -35.34 6.25 -5.33
CA THR B 370 -35.63 6.07 -6.73
C THR B 370 -34.39 5.53 -7.44
N GLN B 371 -34.60 4.51 -8.26
CA GLN B 371 -33.54 3.96 -9.08
C GLN B 371 -32.88 5.02 -9.94
N SER B 372 -33.55 6.15 -10.15
CA SER B 372 -32.95 7.30 -10.82
C SER B 372 -32.63 8.42 -9.84
N ARG B 373 -32.88 8.24 -8.55
CA ARG B 373 -32.68 9.34 -7.62
C ARG B 373 -31.20 9.65 -7.46
N ARG B 374 -30.93 10.73 -6.73
CA ARG B 374 -29.57 11.22 -6.60
C ARG B 374 -28.77 10.38 -5.61
N ALA B 375 -27.62 9.88 -6.07
CA ALA B 375 -26.70 9.21 -5.18
C ALA B 375 -26.29 10.13 -4.04
N SER B 376 -26.15 11.42 -4.35
CA SER B 376 -25.94 12.43 -3.34
C SER B 376 -27.06 12.35 -2.30
N ALA B 377 -28.30 12.34 -2.79
CA ALA B 377 -29.45 12.22 -1.92
C ALA B 377 -29.44 10.94 -1.10
N PHE B 378 -28.61 9.97 -1.47
CA PHE B 378 -28.51 8.70 -0.76
C PHE B 378 -27.16 8.64 -0.07
N SER B 379 -27.12 9.09 1.18
CA SER B 379 -25.84 9.25 1.85
C SER B 379 -25.89 8.77 3.29
N THR B 380 -26.75 7.81 3.57
CA THR B 380 -26.89 7.32 4.93
C THR B 380 -26.70 5.82 4.97
N PRO B 381 -26.40 5.26 6.14
CA PRO B 381 -26.49 3.79 6.28
C PRO B 381 -27.87 3.30 5.90
N HIS B 382 -28.87 4.13 6.17
CA HIS B 382 -30.24 3.79 5.84
C HIS B 382 -30.49 3.82 4.35
N THR B 383 -29.61 4.47 3.59
CA THR B 383 -29.68 4.45 2.13
C THR B 383 -29.18 3.15 1.55
N TRP B 384 -28.83 2.18 2.39
CA TRP B 384 -28.39 0.88 1.90
C TRP B 384 -29.60 0.05 1.47
N PRO B 385 -29.61 -0.51 0.27
CA PRO B 385 -30.66 -1.45 -0.10
C PRO B 385 -30.24 -2.90 0.12
N ARG B 386 -31.16 -3.67 0.69
CA ARG B 386 -30.94 -5.07 0.97
C ARG B 386 -30.74 -5.88 -0.31
N CYS B 387 -31.22 -5.39 -1.43
CA CYS B 387 -30.87 -6.01 -2.70
C CYS B 387 -29.42 -5.79 -3.06
N PHE B 388 -28.90 -4.59 -2.84
CA PHE B 388 -27.46 -4.41 -2.85
C PHE B 388 -26.80 -5.18 -1.72
N MET B 389 -27.57 -5.57 -0.70
CA MET B 389 -27.09 -6.43 0.37
C MET B 389 -27.39 -7.89 0.11
N ASN B 390 -28.19 -8.20 -0.92
CA ASN B 390 -28.35 -9.58 -1.34
C ASN B 390 -28.55 -9.66 -2.85
N ILE B 391 -27.53 -10.15 -3.55
CA ILE B 391 -27.61 -10.21 -5.01
C ILE B 391 -28.45 -11.38 -5.46
N GLN B 392 -28.56 -12.42 -4.62
CA GLN B 392 -29.38 -13.57 -4.99
C GLN B 392 -30.78 -13.14 -5.39
N LEU B 393 -31.23 -11.99 -4.88
CA LEU B 393 -32.46 -11.37 -5.35
C LEU B 393 -32.41 -11.01 -6.83
N ILE B 394 -31.24 -10.68 -7.35
CA ILE B 394 -31.09 -10.27 -8.74
C ILE B 394 -31.14 -11.53 -9.56
N SER B 395 -32.31 -11.82 -10.14
CA SER B 395 -32.34 -12.81 -11.19
C SER B 395 -31.50 -12.30 -12.36
N PRO B 396 -30.78 -13.18 -13.03
CA PRO B 396 -29.88 -12.73 -14.11
C PRO B 396 -30.64 -12.28 -15.34
N ILE B 397 -31.95 -12.14 -15.20
CA ILE B 397 -32.80 -11.58 -16.23
C ILE B 397 -33.31 -10.20 -15.85
N ASP B 398 -33.44 -9.95 -14.54
CA ASP B 398 -33.72 -8.60 -14.08
C ASP B 398 -32.70 -7.61 -14.63
N ALA B 399 -31.42 -7.84 -14.32
CA ALA B 399 -30.34 -6.97 -14.73
C ALA B 399 -29.01 -7.70 -14.58
N PRO B 400 -28.73 -8.68 -15.43
CA PRO B 400 -27.49 -9.45 -15.28
C PRO B 400 -26.27 -8.55 -15.26
N ILE B 401 -26.27 -7.53 -16.10
CA ILE B 401 -25.21 -6.53 -16.09
C ILE B 401 -24.94 -6.09 -14.66
N LEU B 402 -25.99 -5.62 -13.99
CA LEU B 402 -25.83 -5.05 -12.66
C LEU B 402 -25.49 -6.11 -11.64
N ARG B 403 -26.01 -7.32 -11.83
CA ARG B 403 -25.65 -8.42 -10.94
C ARG B 403 -24.13 -8.64 -10.97
N GLN B 404 -23.59 -8.85 -12.17
CA GLN B 404 -22.16 -9.01 -12.33
C GLN B 404 -21.41 -7.84 -11.75
N TRP B 405 -21.95 -6.64 -11.93
CA TRP B 405 -21.27 -5.46 -11.40
C TRP B 405 -21.19 -5.52 -9.89
N ALA B 406 -22.31 -5.78 -9.23
CA ALA B 406 -22.31 -5.89 -7.77
C ALA B 406 -21.33 -6.94 -7.32
N GLU B 407 -21.23 -8.03 -8.07
CA GLU B 407 -20.27 -9.05 -7.71
C GLU B 407 -18.85 -8.54 -7.89
N ILE B 408 -18.60 -7.78 -8.95
CA ILE B 408 -17.29 -7.17 -9.13
C ILE B 408 -16.94 -6.35 -7.91
N ILE B 409 -17.93 -5.63 -7.38
CA ILE B 409 -17.75 -4.87 -6.17
C ILE B 409 -17.37 -5.79 -5.01
N HIS B 410 -18.18 -6.83 -4.79
CA HIS B 410 -17.92 -7.75 -3.70
C HIS B 410 -16.50 -8.32 -3.78
N ARG B 411 -15.97 -8.41 -5.00
CA ARG B 411 -14.72 -9.11 -5.19
C ARG B 411 -13.51 -8.20 -5.19
N TYR B 412 -13.36 -7.36 -6.20
CA TYR B 412 -12.12 -6.64 -6.42
C TYR B 412 -11.97 -5.40 -5.56
N TRP B 413 -12.98 -5.06 -4.78
CA TRP B 413 -12.98 -3.78 -4.10
C TRP B 413 -11.75 -3.66 -3.21
N PRO B 414 -11.16 -2.46 -3.12
CA PRO B 414 -9.95 -2.28 -2.31
C PRO B 414 -10.13 -2.77 -0.88
N ASN B 415 -8.99 -3.01 -0.22
CA ASN B 415 -8.98 -3.70 1.04
C ASN B 415 -7.85 -3.19 1.92
N PRO B 416 -8.16 -2.66 3.11
CA PRO B 416 -7.17 -1.95 3.92
C PRO B 416 -6.08 -2.85 4.48
N SER B 417 -5.21 -2.21 5.26
CA SER B 417 -4.09 -2.84 5.95
C SER B 417 -3.61 -1.87 7.02
N GLN B 418 -2.46 -2.17 7.62
CA GLN B 418 -1.81 -1.28 8.56
C GLN B 418 -0.31 -1.52 8.57
N ILE B 419 0.40 -0.73 9.36
CA ILE B 419 1.83 -0.88 9.56
C ILE B 419 2.21 -0.32 10.93
N ARG B 420 3.47 -0.56 11.31
CA ARG B 420 4.03 0.06 12.49
C ARG B 420 4.51 1.47 12.19
N TYR B 421 4.57 2.29 13.22
CA TYR B 421 5.09 3.66 13.12
C TYR B 421 5.23 4.23 14.51
N GLY B 422 5.93 5.36 14.61
CA GLY B 422 6.11 6.04 15.87
C GLY B 422 7.18 5.42 16.75
N ALA B 423 7.63 6.24 17.72
CA ALA B 423 8.64 5.83 18.69
C ALA B 423 7.96 5.89 20.06
N PRO B 424 7.05 4.96 20.35
CA PRO B 424 6.34 5.00 21.61
C PRO B 424 7.19 4.60 22.80
N ASN B 425 8.39 4.10 22.55
CA ASN B 425 9.22 3.52 23.60
C ASN B 425 9.58 4.55 24.66
N VAL B 426 9.77 5.79 24.25
CA VAL B 426 10.26 6.81 25.16
C VAL B 426 9.30 7.98 25.19
N PHE B 427 9.05 8.57 24.03
CA PHE B 427 8.12 9.67 23.96
C PHE B 427 6.69 9.18 24.02
N GLY B 428 6.46 7.94 23.62
CA GLY B 428 5.12 7.43 23.50
C GLY B 428 4.51 7.76 22.16
N SER B 429 3.22 7.43 22.05
CA SER B 429 2.42 7.83 20.91
C SER B 429 0.96 7.84 21.33
N ALA B 430 0.22 8.82 20.82
CA ALA B 430 -1.15 9.07 21.22
C ALA B 430 -2.11 8.41 20.26
N ASN B 431 -2.82 7.37 20.73
CA ASN B 431 -3.83 6.69 19.92
C ASN B 431 -4.78 5.94 20.84
N LEU B 432 -6.07 6.14 20.60
CA LEU B 432 -7.10 5.60 21.49
C LEU B 432 -8.02 4.59 20.84
N PHE B 433 -8.66 4.94 19.72
CA PHE B 433 -9.40 3.96 18.94
C PHE B 433 -8.47 2.95 18.30
N THR B 434 -7.20 2.97 18.67
CA THR B 434 -6.17 2.10 18.13
C THR B 434 -4.99 2.14 19.08
N PRO B 435 -4.17 1.10 19.09
CA PRO B 435 -2.89 1.16 19.78
C PRO B 435 -2.02 2.24 19.16
N PRO B 436 -1.12 2.83 19.94
CA PRO B 436 -0.31 3.95 19.45
C PRO B 436 0.45 3.69 18.16
N GLU B 437 1.22 2.59 18.09
CA GLU B 437 2.14 2.35 17.00
C GLU B 437 1.46 1.78 15.76
N VAL B 438 0.15 1.61 15.81
CA VAL B 438 -0.59 1.03 14.70
C VAL B 438 -1.02 2.15 13.76
N LEU B 439 -0.81 1.93 12.46
CA LEU B 439 -1.09 2.93 11.45
C LEU B 439 -1.89 2.27 10.33
N LEU B 440 -3.18 2.61 10.25
CA LEU B 440 -4.01 2.03 9.21
C LEU B 440 -3.66 2.58 7.83
N LEU B 441 -4.27 1.97 6.83
CA LEU B 441 -4.24 2.34 5.43
C LEU B 441 -5.49 1.76 4.79
N PRO B 442 -6.30 2.57 4.10
CA PRO B 442 -7.50 2.03 3.45
C PRO B 442 -7.21 0.97 2.41
N ILE B 443 -5.94 0.68 2.11
CA ILE B 443 -5.56 -0.32 1.13
C ILE B 443 -4.53 -1.24 1.78
N ASP B 444 -3.94 -2.12 0.98
CA ASP B 444 -2.93 -3.03 1.48
C ASP B 444 -1.58 -2.74 0.83
N HIS B 445 -0.50 -3.09 1.54
CA HIS B 445 0.85 -2.76 1.11
C HIS B 445 1.61 -4.02 0.71
N GLN B 446 2.83 -3.82 0.18
CA GLN B 446 3.68 -4.91 -0.25
C GLN B 446 5.14 -4.48 -0.21
N PRO B 447 6.07 -5.43 -0.22
CA PRO B 447 7.49 -5.10 0.00
C PRO B 447 8.13 -4.42 -1.20
N ALA B 448 9.45 -4.22 -1.09
CA ALA B 448 10.20 -3.22 -1.84
C ALA B 448 10.81 -3.67 -3.17
N ASN B 449 11.73 -2.85 -3.68
CA ASN B 449 12.43 -3.05 -4.95
C ASN B 449 11.49 -3.05 -6.14
N VAL B 450 10.85 -1.91 -6.39
CA VAL B 450 9.95 -1.73 -7.52
C VAL B 450 10.76 -1.28 -8.72
N THR B 451 12.08 -1.47 -8.65
CA THR B 451 12.99 -1.11 -9.73
C THR B 451 12.76 -1.96 -10.98
N THR B 452 11.73 -2.79 -10.98
CA THR B 452 11.25 -3.51 -12.14
C THR B 452 10.18 -2.69 -12.86
N PRO B 453 9.91 -2.98 -14.13
CA PRO B 453 8.81 -2.31 -14.82
C PRO B 453 7.51 -2.39 -14.03
N THR B 454 6.69 -1.36 -14.20
CA THR B 454 5.53 -1.11 -13.36
C THR B 454 4.33 -1.99 -13.70
N LEU B 455 4.47 -2.92 -14.63
CA LEU B 455 3.34 -3.76 -15.01
C LEU B 455 3.04 -4.73 -13.88
N ASP B 456 1.76 -4.83 -13.50
CA ASP B 456 1.34 -5.75 -12.46
C ASP B 456 -0.14 -6.02 -12.60
N PHE B 457 -0.48 -7.21 -13.09
CA PHE B 457 -1.85 -7.67 -13.05
C PHE B 457 -2.39 -7.67 -11.63
N THR B 458 -1.69 -8.31 -10.70
CA THR B 458 -2.12 -8.47 -9.33
C THR B 458 -2.36 -7.16 -8.64
N ASN B 459 -1.85 -6.07 -9.19
CA ASN B 459 -2.18 -4.76 -8.65
C ASN B 459 -3.67 -4.56 -8.75
N GLU B 460 -4.31 -4.36 -7.59
CA GLU B 460 -5.75 -4.09 -7.57
C GLU B 460 -6.09 -2.94 -8.51
N LEU B 461 -5.09 -2.14 -8.88
CA LEU B 461 -5.32 -1.00 -9.74
C LEU B 461 -5.38 -1.42 -11.20
N THR B 462 -4.41 -2.24 -11.63
CA THR B 462 -4.55 -2.88 -12.93
C THR B 462 -5.78 -3.76 -12.96
N ASN B 463 -6.01 -4.49 -11.86
CA ASN B 463 -7.28 -5.17 -11.67
C ASN B 463 -8.45 -4.27 -11.99
N TRP B 464 -8.40 -3.03 -11.48
CA TRP B 464 -9.51 -2.12 -11.65
C TRP B 464 -9.68 -1.73 -13.10
N ARG B 465 -8.60 -1.23 -13.70
CA ARG B 465 -8.64 -0.87 -15.11
C ARG B 465 -9.15 -2.04 -15.94
N ALA B 466 -8.69 -3.24 -15.62
CA ALA B 466 -9.08 -4.42 -16.37
C ALA B 466 -10.58 -4.64 -16.27
N ARG B 467 -11.08 -4.82 -15.04
CA ARG B 467 -12.49 -5.14 -14.85
C ARG B 467 -13.39 -4.08 -15.44
N VAL B 468 -13.01 -2.82 -15.31
CA VAL B 468 -13.87 -1.76 -15.83
C VAL B 468 -13.87 -1.75 -17.35
N CYS B 469 -12.69 -1.90 -17.97
CA CYS B 469 -12.66 -2.03 -19.42
C CYS B 469 -13.57 -3.16 -19.87
N GLU B 470 -13.51 -4.28 -19.16
CA GLU B 470 -14.41 -5.38 -19.46
C GLU B 470 -15.84 -4.92 -19.43
N LEU B 471 -16.37 -4.67 -18.24
CA LEU B 471 -17.80 -4.41 -18.09
C LEU B 471 -18.26 -3.36 -19.10
N MET B 472 -17.47 -2.30 -19.26
CA MET B 472 -17.75 -1.30 -20.27
C MET B 472 -17.99 -1.93 -21.63
N LYS B 473 -16.94 -2.50 -22.22
CA LYS B 473 -17.06 -3.05 -23.57
C LYS B 473 -18.22 -4.02 -23.63
N ASN B 474 -18.24 -4.98 -22.70
CA ASN B 474 -19.30 -5.96 -22.63
C ASN B 474 -20.64 -5.31 -22.86
N LEU B 475 -20.88 -4.22 -22.15
CA LEU B 475 -22.17 -3.56 -22.24
C LEU B 475 -22.32 -2.90 -23.59
N VAL B 476 -21.29 -2.19 -24.02
CA VAL B 476 -21.40 -1.39 -25.23
C VAL B 476 -21.61 -2.25 -26.46
N ASP B 477 -21.37 -3.56 -26.36
CA ASP B 477 -21.30 -4.38 -27.56
C ASP B 477 -22.64 -4.50 -28.27
N ASN B 478 -23.70 -4.74 -27.50
CA ASN B 478 -24.98 -5.14 -28.06
C ASN B 478 -25.60 -4.14 -29.02
N GLN B 479 -25.21 -2.87 -28.96
CA GLN B 479 -25.76 -1.79 -29.79
C GLN B 479 -27.21 -1.49 -29.46
N ARG B 480 -27.80 -2.23 -28.52
CA ARG B 480 -29.23 -2.18 -28.31
C ARG B 480 -29.62 -1.58 -26.96
N TYR B 481 -28.87 -1.85 -25.90
CA TYR B 481 -28.90 -0.98 -24.74
C TYR B 481 -28.61 0.46 -25.13
N GLN B 482 -28.03 0.68 -26.29
CA GLN B 482 -27.68 2.00 -26.80
C GLN B 482 -28.29 2.16 -28.17
N PRO B 483 -29.61 2.21 -28.27
CA PRO B 483 -30.24 2.40 -29.57
C PRO B 483 -29.87 3.77 -30.14
N GLY B 484 -30.15 3.95 -31.41
CA GLY B 484 -29.71 5.13 -32.12
C GLY B 484 -28.24 5.12 -32.46
N TRP B 485 -27.57 3.98 -32.36
CA TRP B 485 -26.14 3.88 -32.59
C TRP B 485 -25.92 3.04 -33.84
N THR B 486 -25.58 3.70 -34.94
CA THR B 486 -25.60 3.07 -36.26
C THR B 486 -24.24 2.68 -36.79
N GLN B 487 -23.34 3.65 -36.98
CA GLN B 487 -22.05 3.30 -37.53
C GLN B 487 -21.32 2.39 -36.58
N SER B 488 -20.73 1.34 -37.14
CA SER B 488 -19.98 0.39 -36.35
C SER B 488 -18.73 1.08 -35.84
N LEU B 489 -18.78 1.52 -34.60
CA LEU B 489 -17.59 1.98 -33.91
C LEU B 489 -17.08 0.95 -32.93
N VAL B 490 -17.61 -0.27 -32.95
CA VAL B 490 -17.05 -1.34 -32.14
C VAL B 490 -15.56 -1.44 -32.39
N SER B 491 -15.14 -1.09 -33.61
CA SER B 491 -13.73 -0.94 -33.89
C SER B 491 -13.12 0.15 -33.03
N SER B 492 -13.52 1.40 -33.27
CA SER B 492 -12.85 2.54 -32.68
C SER B 492 -12.93 2.52 -31.17
N MET B 493 -14.15 2.57 -30.65
CA MET B 493 -14.36 2.63 -29.20
C MET B 493 -13.68 1.48 -28.49
N ARG B 494 -13.86 0.26 -28.97
CA ARG B 494 -13.39 -0.90 -28.21
C ARG B 494 -11.87 -1.03 -28.30
N GLY B 495 -11.31 -0.84 -29.49
CA GLY B 495 -9.87 -0.79 -29.60
C GLY B 495 -9.29 0.31 -28.74
N THR B 496 -10.03 1.40 -28.58
CA THR B 496 -9.58 2.47 -27.71
C THR B 496 -9.57 1.99 -26.26
N LEU B 497 -10.64 1.31 -25.85
CA LEU B 497 -10.68 0.70 -24.53
C LEU B 497 -9.49 -0.21 -24.32
N ASP B 498 -9.10 -0.91 -25.37
CA ASP B 498 -7.90 -1.74 -25.30
C ASP B 498 -6.67 -0.88 -25.06
N LYS B 499 -6.41 0.04 -25.98
CA LYS B 499 -5.21 0.90 -25.89
C LYS B 499 -5.08 1.50 -24.51
N LEU B 500 -6.17 2.05 -23.98
CA LEU B 500 -6.11 2.64 -22.65
C LEU B 500 -5.85 1.59 -21.59
N LYS B 501 -6.53 0.44 -21.70
CA LYS B 501 -6.23 -0.66 -20.80
C LYS B 501 -4.80 -1.12 -20.98
N LEU B 502 -4.18 -0.71 -22.07
CA LEU B 502 -2.78 -1.01 -22.31
C LEU B 502 -1.88 0.20 -22.10
N ILE B 503 -2.35 1.21 -21.40
CA ILE B 503 -1.52 2.37 -21.10
C ILE B 503 -0.79 2.12 -19.78
N LYS B 504 0.53 2.32 -19.79
CA LYS B 504 1.35 1.99 -18.65
C LYS B 504 1.63 3.22 -17.80
N SER B 505 1.24 3.16 -16.54
CA SER B 505 1.58 4.20 -15.58
C SER B 505 2.41 3.57 -14.48
N MET B 506 3.54 4.20 -14.16
CA MET B 506 4.33 3.74 -13.03
C MET B 506 3.76 4.21 -11.70
N THR B 507 2.83 5.16 -11.73
CA THR B 507 2.17 5.60 -10.51
C THR B 507 1.66 4.44 -9.67
N PRO B 508 0.80 3.56 -10.18
CA PRO B 508 0.26 2.47 -9.34
C PRO B 508 1.32 1.73 -8.56
N MET B 509 2.53 1.62 -9.11
CA MET B 509 3.62 1.02 -8.36
C MET B 509 3.94 1.86 -7.13
N TYR B 510 4.22 3.15 -7.36
CA TYR B 510 4.46 4.07 -6.26
C TYR B 510 3.37 3.94 -5.22
N LEU B 511 2.12 4.05 -5.65
CA LEU B 511 0.99 3.85 -4.76
C LEU B 511 1.11 2.55 -3.99
N GLN B 512 1.38 1.45 -4.68
CA GLN B 512 1.26 0.13 -4.10
C GLN B 512 2.32 -0.14 -3.04
N GLN B 513 3.53 0.36 -3.23
CA GLN B 513 4.60 -0.04 -2.32
C GLN B 513 5.50 1.12 -1.92
N LEU B 514 5.26 2.30 -2.46
CA LEU B 514 6.22 3.38 -2.23
C LEU B 514 5.59 4.41 -1.33
N ALA B 515 4.46 4.94 -1.77
CA ALA B 515 3.62 5.77 -0.94
C ALA B 515 3.50 5.20 0.47
N PRO B 516 3.27 3.89 0.65
CA PRO B 516 3.30 3.34 2.01
C PRO B 516 4.55 3.75 2.75
N VAL B 517 5.70 3.61 2.11
CA VAL B 517 6.95 3.99 2.72
C VAL B 517 6.97 5.47 3.03
N GLU B 518 6.66 6.29 2.03
CA GLU B 518 6.74 7.73 2.21
C GLU B 518 5.97 8.13 3.44
N LEU B 519 4.76 7.59 3.56
CA LEU B 519 3.86 8.01 4.61
C LEU B 519 4.27 7.46 5.95
N ALA B 520 4.77 6.22 5.99
CA ALA B 520 5.27 5.68 7.23
C ALA B 520 6.43 6.52 7.76
N VAL B 521 7.26 7.05 6.85
CA VAL B 521 8.33 7.95 7.24
C VAL B 521 7.81 9.30 7.70
N ILE B 522 6.78 9.81 7.07
CA ILE B 522 6.15 11.07 7.47
C ILE B 522 5.58 10.95 8.89
N ALA B 523 5.03 9.78 9.22
CA ALA B 523 4.26 9.55 10.43
C ALA B 523 4.91 10.15 11.67
N PRO B 524 6.15 9.79 12.02
CA PRO B 524 6.76 10.39 13.21
C PRO B 524 6.91 11.89 13.11
N MET B 525 7.05 12.42 11.90
CA MET B 525 7.27 13.84 11.73
C MET B 525 6.05 14.67 12.05
N LEU B 526 4.91 14.05 12.27
CA LEU B 526 3.71 14.82 12.49
C LEU B 526 3.84 15.72 13.70
N PRO B 527 3.87 17.03 13.48
CA PRO B 527 3.62 17.94 14.59
C PRO B 527 2.22 17.76 15.11
N PHE B 528 1.30 17.34 14.25
CA PHE B 528 0.02 16.84 14.69
C PHE B 528 -0.17 15.41 14.23
N PRO B 529 -0.25 14.47 15.16
CA PRO B 529 -0.41 13.07 14.80
C PRO B 529 -1.73 12.84 14.08
N PRO B 530 -1.91 11.67 13.46
CA PRO B 530 -3.12 11.45 12.67
C PRO B 530 -4.35 11.40 13.54
N PHE B 531 -5.50 11.39 12.87
CA PHE B 531 -6.75 11.00 13.51
C PHE B 531 -7.65 10.38 12.45
N GLN B 532 -7.87 9.08 12.56
CA GLN B 532 -8.55 8.34 11.52
C GLN B 532 -9.59 7.44 12.16
N VAL B 533 -10.07 6.49 11.38
CA VAL B 533 -11.15 5.61 11.81
C VAL B 533 -10.85 4.20 11.37
N PRO B 534 -11.22 3.19 12.15
CA PRO B 534 -11.16 1.83 11.65
C PRO B 534 -11.88 1.70 10.32
N TYR B 535 -11.14 1.36 9.28
CA TYR B 535 -11.72 1.22 7.96
C TYR B 535 -12.47 -0.10 7.84
N VAL B 536 -13.59 -0.08 7.12
CA VAL B 536 -14.33 -1.28 6.75
C VAL B 536 -14.75 -1.12 5.31
N ARG B 537 -15.41 -2.15 4.78
CA ARG B 537 -15.96 -1.99 3.44
C ARG B 537 -17.41 -2.48 3.37
N LEU B 538 -17.84 -3.27 4.34
CA LEU B 538 -19.20 -3.78 4.36
C LEU B 538 -19.79 -3.68 5.76
N ASP B 539 -20.95 -4.31 5.92
CA ASP B 539 -21.66 -4.34 7.19
C ASP B 539 -21.99 -2.94 7.70
N ARG B 540 -22.94 -2.29 7.02
CA ARG B 540 -23.46 -1.00 7.46
C ARG B 540 -23.59 -0.90 8.98
N ASP B 541 -24.01 -1.98 9.63
CA ASP B 541 -24.18 -1.92 11.07
C ASP B 541 -22.85 -1.66 11.76
N ARG B 542 -21.77 -2.28 11.26
CA ARG B 542 -20.44 -1.91 11.69
C ARG B 542 -20.08 -0.49 11.32
N VAL B 543 -20.74 0.09 10.32
CA VAL B 543 -20.29 1.40 9.87
C VAL B 543 -20.37 2.37 11.03
N PRO B 544 -19.31 3.12 11.30
CA PRO B 544 -19.31 4.02 12.45
C PRO B 544 -20.47 4.99 12.38
N THR B 545 -20.88 5.47 13.55
CA THR B 545 -21.93 6.47 13.58
C THR B 545 -21.64 7.64 14.49
N MET B 546 -20.96 7.45 15.61
CA MET B 546 -20.89 8.52 16.60
C MET B 546 -19.44 8.71 16.99
N VAL B 547 -19.00 9.96 16.93
CA VAL B 547 -17.76 10.39 17.54
C VAL B 547 -18.09 11.48 18.55
N GLY B 548 -18.37 11.07 19.79
CA GLY B 548 -18.75 12.01 20.81
C GLY B 548 -17.64 12.17 21.83
N VAL B 549 -17.68 13.30 22.53
CA VAL B 549 -16.84 13.55 23.68
C VAL B 549 -17.69 14.29 24.70
N THR B 550 -17.24 14.32 25.93
CA THR B 550 -17.93 15.01 26.99
C THR B 550 -17.12 16.20 27.43
N ARG B 551 -17.47 17.37 26.87
CA ARG B 551 -16.98 18.61 27.43
C ARG B 551 -17.51 18.89 28.83
N GLN B 552 -18.31 17.99 29.39
CA GLN B 552 -18.84 18.18 30.72
C GLN B 552 -18.13 17.25 31.69
N SER B 553 -18.18 17.62 32.96
CA SER B 553 -17.61 16.75 33.99
C SER B 553 -18.40 15.45 34.05
N ARG B 554 -17.76 14.39 34.51
CA ARG B 554 -18.37 13.08 34.55
C ARG B 554 -19.03 12.77 35.89
N ASP B 555 -18.60 13.43 36.97
CA ASP B 555 -19.08 13.12 38.30
C ASP B 555 -20.58 13.32 38.48
N ALA B 556 -21.23 14.02 37.55
CA ALA B 556 -22.68 14.15 37.55
C ALA B 556 -23.22 13.41 36.34
N ILE B 557 -24.51 13.08 36.39
CA ILE B 557 -25.14 12.53 35.21
C ILE B 557 -25.04 13.58 34.11
N THR B 558 -24.19 13.31 33.13
CA THR B 558 -23.79 14.34 32.19
C THR B 558 -23.69 13.75 30.79
N GLN B 559 -24.57 14.24 29.92
CA GLN B 559 -24.51 13.88 28.51
C GLN B 559 -23.22 14.44 27.90
N PRO B 560 -22.60 13.72 26.97
CA PRO B 560 -21.36 14.21 26.35
C PRO B 560 -21.60 15.46 25.52
N ALA B 561 -20.52 16.12 25.12
CA ALA B 561 -20.63 17.30 24.27
C ALA B 561 -21.23 16.91 22.91
N LEU B 562 -22.17 17.74 22.42
CA LEU B 562 -22.82 17.51 21.13
C LEU B 562 -21.80 17.28 20.03
N SER B 563 -22.02 16.27 19.20
CA SER B 563 -21.12 15.93 18.11
C SER B 563 -21.84 16.05 16.80
N LEU B 564 -21.08 16.31 15.73
CA LEU B 564 -21.68 16.52 14.41
C LEU B 564 -21.87 15.19 13.67
N SER B 565 -21.45 14.09 14.29
CA SER B 565 -21.53 12.77 13.68
C SER B 565 -22.93 12.42 13.21
N THR B 566 -23.95 12.95 13.90
CA THR B 566 -25.34 12.74 13.53
C THR B 566 -25.84 13.72 12.48
N THR B 567 -25.05 14.75 12.15
CA THR B 567 -25.40 15.68 11.09
C THR B 567 -24.47 15.57 9.89
N ASN B 568 -23.21 15.17 10.10
CA ASN B 568 -22.34 14.83 8.98
C ASN B 568 -22.72 13.44 8.45
N THR B 569 -22.05 13.03 7.38
CA THR B 569 -22.37 11.73 6.77
C THR B 569 -22.14 10.58 7.76
N THR B 570 -20.92 10.33 8.18
CA THR B 570 -20.70 9.41 9.28
C THR B 570 -20.05 10.13 10.44
N VAL B 571 -18.83 10.65 10.22
CA VAL B 571 -18.12 11.44 11.22
C VAL B 571 -17.38 12.62 10.58
N GLY B 572 -17.24 12.61 9.26
CA GLY B 572 -16.16 13.37 8.65
C GLY B 572 -16.48 14.61 7.84
N VAL B 573 -15.65 15.63 8.00
CA VAL B 573 -15.71 16.84 7.18
C VAL B 573 -15.73 16.47 5.71
N PRO B 574 -16.59 17.08 4.89
CA PRO B 574 -16.61 16.76 3.46
C PRO B 574 -15.31 17.18 2.79
N LEU B 575 -15.02 16.56 1.65
CA LEU B 575 -13.88 16.94 0.83
C LEU B 575 -14.06 16.45 -0.60
N ALA B 576 -14.44 17.36 -1.49
CA ALA B 576 -14.70 17.04 -2.90
C ALA B 576 -13.40 17.25 -3.68
N LEU B 577 -13.12 16.35 -4.61
CA LEU B 577 -11.86 16.34 -5.34
C LEU B 577 -12.08 16.60 -6.84
N ASP B 578 -10.99 16.49 -7.60
CA ASP B 578 -11.04 16.54 -9.06
C ASP B 578 -10.83 15.13 -9.60
N ALA B 579 -11.84 14.62 -10.31
CA ALA B 579 -11.67 13.33 -10.96
C ALA B 579 -10.62 13.42 -12.06
N ARG B 580 -10.52 14.57 -12.73
CA ARG B 580 -9.61 14.68 -13.86
C ARG B 580 -8.18 14.41 -13.42
N ALA B 581 -7.64 15.30 -12.60
CA ALA B 581 -6.25 15.20 -12.20
C ALA B 581 -5.96 13.87 -11.54
N ILE B 582 -6.86 13.43 -10.67
CA ILE B 582 -6.69 12.15 -10.00
C ILE B 582 -6.53 11.05 -11.03
N THR B 583 -7.55 10.87 -11.86
CA THR B 583 -7.55 9.75 -12.80
C THR B 583 -6.39 9.86 -13.78
N VAL B 584 -5.92 11.08 -14.03
CA VAL B 584 -4.74 11.24 -14.88
C VAL B 584 -3.51 10.69 -14.19
N ALA B 585 -3.31 11.08 -12.92
CA ALA B 585 -2.24 10.48 -12.14
C ALA B 585 -2.36 8.97 -12.16
N LEU B 586 -3.58 8.47 -12.03
CA LEU B 586 -3.84 7.05 -12.19
C LEU B 586 -3.47 6.58 -13.58
N LEU B 587 -3.48 7.49 -14.55
CA LEU B 587 -3.38 7.15 -15.96
C LEU B 587 -1.96 7.28 -16.49
N SER B 588 -1.33 8.43 -16.29
CA SER B 588 0.02 8.60 -16.80
C SER B 588 0.98 8.62 -15.62
N GLY B 589 1.96 7.72 -15.67
CA GLY B 589 2.93 7.63 -14.60
C GLY B 589 4.24 7.04 -15.07
N LYS B 590 5.31 7.75 -14.80
CA LYS B 590 6.63 7.34 -15.25
C LYS B 590 7.66 7.71 -14.18
N TYR B 591 8.53 6.81 -13.93
CA TYR B 591 9.54 7.14 -12.94
C TYR B 591 10.73 7.80 -13.62
N PRO B 592 11.56 8.48 -12.84
CA PRO B 592 12.78 9.06 -13.39
C PRO B 592 13.53 8.05 -14.23
N PRO B 593 14.17 8.49 -15.30
CA PRO B 593 14.66 7.56 -16.31
C PRO B 593 15.90 6.80 -15.90
N ASP B 594 16.42 7.09 -14.70
CA ASP B 594 17.67 6.48 -14.27
C ASP B 594 17.61 6.17 -12.78
N LEU B 595 16.41 5.95 -12.27
CA LEU B 595 16.19 6.03 -10.84
C LEU B 595 16.84 4.88 -10.09
N VAL B 596 17.40 5.22 -8.93
CA VAL B 596 17.83 4.24 -7.94
C VAL B 596 17.25 4.70 -6.60
N THR B 597 16.28 3.93 -6.10
CA THR B 597 15.39 4.32 -5.02
C THR B 597 16.08 5.05 -3.90
N ASN B 598 16.95 4.31 -3.24
CA ASN B 598 17.51 4.75 -1.99
C ASN B 598 18.21 6.09 -2.13
N VAL B 599 19.30 6.14 -2.89
CA VAL B 599 20.13 7.33 -2.94
C VAL B 599 19.28 8.57 -3.17
N TRP B 600 18.34 8.47 -4.10
CA TRP B 600 17.32 9.50 -4.28
C TRP B 600 16.72 9.90 -2.94
N TYR B 601 16.21 8.93 -2.20
CA TYR B 601 15.48 9.33 -1.00
C TYR B 601 16.41 9.72 0.14
N ALA B 602 17.64 9.23 0.14
CA ALA B 602 18.62 9.72 1.10
C ALA B 602 18.80 11.21 0.96
N ASP B 603 19.13 11.65 -0.26
CA ASP B 603 19.31 13.08 -0.48
C ASP B 603 18.01 13.84 -0.25
N ALA B 604 16.86 13.29 -0.65
CA ALA B 604 15.59 13.94 -0.38
C ALA B 604 15.30 14.08 1.10
N ILE B 605 15.85 13.19 1.93
CA ILE B 605 15.59 13.26 3.36
C ILE B 605 16.50 14.27 4.06
N TYR B 606 17.80 14.22 3.76
CA TYR B 606 18.77 14.79 4.69
C TYR B 606 18.34 16.10 5.37
N PRO B 607 18.13 17.19 4.64
CA PRO B 607 18.04 18.48 5.32
C PRO B 607 16.73 18.63 6.05
N MET B 608 15.73 17.87 5.66
CA MET B 608 14.44 17.91 6.33
C MET B 608 14.60 17.53 7.79
N TYR B 609 14.92 16.26 8.04
CA TYR B 609 15.13 15.79 9.39
C TYR B 609 16.33 16.46 10.02
N ALA B 610 17.23 17.02 9.22
CA ALA B 610 18.23 17.92 9.78
C ALA B 610 17.56 19.00 10.60
N ASP B 611 16.35 19.38 10.25
CA ASP B 611 15.52 20.23 11.10
C ASP B 611 14.61 19.33 11.91
N THR B 612 14.16 19.83 13.07
CA THR B 612 13.25 19.09 13.93
C THR B 612 12.49 20.07 14.82
N GLU B 613 11.22 19.79 15.06
CA GLU B 613 10.33 20.70 15.79
C GLU B 613 9.44 19.98 16.78
N VAL B 614 9.46 18.65 16.82
CA VAL B 614 8.50 17.91 17.64
C VAL B 614 8.74 18.19 19.12
N PHE B 615 9.97 18.56 19.47
CA PHE B 615 10.24 18.90 20.85
C PHE B 615 9.42 20.09 21.31
N SER B 616 9.15 21.02 20.39
CA SER B 616 8.19 22.07 20.70
C SER B 616 6.86 21.47 21.09
N ASN B 617 6.43 20.43 20.36
CA ASN B 617 5.19 19.76 20.68
C ASN B 617 5.26 19.16 22.08
N LEU B 618 6.39 18.55 22.41
CA LEU B 618 6.55 17.93 23.71
C LEU B 618 6.40 18.96 24.82
N GLN B 619 7.24 19.99 24.79
CA GLN B 619 7.17 21.07 25.78
C GLN B 619 5.75 21.58 25.89
N ARG B 620 5.14 21.85 24.74
CA ARG B 620 3.74 22.26 24.72
C ARG B 620 2.89 21.34 25.56
N ASP B 621 2.87 20.06 25.22
CA ASP B 621 1.88 19.16 25.77
C ASP B 621 2.12 18.92 27.24
N MET B 622 3.38 18.79 27.62
CA MET B 622 3.67 18.54 29.03
C MET B 622 3.24 19.74 29.87
N ILE B 623 3.64 20.94 29.46
CA ILE B 623 3.21 22.12 30.17
C ILE B 623 1.70 22.18 30.18
N THR B 624 1.09 21.74 29.09
CA THR B 624 -0.35 21.78 28.97
C THR B 624 -1.01 20.96 30.05
N CYS B 625 -0.62 19.69 30.15
CA CYS B 625 -1.26 18.79 31.09
C CYS B 625 -0.97 19.22 32.53
N GLU B 626 0.27 19.60 32.81
CA GLU B 626 0.57 20.13 34.14
C GLU B 626 -0.30 21.33 34.44
N ALA B 627 -0.50 22.19 33.44
CA ALA B 627 -1.20 23.44 33.66
C ALA B 627 -2.67 23.18 33.98
N VAL B 628 -3.32 22.33 33.19
CA VAL B 628 -4.72 22.05 33.44
C VAL B 628 -4.88 21.28 34.73
N GLN B 629 -3.90 20.43 35.03
CA GLN B 629 -3.91 19.71 36.29
C GLN B 629 -3.97 20.68 37.44
N THR B 630 -2.93 21.49 37.60
CA THR B 630 -2.88 22.46 38.66
C THR B 630 -4.05 23.44 38.55
N LEU B 631 -4.56 23.60 37.34
CA LEU B 631 -5.70 24.47 37.10
C LEU B 631 -6.90 24.00 37.87
N VAL B 632 -7.42 22.84 37.48
CA VAL B 632 -8.59 22.29 38.15
C VAL B 632 -8.29 22.10 39.62
N THR B 633 -7.01 21.91 39.96
CA THR B 633 -6.62 21.86 41.35
C THR B 633 -6.97 23.16 42.06
N LEU B 634 -6.45 24.28 41.59
CA LEU B 634 -6.71 25.57 42.22
C LEU B 634 -8.20 25.86 42.22
N VAL B 635 -8.89 25.44 41.17
CA VAL B 635 -10.33 25.51 41.11
C VAL B 635 -10.89 24.83 42.35
N ALA B 636 -10.36 23.65 42.66
CA ALA B 636 -10.78 22.97 43.88
C ALA B 636 -10.40 23.76 45.12
N GLN B 637 -9.63 24.84 44.97
CA GLN B 637 -9.24 25.64 46.11
C GLN B 637 -9.89 27.01 46.12
N ILE B 638 -10.67 27.36 45.10
CA ILE B 638 -11.26 28.68 45.04
C ILE B 638 -12.68 28.73 45.60
N SER B 639 -13.54 27.78 45.25
CA SER B 639 -14.92 27.78 45.72
C SER B 639 -15.57 26.45 45.37
N ASP B 640 -16.88 26.39 45.57
CA ASP B 640 -17.61 25.15 45.56
C ASP B 640 -17.94 24.71 44.14
N THR B 641 -17.76 23.41 43.90
CA THR B 641 -18.08 22.82 42.61
C THR B 641 -18.98 21.62 42.86
N GLN B 642 -19.20 20.77 41.85
CA GLN B 642 -20.00 19.57 42.01
C GLN B 642 -19.24 18.47 42.77
N TYR B 643 -18.15 18.83 43.44
CA TYR B 643 -17.39 17.93 44.28
C TYR B 643 -16.87 18.73 45.47
N PRO B 644 -16.61 18.08 46.61
CA PRO B 644 -16.00 18.78 47.74
C PRO B 644 -14.74 19.53 47.34
N VAL B 645 -14.61 20.75 47.84
CA VAL B 645 -13.48 21.63 47.55
C VAL B 645 -12.86 22.09 48.86
N ASP B 646 -11.63 22.60 48.77
CA ASP B 646 -10.88 23.07 49.94
C ASP B 646 -10.24 24.42 49.63
N ARG B 647 -10.78 25.46 50.24
CA ARG B 647 -10.21 26.81 50.17
C ARG B 647 -9.43 27.05 51.45
N TYR B 648 -8.45 27.95 51.39
CA TYR B 648 -7.58 28.17 52.54
C TYR B 648 -7.41 29.64 52.92
N LEU B 649 -7.50 30.55 51.96
CA LEU B 649 -7.47 31.97 52.27
C LEU B 649 -8.84 32.47 52.67
N ASP B 650 -9.76 31.57 52.97
CA ASP B 650 -11.07 31.97 53.43
C ASP B 650 -11.00 32.79 54.70
N TRP B 651 -9.90 32.70 55.44
CA TRP B 651 -9.62 33.70 56.46
C TRP B 651 -9.46 35.09 55.87
N ILE B 652 -9.26 35.19 54.56
CA ILE B 652 -9.42 36.42 53.80
C ILE B 652 -10.79 36.37 53.13
N PRO B 653 -11.73 37.22 53.55
CA PRO B 653 -13.11 37.06 53.08
C PRO B 653 -13.26 37.36 51.58
N SER B 654 -13.97 36.45 50.92
CA SER B 654 -14.45 36.62 49.55
C SER B 654 -15.51 35.58 49.34
N LEU B 655 -16.45 35.84 48.45
CA LEU B 655 -17.66 35.04 48.38
C LEU B 655 -17.37 33.74 47.62
N ARG B 656 -18.42 33.02 47.24
CA ARG B 656 -18.23 31.90 46.34
C ARG B 656 -18.12 32.41 44.91
N ALA B 657 -18.01 31.48 43.95
CA ALA B 657 -17.47 31.85 42.65
C ALA B 657 -18.51 31.95 41.54
N SER B 658 -18.16 32.74 40.53
CA SER B 658 -18.77 32.68 39.22
C SER B 658 -17.72 32.20 38.23
N ALA B 659 -18.09 32.14 36.96
CA ALA B 659 -17.21 31.55 35.96
C ALA B 659 -16.21 32.54 35.39
N ALA B 660 -16.70 33.69 34.90
CA ALA B 660 -15.84 34.67 34.26
C ALA B 660 -14.66 35.03 35.15
N THR B 661 -14.83 34.81 36.45
CA THR B 661 -13.72 34.93 37.39
C THR B 661 -12.53 34.11 36.91
N ALA B 662 -12.67 32.78 36.94
CA ALA B 662 -11.58 31.93 36.48
C ALA B 662 -11.26 32.22 35.03
N ALA B 663 -12.27 32.56 34.24
CA ALA B 663 -12.05 32.87 32.84
C ALA B 663 -10.97 33.94 32.69
N THR B 664 -11.22 35.10 33.30
CA THR B 664 -10.17 36.08 33.47
C THR B 664 -8.89 35.41 33.91
N PHE B 665 -8.95 34.72 35.03
CA PHE B 665 -7.76 34.03 35.54
C PHE B 665 -7.15 33.09 34.52
N ALA B 666 -7.99 32.25 33.91
CA ALA B 666 -7.47 31.27 32.97
C ALA B 666 -6.64 31.95 31.91
N GLU B 667 -7.16 33.06 31.39
CA GLU B 667 -6.42 33.73 30.33
C GLU B 667 -5.22 34.47 30.89
N TRP B 668 -5.32 34.92 32.13
CA TRP B 668 -4.12 35.39 32.81
C TRP B 668 -3.02 34.36 32.64
N VAL B 669 -3.32 33.12 32.98
CA VAL B 669 -2.33 32.05 32.89
C VAL B 669 -1.87 31.85 31.46
N ASN B 670 -2.82 31.84 30.53
CA ASN B 670 -2.49 31.55 29.15
C ASN B 670 -1.52 32.60 28.61
N THR B 671 -1.93 33.87 28.67
CA THR B 671 -1.05 34.98 28.37
C THR B 671 0.30 34.82 29.03
N SER B 672 0.31 34.61 30.34
CA SER B 672 1.54 34.60 31.09
C SER B 672 2.50 33.57 30.55
N LEU B 673 2.02 32.34 30.38
CA LEU B 673 2.92 31.28 29.99
C LEU B 673 3.40 31.46 28.56
N LYS B 674 2.49 31.87 27.67
CA LYS B 674 2.90 32.13 26.30
C LYS B 674 4.00 33.17 26.26
N THR B 675 3.85 34.22 27.07
CA THR B 675 4.91 35.19 27.22
C THR B 675 6.13 34.61 27.92
N ALA B 676 5.93 33.57 28.73
CA ALA B 676 7.02 33.02 29.51
C ALA B 676 7.91 32.11 28.68
N PHE B 677 7.39 31.64 27.55
CA PHE B 677 8.12 30.71 26.69
C PHE B 677 8.40 31.32 25.33
N ASP B 678 7.94 32.54 25.09
CA ASP B 678 8.01 33.22 23.79
C ASP B 678 7.50 32.31 22.67
N LEU B 679 6.79 31.25 23.06
CA LEU B 679 5.97 30.48 22.16
C LEU B 679 4.57 31.04 22.30
N SER B 680 4.40 32.29 21.87
CA SER B 680 3.17 33.03 22.06
C SER B 680 2.02 32.51 21.21
N ASP B 681 2.31 31.67 20.22
CA ASP B 681 1.24 30.95 19.53
C ASP B 681 0.37 30.25 20.56
N MET B 682 -0.94 30.44 20.44
CA MET B 682 -1.85 30.03 21.49
C MET B 682 -1.78 28.53 21.73
N LEU B 683 -1.99 28.14 22.98
CA LEU B 683 -2.01 26.74 23.37
C LEU B 683 -3.39 26.26 23.76
N LEU B 684 -4.02 26.93 24.71
CA LEU B 684 -5.24 26.41 25.31
C LEU B 684 -6.37 27.42 25.24
N GLU B 685 -7.54 26.92 24.88
CA GLU B 685 -8.78 27.62 25.12
C GLU B 685 -9.50 26.91 26.26
N PRO B 686 -9.21 27.24 27.49
CA PRO B 686 -9.63 26.39 28.61
C PRO B 686 -11.12 26.14 28.67
N LEU B 687 -11.91 27.19 28.88
CA LEU B 687 -13.36 27.10 28.74
C LEU B 687 -13.78 27.56 27.37
N LEU B 688 -12.93 28.30 26.69
CA LEU B 688 -13.12 28.59 25.27
C LEU B 688 -12.97 27.33 24.44
N SER B 689 -12.49 26.25 25.04
CA SER B 689 -12.81 24.91 24.58
C SER B 689 -13.45 24.04 25.65
N GLY B 690 -13.50 24.48 26.90
CA GLY B 690 -14.16 23.73 27.95
C GLY B 690 -15.39 24.41 28.51
N ASP B 691 -15.56 24.34 29.82
CA ASP B 691 -16.83 24.74 30.40
C ASP B 691 -16.58 25.32 31.78
N PRO B 692 -17.28 26.39 32.16
CA PRO B 692 -17.01 27.05 33.44
C PRO B 692 -16.69 26.15 34.61
N ARG B 693 -17.42 25.05 34.81
CA ARG B 693 -17.21 24.28 36.04
C ARG B 693 -17.15 22.78 35.76
N MET B 694 -16.35 22.39 34.76
CA MET B 694 -16.21 21.00 34.36
C MET B 694 -14.97 20.41 35.01
N THR B 695 -14.91 19.07 35.06
CA THR B 695 -13.79 18.39 35.69
C THR B 695 -13.08 17.40 34.78
N GLN B 696 -13.74 16.92 33.73
CA GLN B 696 -13.12 15.84 32.98
C GLN B 696 -13.75 15.76 31.60
N LEU B 697 -12.99 15.20 30.67
CA LEU B 697 -13.43 14.94 29.31
C LEU B 697 -13.40 13.44 29.07
N ALA B 698 -14.18 12.98 28.09
CA ALA B 698 -14.15 11.56 27.77
C ALA B 698 -14.70 11.35 26.38
N ILE B 699 -14.07 10.47 25.62
CA ILE B 699 -14.44 10.26 24.24
C ILE B 699 -15.22 8.97 24.14
N GLN B 700 -15.88 8.79 23.01
CA GLN B 700 -16.67 7.60 22.73
C GLN B 700 -17.04 7.62 21.25
N TYR B 701 -17.30 6.43 20.72
CA TYR B 701 -17.57 6.33 19.29
C TYR B 701 -18.26 5.00 19.04
N GLN B 702 -19.23 5.03 18.15
CA GLN B 702 -20.08 3.86 17.95
C GLN B 702 -20.44 3.68 16.48
N GLN B 703 -20.84 2.45 16.16
CA GLN B 703 -21.24 2.05 14.82
C GLN B 703 -22.75 2.04 14.69
N TYR B 704 -23.20 1.81 13.46
CA TYR B 704 -24.64 1.81 13.19
C TYR B 704 -25.33 0.67 13.91
N ASN B 705 -24.65 -0.46 14.03
CA ASN B 705 -25.16 -1.54 14.85
C ASN B 705 -25.54 -1.03 16.23
N GLY B 706 -24.81 -0.05 16.74
CA GLY B 706 -24.99 0.39 18.11
C GLY B 706 -23.86 -0.12 18.95
N ARG B 707 -22.77 -0.51 18.31
CA ARG B 707 -21.60 -0.99 19.02
C ARG B 707 -20.69 0.18 19.38
N THR B 708 -20.69 0.53 20.67
CA THR B 708 -20.02 1.72 21.18
C THR B 708 -18.71 1.34 21.85
N PHE B 709 -17.77 2.27 21.82
CA PHE B 709 -16.40 2.09 22.25
C PHE B 709 -16.01 3.40 22.91
N ASP B 710 -15.87 3.40 24.23
CA ASP B 710 -15.93 4.61 25.01
C ASP B 710 -14.70 4.71 25.90
N VAL B 711 -13.91 5.78 25.71
CA VAL B 711 -12.58 5.90 26.29
C VAL B 711 -12.57 7.07 27.27
N ILE B 712 -11.77 6.94 28.32
CA ILE B 712 -11.63 7.95 29.36
C ILE B 712 -10.15 8.15 29.69
N PRO B 713 -9.71 9.39 29.84
CA PRO B 713 -8.30 9.65 30.15
C PRO B 713 -7.96 9.44 31.62
N GLU B 714 -6.73 9.80 31.98
CA GLU B 714 -6.18 9.58 33.30
C GLU B 714 -5.31 10.77 33.70
N MET B 715 -5.11 10.99 35.04
CA MET B 715 -4.41 12.21 35.45
C MET B 715 -3.16 11.89 36.26
N PRO B 716 -2.04 12.53 35.96
CA PRO B 716 -0.88 12.48 36.87
C PRO B 716 -0.83 13.72 37.75
N GLY B 717 0.03 13.67 38.77
CA GLY B 717 0.18 14.78 39.69
C GLY B 717 0.80 16.03 39.09
N SER B 718 0.81 17.13 39.86
CA SER B 718 1.39 18.39 39.44
C SER B 718 1.92 19.13 40.66
N VAL B 719 3.25 19.17 40.79
CA VAL B 719 3.87 19.69 42.02
C VAL B 719 3.55 21.17 42.19
N ILE B 720 3.05 21.80 41.13
CA ILE B 720 2.87 23.24 41.15
C ILE B 720 2.01 23.66 42.32
N ALA B 721 0.77 23.14 42.37
CA ALA B 721 -0.13 23.50 43.46
C ALA B 721 0.46 23.12 44.81
N ASP B 722 1.24 22.05 44.83
CA ASP B 722 1.89 21.66 46.08
C ASP B 722 2.74 22.81 46.58
N CYS B 723 3.71 23.24 45.78
CA CYS B 723 4.58 24.34 46.19
C CYS B 723 3.76 25.58 46.49
N VAL B 724 2.64 25.74 45.82
CA VAL B 724 1.75 26.85 46.16
C VAL B 724 1.33 26.76 47.62
N GLN B 725 0.86 25.59 48.02
CA GLN B 725 0.51 25.38 49.42
C GLN B 725 1.70 25.63 50.31
N LEU B 726 2.85 25.04 49.95
CA LEU B 726 4.11 25.32 50.61
C LEU B 726 4.23 26.79 50.94
N THR B 727 4.23 27.60 49.90
CA THR B 727 4.48 29.04 50.03
C THR B 727 3.43 29.69 50.92
N ALA B 728 2.18 29.58 50.52
CA ALA B 728 1.12 30.28 51.22
C ALA B 728 1.16 29.96 52.69
N GLU B 729 1.16 28.67 53.03
CA GLU B 729 1.14 28.27 54.42
C GLU B 729 2.23 28.96 55.23
N VAL B 730 3.44 29.01 54.70
CA VAL B 730 4.49 29.71 55.42
C VAL B 730 4.10 31.17 55.58
N PHE B 731 3.64 31.81 54.50
CA PHE B 731 3.08 33.14 54.71
C PHE B 731 1.85 33.04 55.58
N ASN B 732 1.08 31.98 55.42
CA ASN B 732 -0.05 31.80 56.31
C ASN B 732 0.38 31.39 57.69
N HIS B 733 1.68 31.39 57.96
CA HIS B 733 2.20 31.40 59.31
C HIS B 733 3.13 32.57 59.55
N GLU B 734 3.66 33.14 58.48
CA GLU B 734 4.50 34.33 58.56
C GLU B 734 3.85 35.38 57.67
N TYR B 735 3.11 36.30 58.27
CA TYR B 735 2.23 37.18 57.51
C TYR B 735 2.80 38.58 57.40
N ASN B 736 1.96 39.44 56.81
CA ASN B 736 2.17 40.86 56.56
C ASN B 736 3.16 41.09 55.45
N LEU B 737 3.91 40.06 55.11
CA LEU B 737 5.23 40.24 54.54
C LEU B 737 5.22 41.01 53.23
N PHE B 738 4.06 41.27 52.65
CA PHE B 738 4.02 41.76 51.31
C PHE B 738 2.97 42.82 51.03
N GLY B 739 2.31 43.36 52.05
CA GLY B 739 1.43 44.49 51.84
C GLY B 739 0.04 44.27 52.37
N ILE B 740 -0.27 43.05 52.80
CA ILE B 740 -1.59 42.76 53.31
C ILE B 740 -1.48 42.37 54.78
N ALA B 741 -2.41 42.87 55.57
CA ALA B 741 -2.47 42.56 56.99
C ALA B 741 -3.82 41.99 57.33
N ARG B 742 -3.83 41.07 58.29
CA ARG B 742 -5.05 40.62 58.93
C ARG B 742 -5.40 41.56 60.07
N GLY B 743 -6.56 41.35 60.64
CA GLY B 743 -7.03 42.22 61.70
C GLY B 743 -8.00 43.29 61.22
N ASP B 744 -8.11 44.36 62.00
CA ASP B 744 -9.05 45.43 61.71
C ASP B 744 -8.44 46.77 62.09
N ILE B 745 -9.29 47.79 62.17
CA ILE B 745 -8.88 49.13 62.57
C ILE B 745 -9.87 49.67 63.58
N ILE B 746 -9.35 50.57 64.40
CA ILE B 746 -10.13 51.40 65.30
C ILE B 746 -10.00 52.81 64.76
N ILE B 747 -11.08 53.56 64.80
CA ILE B 747 -11.14 54.90 64.23
C ILE B 747 -11.59 55.85 65.31
N GLY B 748 -10.89 56.97 65.44
CA GLY B 748 -11.16 57.95 66.47
C GLY B 748 -9.96 58.85 66.68
N ARG B 749 -10.16 60.04 67.24
CA ARG B 749 -9.07 60.99 67.39
C ARG B 749 -8.43 60.87 68.77
N VAL B 750 -7.24 60.26 68.82
CA VAL B 750 -6.43 60.18 70.02
C VAL B 750 -5.08 60.76 69.67
N GLN B 751 -4.43 61.40 70.63
CA GLN B 751 -3.17 62.06 70.38
C GLN B 751 -2.18 61.71 71.48
N SER B 752 -0.90 61.64 71.10
CA SER B 752 0.12 61.22 72.06
C SER B 752 1.48 61.77 71.65
N THR B 753 2.35 61.89 72.65
CA THR B 753 3.76 62.22 72.46
C THR B 753 4.67 61.03 72.60
N HIS B 754 4.21 59.97 73.27
CA HIS B 754 4.98 58.75 73.34
C HIS B 754 4.97 58.10 71.97
N LEU B 755 6.15 57.97 71.39
CA LEU B 755 6.27 57.71 69.97
C LEU B 755 6.22 56.22 69.68
N TRP B 756 5.38 55.83 68.74
CA TRP B 756 5.30 54.47 68.23
C TRP B 756 4.49 54.49 66.95
N SER B 757 4.48 53.38 66.24
CA SER B 757 3.72 53.32 65.01
C SER B 757 2.36 52.70 65.26
N PRO B 758 1.32 53.16 64.57
CA PRO B 758 -0.01 52.54 64.70
C PRO B 758 -0.02 51.03 64.49
N LEU B 759 1.06 50.45 63.96
CA LEU B 759 1.24 49.02 64.07
C LEU B 759 1.66 48.61 65.46
N ALA B 760 2.40 49.44 66.18
CA ALA B 760 2.74 49.18 67.58
C ALA B 760 2.15 50.27 68.45
N PRO B 761 0.83 50.40 68.47
CA PRO B 761 0.22 51.22 69.48
C PRO B 761 0.11 50.44 70.77
N PRO B 762 0.31 51.08 71.91
CA PRO B 762 0.07 50.40 73.17
C PRO B 762 -1.37 49.92 73.23
N PRO B 763 -1.60 48.73 73.78
CA PRO B 763 -2.95 48.14 73.78
C PRO B 763 -3.83 48.77 74.86
N ASP B 764 -3.73 50.09 74.97
CA ASP B 764 -4.40 50.83 76.02
C ASP B 764 -5.35 51.78 75.34
N LEU B 765 -4.84 52.46 74.32
CA LEU B 765 -5.66 53.27 73.43
C LEU B 765 -6.49 52.40 72.52
N VAL B 766 -6.60 51.11 72.85
CA VAL B 766 -7.34 50.15 72.09
C VAL B 766 -8.50 49.67 72.96
N PHE B 767 -9.48 49.05 72.31
CA PHE B 767 -10.52 48.31 73.00
C PHE B 767 -10.93 47.14 72.12
N ASP B 768 -11.37 46.06 72.76
CA ASP B 768 -11.85 44.92 72.02
C ASP B 768 -13.09 45.32 71.24
N ARG B 769 -13.25 44.74 70.06
CA ARG B 769 -14.46 44.98 69.30
C ARG B 769 -15.66 44.62 70.15
N ASP B 770 -16.69 45.47 70.14
CA ASP B 770 -17.79 45.35 71.08
C ASP B 770 -17.25 45.34 72.51
N THR B 771 -16.58 46.42 72.89
CA THR B 771 -16.10 46.59 74.25
C THR B 771 -17.20 47.29 75.03
N PRO B 772 -17.13 47.26 76.36
CA PRO B 772 -17.99 48.15 77.15
C PRO B 772 -17.95 49.58 76.60
N GLY B 773 -19.10 50.23 76.64
CA GLY B 773 -19.31 51.38 75.78
C GLY B 773 -19.74 50.91 74.42
N VAL B 774 -20.44 49.81 74.36
CA VAL B 774 -20.79 49.18 73.11
C VAL B 774 -21.83 50.04 72.42
N HIS B 775 -21.77 50.02 71.10
CA HIS B 775 -22.73 50.69 70.25
C HIS B 775 -22.86 49.86 68.99
N ILE B 776 -23.84 48.97 68.98
CA ILE B 776 -24.08 48.08 67.85
C ILE B 776 -25.04 48.78 66.90
N PHE B 777 -24.83 48.58 65.60
CA PHE B 777 -25.68 49.21 64.60
C PHE B 777 -25.91 48.26 63.45
N GLY B 778 -27.16 47.96 63.16
CA GLY B 778 -27.46 47.14 62.01
C GLY B 778 -27.55 47.98 60.76
N ARG B 779 -27.95 47.36 59.66
CA ARG B 779 -28.20 48.06 58.41
C ARG B 779 -29.25 49.13 58.57
N ASP B 780 -30.38 48.79 59.16
CA ASP B 780 -31.43 49.74 59.45
C ASP B 780 -31.23 50.32 60.85
N CYS B 781 -30.52 51.43 60.92
CA CYS B 781 -30.45 52.23 62.14
C CYS B 781 -30.45 53.69 61.75
N ARG B 782 -31.57 54.39 61.95
CA ARG B 782 -31.69 55.72 61.38
C ARG B 782 -31.68 56.78 62.47
N ILE B 783 -31.37 57.99 62.06
CA ILE B 783 -30.90 59.03 62.97
C ILE B 783 -32.07 59.76 63.59
N SER B 784 -31.92 60.11 64.86
CA SER B 784 -32.77 61.08 65.52
C SER B 784 -31.99 62.38 65.60
N PHE B 785 -32.36 63.34 64.76
CA PHE B 785 -31.69 64.61 64.71
C PHE B 785 -31.87 65.35 66.04
N GLY B 786 -30.93 66.21 66.36
CA GLY B 786 -31.01 67.02 67.57
C GLY B 786 -32.14 68.03 67.46
N MET B 787 -32.63 68.52 68.59
CA MET B 787 -33.78 69.41 68.57
C MET B 787 -33.33 70.86 68.50
N ASN B 788 -33.97 71.63 67.61
CA ASN B 788 -33.61 73.02 67.30
C ASN B 788 -32.17 73.16 66.83
N GLY B 789 -31.63 72.13 66.19
CA GLY B 789 -30.23 72.13 65.83
C GLY B 789 -29.32 71.53 66.88
N ALA B 790 -29.88 70.79 67.84
CA ALA B 790 -29.06 70.16 68.87
C ALA B 790 -28.30 68.98 68.27
N ALA B 791 -27.53 68.31 69.11
CA ALA B 791 -26.77 67.16 68.67
C ALA B 791 -27.72 66.02 68.35
N PRO B 792 -27.76 65.54 67.11
CA PRO B 792 -28.53 64.34 66.81
C PRO B 792 -28.01 63.15 67.60
N MET B 793 -28.89 62.19 67.82
CA MET B 793 -28.48 60.99 68.52
C MET B 793 -29.15 59.81 67.84
N ILE B 794 -28.44 58.70 67.78
CA ILE B 794 -28.81 57.58 66.93
C ILE B 794 -29.56 56.55 67.77
N ARG B 795 -30.54 55.92 67.14
CA ARG B 795 -31.38 54.91 67.78
C ARG B 795 -30.59 53.63 68.02
N ASP B 796 -30.87 52.96 69.12
CA ASP B 796 -30.20 51.72 69.45
C ASP B 796 -31.00 50.52 68.98
N GLU B 797 -30.33 49.36 68.93
CA GLU B 797 -31.04 48.09 68.85
C GLU B 797 -32.12 47.97 69.92
N THR B 798 -31.99 48.71 71.01
CA THR B 798 -33.09 48.91 71.94
C THR B 798 -33.90 50.16 71.62
N GLY B 799 -33.29 51.16 70.99
CA GLY B 799 -33.99 52.38 70.65
C GLY B 799 -33.31 53.64 71.12
N MET B 800 -32.39 53.55 72.07
CA MET B 800 -31.83 54.74 72.68
C MET B 800 -31.08 55.59 71.66
N MET B 801 -31.18 56.90 71.83
CA MET B 801 -30.48 57.87 70.98
C MET B 801 -29.18 58.26 71.66
N VAL B 802 -28.07 57.78 71.13
CA VAL B 802 -26.77 58.11 71.71
C VAL B 802 -26.02 59.04 70.77
N PRO B 803 -25.18 59.93 71.29
CA PRO B 803 -24.42 60.85 70.44
C PRO B 803 -23.26 60.13 69.76
N PHE B 804 -22.54 60.90 68.93
CA PHE B 804 -21.44 60.38 68.10
C PHE B 804 -20.17 60.21 68.93
N GLU B 805 -20.09 59.10 69.66
CA GLU B 805 -18.93 58.78 70.48
C GLU B 805 -19.16 57.42 71.13
N GLY B 806 -18.07 56.82 71.60
CA GLY B 806 -18.12 55.51 72.19
C GLY B 806 -17.36 54.49 71.38
N ASN B 807 -17.88 53.27 71.38
CA ASN B 807 -17.21 52.13 70.76
C ASN B 807 -18.21 51.42 69.85
N TRP B 808 -18.06 51.61 68.55
CA TRP B 808 -19.16 51.45 67.60
C TRP B 808 -18.86 50.31 66.62
N ILE B 809 -19.93 49.65 66.18
CA ILE B 809 -19.87 48.31 65.59
C ILE B 809 -20.47 48.26 64.20
N PHE B 810 -19.61 48.22 63.17
CA PHE B 810 -20.03 48.07 61.79
C PHE B 810 -19.30 46.90 61.16
N PRO B 811 -19.88 45.69 61.10
CA PRO B 811 -19.10 44.56 60.60
C PRO B 811 -18.64 44.77 59.17
N LEU B 812 -19.55 44.63 58.21
CA LEU B 812 -19.73 45.51 57.06
C LEU B 812 -20.89 45.02 56.21
N ALA B 813 -21.95 45.82 56.07
CA ALA B 813 -22.86 45.63 54.94
C ALA B 813 -23.21 46.98 54.35
N LEU B 814 -23.39 47.96 55.22
CA LEU B 814 -24.02 49.22 54.84
C LEU B 814 -22.99 50.25 54.41
N TRP B 815 -21.92 50.39 55.19
CA TRP B 815 -20.85 51.30 54.83
C TRP B 815 -20.38 51.04 53.42
N GLN B 816 -20.30 49.76 53.06
CA GLN B 816 -20.11 49.39 51.66
C GLN B 816 -21.06 50.19 50.77
N MET B 817 -22.35 50.10 51.06
CA MET B 817 -23.35 50.66 50.14
C MET B 817 -23.67 52.11 50.49
N ASN B 818 -23.06 52.67 51.53
CA ASN B 818 -23.36 54.02 51.97
C ASN B 818 -22.10 54.76 52.39
N THR B 819 -21.05 54.64 51.58
CA THR B 819 -19.75 55.19 51.93
C THR B 819 -19.77 56.72 52.13
N ARG B 820 -19.98 57.46 51.04
CA ARG B 820 -19.71 58.89 51.06
C ARG B 820 -20.62 59.61 52.03
N TYR B 821 -21.87 59.16 52.11
CA TYR B 821 -22.75 59.62 53.16
C TYR B 821 -22.04 59.50 54.50
N PHE B 822 -21.79 58.26 54.94
CA PHE B 822 -21.14 58.01 56.22
C PHE B 822 -19.99 58.97 56.46
N ASN B 823 -19.14 59.13 55.45
CA ASN B 823 -18.03 60.06 55.57
C ASN B 823 -18.52 61.45 55.95
N GLN B 824 -19.44 61.99 55.15
CA GLN B 824 -19.90 63.35 55.39
C GLN B 824 -20.59 63.44 56.75
N GLN B 825 -21.13 62.33 57.22
CA GLN B 825 -21.87 62.35 58.47
C GLN B 825 -20.94 62.35 59.68
N PHE B 826 -19.82 61.65 59.59
CA PHE B 826 -19.03 61.36 60.78
C PHE B 826 -17.68 62.07 60.77
N ASP B 827 -17.39 62.80 59.70
CA ASP B 827 -16.12 63.49 59.51
C ASP B 827 -15.66 64.33 60.70
N ALA B 828 -16.37 65.40 61.04
CA ALA B 828 -15.87 66.31 62.07
C ALA B 828 -15.83 65.62 63.42
N TRP B 829 -16.80 64.77 63.68
CA TRP B 829 -16.88 64.01 64.91
C TRP B 829 -15.61 63.20 65.14
N ILE B 830 -15.15 62.50 64.10
CA ILE B 830 -13.87 61.82 64.21
C ILE B 830 -12.72 62.83 64.15
N LYS B 831 -12.99 63.99 63.57
CA LYS B 831 -11.93 64.96 63.34
C LYS B 831 -11.48 65.60 64.64
N THR B 832 -12.44 65.92 65.51
CA THR B 832 -12.11 66.77 66.65
C THR B 832 -12.59 66.17 67.95
N GLY B 833 -13.49 65.20 67.88
CA GLY B 833 -14.02 64.58 69.09
C GLY B 833 -13.77 63.09 69.07
N GLU B 834 -14.16 62.40 70.12
CA GLU B 834 -14.07 60.95 70.14
C GLU B 834 -15.22 60.38 69.34
N LEU B 835 -14.87 59.53 68.39
CA LEU B 835 -15.85 58.62 67.84
C LEU B 835 -15.08 57.35 67.50
N ARG B 836 -15.03 56.42 68.44
CA ARG B 836 -14.20 55.24 68.31
C ARG B 836 -15.05 54.12 67.76
N ILE B 837 -14.83 53.80 66.50
CA ILE B 837 -15.57 52.76 65.80
C ILE B 837 -14.57 51.74 65.30
N ARG B 838 -14.88 50.47 65.46
CA ARG B 838 -14.02 49.42 64.95
C ARG B 838 -14.58 48.99 63.60
N ILE B 839 -13.73 48.99 62.58
CA ILE B 839 -14.17 48.64 61.24
C ILE B 839 -13.42 47.39 60.80
N GLU B 840 -14.16 46.44 60.24
CA GLU B 840 -13.68 45.07 60.10
C GLU B 840 -13.15 44.85 58.70
N MET B 841 -11.92 44.37 58.61
CA MET B 841 -11.21 44.37 57.33
C MET B 841 -10.60 43.03 56.99
N GLY B 842 -10.21 42.24 57.99
CA GLY B 842 -9.77 40.89 57.79
C GLY B 842 -8.36 40.78 57.25
N ALA B 843 -8.21 40.97 55.95
CA ALA B 843 -6.91 40.97 55.30
C ALA B 843 -6.97 41.99 54.18
N TYR B 844 -5.98 42.85 54.14
CA TYR B 844 -6.18 44.11 53.49
C TYR B 844 -4.87 44.83 53.21
N PRO B 845 -4.81 45.65 52.17
CA PRO B 845 -3.58 46.40 51.88
C PRO B 845 -3.41 47.62 52.78
N TYR B 846 -2.15 48.01 52.96
CA TYR B 846 -1.80 49.15 53.78
C TYR B 846 -0.75 50.00 53.09
N MET B 847 -0.47 51.15 53.68
CA MET B 847 0.44 52.12 53.10
C MET B 847 1.04 52.95 54.21
N LEU B 848 2.12 53.66 53.91
CA LEU B 848 2.84 54.47 54.89
C LEU B 848 3.00 55.89 54.38
N HIS B 849 3.29 56.82 55.28
CA HIS B 849 3.67 58.18 54.88
C HIS B 849 4.88 58.63 55.67
N TYR B 850 6.00 58.68 54.99
CA TYR B 850 7.24 59.07 55.61
C TYR B 850 7.18 60.50 56.11
N TYR B 851 7.52 60.68 57.38
CA TYR B 851 7.48 62.00 57.99
C TYR B 851 8.51 62.10 59.11
N ASP B 852 8.94 63.32 59.37
CA ASP B 852 9.87 63.62 60.45
C ASP B 852 9.10 63.89 61.74
N PRO B 853 9.57 63.35 62.86
CA PRO B 853 8.92 63.61 64.14
C PRO B 853 8.99 65.07 64.59
N ARG B 854 9.54 65.97 63.77
CA ARG B 854 9.79 67.35 64.18
C ARG B 854 8.81 68.34 63.57
N GLN B 855 8.10 67.95 62.51
CA GLN B 855 7.18 68.86 61.83
C GLN B 855 5.90 68.10 61.54
N TYR B 856 4.89 68.83 61.06
CA TYR B 856 3.65 68.17 60.67
C TYR B 856 2.85 69.04 59.71
N ALA B 857 2.21 68.35 58.77
CA ALA B 857 1.12 68.88 57.97
C ALA B 857 0.03 67.82 57.99
N ASN B 858 -1.21 68.26 57.81
CA ASN B 858 -2.34 67.42 58.21
C ASN B 858 -2.43 66.17 57.37
N ALA B 859 -2.31 65.03 58.03
CA ALA B 859 -2.61 63.76 57.41
C ALA B 859 -4.10 63.57 57.22
N TRP B 860 -4.91 64.11 58.12
CA TRP B 860 -6.35 63.99 57.98
C TRP B 860 -6.81 64.49 56.62
N ASN B 861 -6.05 65.38 56.01
CA ASN B 861 -6.29 65.70 54.61
C ASN B 861 -6.15 64.45 53.76
N LEU B 862 -4.96 63.85 53.77
CA LEU B 862 -4.72 62.67 52.96
C LEU B 862 -5.55 61.51 53.44
N ALA B 863 -5.80 61.45 54.74
CA ALA B 863 -6.70 60.45 55.28
C ALA B 863 -8.08 60.56 54.67
N SER B 864 -8.70 61.72 54.81
CA SER B 864 -9.96 62.02 54.16
C SER B 864 -9.92 61.64 52.69
N ALA B 865 -8.80 61.92 52.03
CA ALA B 865 -8.68 61.52 50.64
C ALA B 865 -8.85 60.03 50.48
N TRP B 866 -7.99 59.26 51.14
CA TRP B 866 -8.08 57.80 51.13
C TRP B 866 -9.51 57.35 51.39
N LEU B 867 -10.21 58.08 52.24
CA LEU B 867 -11.63 57.82 52.44
C LEU B 867 -12.41 58.04 51.16
N GLU B 868 -12.23 59.22 50.56
CA GLU B 868 -12.98 59.58 49.36
C GLU B 868 -12.76 58.57 48.26
N GLU B 869 -11.64 57.87 48.32
CA GLU B 869 -11.24 56.97 47.25
C GLU B 869 -11.62 55.53 47.55
N ILE B 870 -12.79 55.32 48.17
CA ILE B 870 -13.32 54.00 48.47
C ILE B 870 -14.67 53.85 47.79
N THR B 871 -14.89 52.71 47.15
CA THR B 871 -16.23 52.34 46.70
C THR B 871 -16.53 50.98 47.28
N PRO B 872 -17.80 50.62 47.42
CA PRO B 872 -18.16 49.26 47.86
C PRO B 872 -17.43 48.16 47.08
N THR B 873 -16.89 48.49 45.92
CA THR B 873 -16.12 47.57 45.12
C THR B 873 -14.63 47.89 45.15
N SER B 874 -14.19 48.71 46.11
CA SER B 874 -12.82 49.19 46.07
C SER B 874 -12.35 49.72 47.42
N ILE B 875 -11.14 49.35 47.84
CA ILE B 875 -10.52 49.92 49.01
C ILE B 875 -9.06 50.24 48.72
N PRO B 876 -8.59 51.43 49.04
CA PRO B 876 -7.14 51.70 48.92
C PRO B 876 -6.41 51.19 50.15
N SER B 877 -5.11 50.95 49.95
CA SER B 877 -4.25 50.58 51.06
C SER B 877 -4.11 51.76 52.01
N VAL B 878 -4.20 51.49 53.30
CA VAL B 878 -4.26 52.60 54.24
C VAL B 878 -2.87 53.21 54.40
N PRO B 879 -2.70 54.48 54.11
CA PRO B 879 -1.44 55.14 54.42
C PRO B 879 -1.25 55.25 55.91
N PHE B 880 -0.01 55.42 56.34
CA PHE B 880 0.28 55.70 57.73
C PHE B 880 1.56 56.53 57.84
N MET B 881 1.40 57.70 58.44
CA MET B 881 2.48 58.68 58.53
C MET B 881 3.55 58.08 59.42
N VAL B 882 4.73 57.82 58.86
CA VAL B 882 5.74 57.08 59.61
C VAL B 882 6.92 57.97 59.99
N PRO B 883 7.28 57.96 61.27
CA PRO B 883 8.28 58.89 61.80
C PRO B 883 9.70 58.38 61.66
N ILE B 884 10.60 59.12 62.29
CA ILE B 884 12.03 58.83 62.20
C ILE B 884 12.54 58.53 63.61
N SER B 885 12.81 57.25 63.88
CA SER B 885 13.63 56.90 65.03
C SER B 885 14.99 57.58 64.90
N SER B 886 15.65 57.84 66.03
CA SER B 886 16.89 58.60 66.02
C SER B 886 17.88 58.08 67.05
N ASP B 887 19.16 58.29 66.76
CA ASP B 887 20.20 58.06 67.75
C ASP B 887 20.31 59.18 68.75
N HIS B 888 19.35 60.11 68.75
CA HIS B 888 19.33 61.22 69.68
C HIS B 888 17.92 61.78 69.71
N ASP B 889 17.47 62.15 70.90
CA ASP B 889 16.10 62.58 71.09
C ASP B 889 15.88 63.97 70.53
N ILE B 890 14.63 64.27 70.21
CA ILE B 890 14.23 65.53 69.59
C ILE B 890 12.83 65.90 70.07
N SER B 891 12.34 67.04 69.59
CA SER B 891 11.02 67.51 69.99
C SER B 891 9.93 66.53 69.55
N SER B 892 9.20 66.00 70.52
CA SER B 892 8.17 65.03 70.22
C SER B 892 6.99 65.69 69.54
N ALA B 893 6.02 64.88 69.16
CA ALA B 893 4.85 65.33 68.44
C ALA B 893 3.59 65.17 69.27
N PRO B 894 2.62 66.07 69.09
CA PRO B 894 1.31 65.89 69.73
C PRO B 894 0.44 64.95 68.92
N ALA B 895 1.08 64.12 68.09
CA ALA B 895 0.51 63.47 66.91
C ALA B 895 -0.95 63.12 67.07
N VAL B 896 -1.75 63.52 66.09
CA VAL B 896 -3.20 63.38 66.14
C VAL B 896 -3.56 62.12 65.38
N GLN B 897 -3.84 61.05 66.10
CA GLN B 897 -4.23 59.82 65.45
C GLN B 897 -5.70 59.92 65.04
N TYR B 898 -6.04 59.28 63.93
CA TYR B 898 -7.43 59.25 63.51
C TYR B 898 -7.91 57.82 63.32
N ILE B 899 -7.08 56.98 62.71
CA ILE B 899 -7.42 55.58 62.44
C ILE B 899 -6.15 54.77 62.61
N ILE B 900 -6.28 53.60 63.20
CA ILE B 900 -5.14 52.78 63.57
C ILE B 900 -5.51 51.31 63.38
N SER B 901 -4.51 50.50 63.07
CA SER B 901 -4.65 49.05 63.09
C SER B 901 -5.21 48.59 64.44
N THR B 902 -5.69 47.36 64.45
CA THR B 902 -6.10 46.74 65.69
C THR B 902 -5.10 45.70 66.19
N GLU B 903 -3.84 45.80 65.83
CA GLU B 903 -2.90 44.73 66.13
C GLU B 903 -1.46 45.21 65.95
N TYR B 904 -0.56 44.48 66.59
CA TYR B 904 0.87 44.71 66.43
C TYR B 904 1.48 43.66 65.51
N ASN B 905 2.43 44.07 64.68
CA ASN B 905 2.97 43.17 63.65
C ASN B 905 4.39 43.58 63.31
N ASP B 906 5.07 42.69 62.59
CA ASP B 906 6.19 43.06 61.74
C ASP B 906 6.00 42.40 60.39
N ARG B 907 5.99 43.20 59.34
CA ARG B 907 6.11 42.66 58.00
C ARG B 907 7.57 42.41 57.65
N SER B 908 8.35 43.48 57.53
CA SER B 908 9.73 43.39 57.05
C SER B 908 10.65 44.34 57.80
N LEU B 909 10.37 44.61 59.06
CA LEU B 909 11.22 45.56 59.77
C LEU B 909 12.62 44.98 59.91
N PHE B 910 13.55 45.53 59.14
CA PHE B 910 14.89 44.96 59.12
C PHE B 910 15.70 45.40 60.32
N CYS B 911 16.01 46.68 60.42
CA CYS B 911 16.94 47.18 61.42
C CYS B 911 16.93 48.70 61.45
N THR B 912 17.05 49.30 62.63
CA THR B 912 16.97 50.74 62.74
C THR B 912 18.28 51.41 62.30
N ASN B 913 18.18 52.70 61.98
CA ASN B 913 19.36 53.52 61.69
C ASN B 913 20.17 52.96 60.54
N SER B 914 19.61 53.06 59.32
CA SER B 914 20.13 52.36 58.14
C SER B 914 21.64 52.23 58.16
N SER B 915 22.36 53.28 58.55
CA SER B 915 23.79 53.15 58.62
C SER B 915 24.30 53.62 59.98
N SER B 916 23.43 54.22 60.78
CA SER B 916 23.87 54.68 62.08
C SER B 916 24.07 53.48 63.01
N PRO B 917 25.26 53.36 63.59
CA PRO B 917 25.58 52.19 64.41
C PRO B 917 24.85 52.14 65.74
N GLN B 918 24.13 53.20 66.12
CA GLN B 918 23.34 53.17 67.34
C GLN B 918 22.13 54.07 67.17
N THR B 919 21.16 53.89 68.08
CA THR B 919 19.88 54.57 68.03
C THR B 919 19.45 54.87 69.46
N ILE B 920 18.94 56.08 69.69
CA ILE B 920 18.46 56.46 71.00
C ILE B 920 16.98 56.81 70.90
N ALA B 921 16.66 57.84 70.12
CA ALA B 921 15.28 58.26 69.95
C ALA B 921 14.53 57.29 69.07
N GLY B 922 13.22 57.24 69.24
CA GLY B 922 12.39 56.36 68.46
C GLY B 922 12.69 54.91 68.78
N PRO B 923 11.97 54.02 68.13
CA PRO B 923 12.16 52.60 68.39
C PRO B 923 13.52 52.13 67.93
N ASP B 924 13.87 50.91 68.32
CA ASP B 924 15.06 50.25 67.81
C ASP B 924 14.67 49.04 66.99
N LYS B 925 15.58 48.67 66.10
CA LYS B 925 15.53 47.40 65.41
C LYS B 925 16.96 46.99 65.13
N HIS B 926 17.34 45.81 65.60
CA HIS B 926 18.63 45.22 65.31
C HIS B 926 18.48 44.31 64.10
N ILE B 927 19.50 43.50 63.87
CA ILE B 927 19.49 42.53 62.78
C ILE B 927 18.85 41.22 63.23
N PRO B 928 17.97 40.62 62.41
CA PRO B 928 17.48 39.26 62.69
C PRO B 928 18.58 38.23 62.46
N VAL B 929 19.60 38.31 63.33
CA VAL B 929 20.69 37.35 63.38
C VAL B 929 20.09 35.95 63.50
N GLU B 930 18.87 35.90 64.03
CA GLU B 930 18.04 34.71 64.02
C GLU B 930 18.20 33.93 62.72
N ARG B 931 18.01 34.60 61.59
CA ARG B 931 17.97 33.90 60.30
C ARG B 931 19.29 33.24 59.95
N TYR B 932 20.40 33.78 60.42
CA TYR B 932 21.68 33.18 60.08
C TYR B 932 22.23 32.38 61.26
N ASN B 933 21.51 31.36 61.68
CA ASN B 933 21.88 30.68 62.92
C ASN B 933 23.17 29.92 62.77
N ILE B 934 23.40 29.28 61.63
CA ILE B 934 24.67 28.61 61.42
C ILE B 934 25.76 29.65 61.55
N LEU B 935 25.48 30.87 61.12
CA LEU B 935 26.39 31.98 61.32
C LEU B 935 26.39 32.45 62.76
N THR B 936 25.40 32.02 63.55
CA THR B 936 25.45 32.16 64.99
C THR B 936 25.83 30.87 65.68
N ASN B 937 25.06 29.80 65.45
CA ASN B 937 25.35 28.48 65.99
C ASN B 937 25.46 27.54 64.79
N PRO B 938 26.66 27.25 64.33
CA PRO B 938 26.83 26.44 63.13
C PRO B 938 26.57 24.96 63.35
N ASP B 939 26.05 24.59 64.51
CA ASP B 939 25.71 23.21 64.76
C ASP B 939 24.73 22.66 63.74
N ALA B 940 24.02 23.54 63.04
CA ALA B 940 22.91 23.24 62.16
C ALA B 940 23.39 22.91 60.75
N PRO B 941 22.72 21.96 60.11
CA PRO B 941 22.95 21.69 58.71
C PRO B 941 22.10 22.59 57.84
N PRO B 942 22.32 22.57 56.52
CA PRO B 942 21.43 23.31 55.61
C PRO B 942 20.06 22.68 55.43
N THR B 943 19.95 21.35 55.54
CA THR B 943 18.65 20.70 55.57
C THR B 943 18.15 20.51 57.00
N GLN B 944 18.56 21.41 57.91
CA GLN B 944 18.00 21.43 59.25
C GLN B 944 16.53 21.80 59.18
N ILE B 945 15.78 21.52 60.24
CA ILE B 945 14.34 21.74 60.26
C ILE B 945 14.07 23.16 60.75
N GLN B 946 13.78 24.07 59.82
CA GLN B 946 13.41 25.43 60.17
C GLN B 946 12.28 25.94 59.29
N LEU B 947 11.48 25.01 58.77
CA LEU B 947 10.38 25.38 57.91
C LEU B 947 9.15 24.59 58.34
N PRO B 948 7.96 25.20 58.30
CA PRO B 948 7.63 26.53 57.79
C PRO B 948 8.01 27.69 58.71
N GLU B 949 9.04 27.49 59.54
CA GLU B 949 9.44 28.51 60.49
C GLU B 949 10.21 29.62 59.79
N VAL B 950 10.89 30.43 60.59
CA VAL B 950 11.64 31.57 60.10
C VAL B 950 12.45 31.18 58.87
N ILE B 951 12.53 32.09 57.92
CA ILE B 951 13.35 31.86 56.74
C ILE B 951 14.77 32.33 57.03
N ASP B 952 15.74 31.57 56.56
CA ASP B 952 17.12 32.02 56.57
C ASP B 952 17.40 32.71 55.25
N LEU B 953 18.34 33.63 55.27
CA LEU B 953 18.65 34.37 54.06
C LEU B 953 20.12 34.17 53.70
N TYR B 954 20.66 33.05 54.15
CA TYR B 954 22.07 32.72 53.90
C TYR B 954 22.24 31.22 53.86
N ASN B 955 22.78 30.67 52.76
CA ASN B 955 22.90 29.23 52.62
C ASN B 955 24.10 28.77 51.81
N VAL B 956 24.32 27.46 51.76
CA VAL B 956 25.19 26.83 50.78
C VAL B 956 24.30 26.37 49.63
N VAL B 957 24.65 26.78 48.41
CA VAL B 957 23.75 26.62 47.28
C VAL B 957 24.47 25.88 46.18
N THR B 958 24.10 24.62 45.97
CA THR B 958 24.54 23.83 44.83
C THR B 958 24.44 24.64 43.55
N ARG B 959 25.54 24.69 42.80
CA ARG B 959 25.55 25.36 41.51
C ARG B 959 26.13 24.40 40.47
N TYR B 960 25.65 24.51 39.25
CA TYR B 960 25.58 23.37 38.35
C TYR B 960 26.37 23.62 37.08
N ALA B 961 26.96 22.56 36.55
CA ALA B 961 27.71 22.58 35.31
C ALA B 961 27.19 21.58 34.30
N TYR B 962 26.03 20.99 34.56
CA TYR B 962 25.29 20.20 33.58
C TYR B 962 24.96 21.06 32.36
N GLU B 963 24.70 20.40 31.22
CA GLU B 963 24.53 21.12 29.97
C GLU B 963 23.48 20.48 29.08
N THR B 964 22.57 21.31 28.56
CA THR B 964 21.56 20.82 27.63
C THR B 964 21.96 21.16 26.20
N PRO B 965 22.15 20.16 25.34
CA PRO B 965 22.52 20.44 23.95
C PRO B 965 21.31 20.52 23.06
N PRO B 966 21.29 21.45 22.11
CA PRO B 966 20.25 21.42 21.07
C PRO B 966 20.34 20.12 20.29
N ILE B 967 19.24 19.40 20.19
CA ILE B 967 19.22 18.04 19.68
C ILE B 967 19.44 18.07 18.18
N THR B 968 20.62 17.61 17.75
CA THR B 968 20.95 17.51 16.33
C THR B 968 21.75 16.24 16.10
N ALA B 969 22.27 16.11 14.88
CA ALA B 969 23.16 15.02 14.51
C ALA B 969 23.75 15.32 13.14
N VAL B 970 24.53 14.37 12.65
CA VAL B 970 24.95 14.31 11.25
C VAL B 970 24.64 12.91 10.74
N VAL B 971 23.81 12.82 9.72
CA VAL B 971 23.11 11.60 9.36
C VAL B 971 23.00 11.46 7.85
N MET B 972 22.25 10.47 7.40
CA MET B 972 21.79 10.38 6.02
C MET B 972 20.48 9.61 5.95
N GLY B 973 19.72 9.87 4.87
CA GLY B 973 18.38 9.34 4.73
C GLY B 973 18.31 7.91 4.23
N VAL B 974 17.49 7.64 3.24
CA VAL B 974 17.39 6.29 2.66
C VAL B 974 18.60 6.02 1.78
N PRO B 975 19.58 5.24 2.23
CA PRO B 975 20.94 5.07 1.68
C PRO B 975 21.00 4.72 0.18
#